data_2OGP
#
_entry.id   2OGP
#
_entity_poly.entity_id   1
_entity_poly.type   'polypeptide(L)'
_entity_poly.pdbx_seq_one_letter_code
;KRVGKRLNIQLKKGTEGLGFSITSRDVTIGGSAPIYVKNILPRGAAIQDGRLKAGDRLIEVNGVDLAGKSQEEVVSLLRS
TKMEGTVSLLVFRQEEA
;
_entity_poly.pdbx_strand_id   A
#
# COMPACT_ATOMS: atom_id res chain seq x y z
N LYS A 1 3.10 -12.90 -19.04
CA LYS A 1 2.87 -11.62 -18.35
C LYS A 1 2.09 -11.84 -17.07
N ARG A 2 1.97 -10.79 -16.27
CA ARG A 2 1.24 -10.86 -15.01
C ARG A 2 -0.17 -10.33 -15.16
N VAL A 3 -1.16 -11.18 -14.88
CA VAL A 3 -2.56 -10.80 -15.00
C VAL A 3 -3.04 -10.09 -13.74
N GLY A 4 -4.12 -9.35 -13.88
CA GLY A 4 -4.68 -8.61 -12.75
C GLY A 4 -5.19 -7.25 -13.14
N LYS A 5 -5.51 -6.42 -12.14
CA LYS A 5 -6.03 -5.09 -12.39
C LYS A 5 -5.66 -4.14 -11.25
N ARG A 6 -5.49 -2.86 -11.57
CA ARG A 6 -5.13 -1.87 -10.56
C ARG A 6 -6.37 -1.21 -9.97
N LEU A 7 -6.29 -0.87 -8.68
CA LEU A 7 -7.41 -0.23 -7.99
C LEU A 7 -6.95 0.97 -7.17
N ASN A 8 -7.87 1.88 -6.91
CA ASN A 8 -7.57 3.07 -6.12
C ASN A 8 -8.35 3.04 -4.81
N ILE A 9 -7.63 3.07 -3.69
CA ILE A 9 -8.28 3.03 -2.39
C ILE A 9 -7.76 4.13 -1.46
N GLN A 10 -8.67 5.00 -1.03
CA GLN A 10 -8.31 6.09 -0.12
C GLN A 10 -8.80 5.79 1.29
N LEU A 11 -7.88 5.79 2.23
CA LEU A 11 -8.21 5.50 3.62
C LEU A 11 -8.06 6.73 4.51
N LYS A 12 -9.04 6.94 5.38
CA LYS A 12 -9.03 8.07 6.28
C LYS A 12 -8.20 7.75 7.53
N LYS A 13 -7.04 8.40 7.65
CA LYS A 13 -6.15 8.17 8.79
C LYS A 13 -6.93 8.28 10.11
N GLY A 14 -6.66 7.33 11.01
CA GLY A 14 -7.34 7.33 12.29
C GLY A 14 -6.42 6.98 13.45
N THR A 15 -5.25 7.61 13.48
CA THR A 15 -4.27 7.37 14.54
C THR A 15 -3.65 5.98 14.45
N GLU A 16 -4.50 4.95 14.52
CA GLU A 16 -4.03 3.57 14.45
C GLU A 16 -3.66 3.17 13.01
N GLY A 17 -2.76 3.94 12.41
CA GLY A 17 -2.34 3.66 11.04
C GLY A 17 -3.50 3.35 10.11
N LEU A 18 -3.29 2.41 9.20
CA LEU A 18 -4.32 2.02 8.24
C LEU A 18 -4.68 0.54 8.37
N GLY A 19 -3.90 -0.20 9.17
CA GLY A 19 -4.18 -1.60 9.36
C GLY A 19 -3.70 -2.46 8.20
N PHE A 20 -2.56 -2.11 7.62
CA PHE A 20 -2.01 -2.87 6.51
C PHE A 20 -0.49 -2.88 6.53
N SER A 21 0.08 -4.07 6.41
CA SER A 21 1.53 -4.23 6.40
C SER A 21 2.01 -4.55 4.99
N ILE A 22 3.08 -3.87 4.58
CA ILE A 22 3.61 -4.07 3.23
C ILE A 22 4.98 -4.75 3.24
N THR A 23 5.16 -5.66 2.30
CA THR A 23 6.42 -6.38 2.16
C THR A 23 7.22 -5.81 0.99
N SER A 24 8.51 -6.13 0.95
CA SER A 24 9.38 -5.65 -0.12
C SER A 24 9.98 -6.80 -0.90
N ARG A 25 9.89 -6.73 -2.22
CA ARG A 25 10.44 -7.76 -3.09
C ARG A 25 11.94 -7.92 -2.88
N ASP A 26 12.59 -6.83 -2.47
CA ASP A 26 14.03 -6.85 -2.22
C ASP A 26 14.80 -7.14 -3.50
N VAL A 27 14.46 -6.42 -4.57
CA VAL A 27 15.12 -6.60 -5.86
C VAL A 27 16.58 -6.20 -5.78
N THR A 28 16.84 -5.03 -5.19
CA THR A 28 18.19 -4.53 -5.05
C THR A 28 18.37 -3.80 -3.72
N ILE A 29 19.61 -3.49 -3.37
CA ILE A 29 19.92 -2.79 -2.13
C ILE A 29 19.14 -1.49 -2.03
N GLY A 30 19.30 -0.64 -3.04
CA GLY A 30 18.61 0.64 -3.04
C GLY A 30 18.46 1.20 -4.44
N GLY A 31 17.54 0.62 -5.22
CA GLY A 31 17.32 1.08 -6.57
C GLY A 31 15.84 1.13 -6.93
N SER A 32 15.23 -0.05 -7.05
CA SER A 32 13.82 -0.13 -7.40
C SER A 32 13.27 -1.51 -7.07
N ALA A 33 12.42 -1.59 -6.05
CA ALA A 33 11.82 -2.85 -5.64
C ALA A 33 10.32 -2.68 -5.39
N PRO A 34 9.49 -3.54 -6.00
CA PRO A 34 8.03 -3.46 -5.84
C PRO A 34 7.57 -3.80 -4.43
N ILE A 35 6.67 -2.99 -3.90
CA ILE A 35 6.13 -3.20 -2.56
C ILE A 35 4.65 -3.60 -2.63
N TYR A 36 4.27 -4.57 -1.82
CA TYR A 36 2.88 -5.03 -1.80
C TYR A 36 2.44 -5.42 -0.39
N VAL A 37 1.18 -5.15 -0.07
CA VAL A 37 0.62 -5.49 1.23
C VAL A 37 0.83 -6.96 1.58
N LYS A 38 1.76 -7.22 2.48
CA LYS A 38 2.06 -8.58 2.90
C LYS A 38 0.86 -9.19 3.62
N ASN A 39 0.10 -8.34 4.31
CA ASN A 39 -1.08 -8.79 5.04
C ASN A 39 -1.86 -7.62 5.62
N ILE A 40 -3.18 -7.77 5.66
CA ILE A 40 -4.06 -6.73 6.19
C ILE A 40 -4.36 -6.98 7.67
N LEU A 41 -3.84 -6.11 8.52
CA LEU A 41 -4.04 -6.24 9.96
C LEU A 41 -5.49 -5.97 10.35
N PRO A 42 -5.96 -6.58 11.45
CA PRO A 42 -7.34 -6.42 11.93
C PRO A 42 -7.56 -5.17 12.76
N ARG A 43 -6.72 -4.16 12.57
CA ARG A 43 -6.85 -2.91 13.32
C ARG A 43 -6.35 -1.74 12.48
N GLY A 44 -7.25 -1.15 11.70
CA GLY A 44 -6.89 -0.01 10.88
C GLY A 44 -8.04 0.50 10.04
N ALA A 45 -7.78 1.55 9.27
CA ALA A 45 -8.80 2.15 8.43
C ALA A 45 -9.06 1.32 7.17
N ALA A 46 -8.06 0.56 6.74
CA ALA A 46 -8.22 -0.28 5.55
C ALA A 46 -9.23 -1.38 5.78
N ILE A 47 -9.02 -2.19 6.81
CA ILE A 47 -9.93 -3.28 7.12
C ILE A 47 -11.32 -2.76 7.47
N GLN A 48 -11.39 -1.63 8.17
CA GLN A 48 -12.66 -1.04 8.54
C GLN A 48 -13.38 -0.47 7.31
N ASP A 49 -12.60 0.09 6.39
CA ASP A 49 -13.15 0.66 5.17
C ASP A 49 -13.64 -0.44 4.24
N GLY A 50 -12.94 -1.57 4.25
CA GLY A 50 -13.33 -2.68 3.39
C GLY A 50 -13.18 -2.35 1.92
N ARG A 51 -11.98 -1.96 1.51
CA ARG A 51 -11.72 -1.61 0.12
C ARG A 51 -10.43 -2.25 -0.37
N LEU A 52 -9.38 -2.16 0.43
CA LEU A 52 -8.09 -2.74 0.07
C LEU A 52 -7.78 -3.96 0.92
N LYS A 53 -7.60 -5.11 0.26
CA LYS A 53 -7.30 -6.35 0.95
C LYS A 53 -5.82 -6.73 0.75
N ALA A 54 -5.48 -7.95 1.15
CA ALA A 54 -4.11 -8.43 1.02
C ALA A 54 -3.84 -8.95 -0.40
N GLY A 55 -2.59 -9.21 -0.71
CA GLY A 55 -2.22 -9.71 -2.03
C GLY A 55 -2.21 -8.61 -3.08
N ASP A 56 -2.11 -7.37 -2.64
CA ASP A 56 -2.08 -6.23 -3.55
C ASP A 56 -0.73 -5.53 -3.52
N ARG A 57 -0.40 -4.84 -4.61
CA ARG A 57 0.87 -4.13 -4.71
C ARG A 57 0.64 -2.63 -4.87
N LEU A 58 1.32 -1.85 -4.03
CA LEU A 58 1.19 -0.40 -4.05
C LEU A 58 1.86 0.20 -5.28
N ILE A 59 1.04 0.73 -6.20
CA ILE A 59 1.55 1.35 -7.41
C ILE A 59 1.81 2.84 -7.18
N GLU A 60 1.08 3.43 -6.25
CA GLU A 60 1.23 4.85 -5.95
C GLU A 60 0.48 5.20 -4.66
N VAL A 61 1.06 6.11 -3.88
CA VAL A 61 0.44 6.55 -2.63
C VAL A 61 0.43 8.07 -2.53
N ASN A 62 -0.74 8.63 -2.25
CA ASN A 62 -0.89 10.08 -2.13
C ASN A 62 -0.36 10.79 -3.37
N GLY A 63 -0.46 10.12 -4.51
CA GLY A 63 0.02 10.70 -5.76
C GLY A 63 1.53 10.58 -5.92
N VAL A 64 2.13 9.66 -5.17
CA VAL A 64 3.58 9.45 -5.23
C VAL A 64 3.90 8.14 -5.94
N ASP A 65 5.04 8.13 -6.63
CA ASP A 65 5.48 6.94 -7.35
C ASP A 65 6.39 6.10 -6.46
N LEU A 66 5.92 4.93 -6.05
CA LEU A 66 6.70 4.05 -5.20
C LEU A 66 7.55 3.10 -6.03
N ALA A 67 7.85 3.50 -7.26
CA ALA A 67 8.66 2.68 -8.15
C ALA A 67 10.12 3.11 -8.11
N GLY A 68 10.73 2.98 -6.93
CA GLY A 68 12.11 3.36 -6.77
C GLY A 68 12.43 3.83 -5.36
N LYS A 69 11.38 4.23 -4.63
CA LYS A 69 11.55 4.72 -3.27
C LYS A 69 12.27 3.68 -2.40
N SER A 70 11.49 2.83 -1.72
CA SER A 70 12.03 1.79 -0.84
C SER A 70 10.97 1.34 0.16
N GLN A 71 11.27 0.29 0.92
CA GLN A 71 10.34 -0.21 1.91
C GLN A 71 10.20 0.78 3.04
N GLU A 72 11.32 1.17 3.62
CA GLU A 72 11.34 2.13 4.70
C GLU A 72 10.87 3.48 4.17
N GLU A 73 11.15 3.74 2.90
CA GLU A 73 10.73 4.99 2.28
C GLU A 73 9.21 4.99 2.14
N VAL A 74 8.69 3.91 1.60
CA VAL A 74 7.26 3.74 1.42
C VAL A 74 6.55 3.81 2.76
N VAL A 75 6.99 2.94 3.67
CA VAL A 75 6.42 2.89 5.02
C VAL A 75 6.56 4.24 5.70
N SER A 76 7.63 4.95 5.36
CA SER A 76 7.90 6.26 5.96
C SER A 76 6.86 7.29 5.53
N LEU A 77 6.51 7.29 4.24
CA LEU A 77 5.53 8.23 3.73
C LEU A 77 4.15 7.97 4.36
N LEU A 78 3.82 6.70 4.62
CA LEU A 78 2.54 6.37 5.25
C LEU A 78 2.63 6.65 6.74
N ARG A 79 3.78 6.30 7.31
CA ARG A 79 4.02 6.50 8.73
C ARG A 79 3.97 7.99 9.07
N SER A 80 4.37 8.82 8.10
CA SER A 80 4.37 10.27 8.30
C SER A 80 2.95 10.80 8.38
N THR A 81 2.04 10.14 7.65
CA THR A 81 0.63 10.54 7.63
C THR A 81 0.06 10.51 9.05
N LYS A 82 -0.77 11.49 9.37
CA LYS A 82 -1.38 11.57 10.69
C LYS A 82 -2.90 11.51 10.61
N MET A 83 -3.56 11.49 11.76
CA MET A 83 -5.02 11.43 11.80
C MET A 83 -5.62 12.56 10.97
N GLU A 84 -6.87 12.37 10.55
CA GLU A 84 -7.55 13.37 9.73
C GLU A 84 -6.78 13.61 8.45
N GLY A 85 -6.59 12.55 7.67
CA GLY A 85 -5.87 12.65 6.42
C GLY A 85 -6.11 11.44 5.54
N THR A 86 -7.00 11.60 4.57
CA THR A 86 -7.33 10.51 3.65
C THR A 86 -6.16 10.23 2.72
N VAL A 87 -5.54 9.06 2.90
CA VAL A 87 -4.41 8.66 2.08
C VAL A 87 -4.87 7.79 0.91
N SER A 88 -4.73 8.32 -0.30
CA SER A 88 -5.13 7.58 -1.50
C SER A 88 -4.01 6.65 -1.95
N LEU A 89 -4.21 5.35 -1.73
CA LEU A 89 -3.21 4.36 -2.09
C LEU A 89 -3.67 3.52 -3.28
N LEU A 90 -3.02 3.73 -4.42
CA LEU A 90 -3.34 2.97 -5.62
C LEU A 90 -2.68 1.60 -5.56
N VAL A 91 -3.50 0.55 -5.44
CA VAL A 91 -2.98 -0.80 -5.34
C VAL A 91 -3.17 -1.56 -6.65
N PHE A 92 -2.63 -2.78 -6.70
CA PHE A 92 -2.74 -3.63 -7.88
C PHE A 92 -3.10 -5.05 -7.49
N ARG A 93 -4.31 -5.47 -7.83
CA ARG A 93 -4.77 -6.82 -7.52
C ARG A 93 -4.37 -7.80 -8.62
N GLN A 94 -3.99 -9.01 -8.22
CA GLN A 94 -3.59 -10.03 -9.17
C GLN A 94 -4.32 -11.35 -8.89
N GLU A 95 -4.92 -11.91 -9.93
CA GLU A 95 -5.65 -13.17 -9.79
C GLU A 95 -4.70 -14.37 -9.88
N GLU A 96 -5.22 -15.54 -9.54
CA GLU A 96 -4.43 -16.77 -9.57
C GLU A 96 -4.90 -17.70 -10.69
N ALA A 97 -5.29 -17.11 -11.82
CA ALA A 97 -5.76 -17.87 -12.96
C ALA A 97 -5.12 -17.39 -14.25
N LYS A 1 -0.80 -13.61 -21.53
CA LYS A 1 0.22 -13.85 -20.51
C LYS A 1 0.38 -12.63 -19.61
N ARG A 2 -0.72 -11.91 -19.39
CA ARG A 2 -0.70 -10.72 -18.55
C ARG A 2 -2.10 -10.39 -18.05
N VAL A 3 -2.34 -10.65 -16.77
CA VAL A 3 -3.64 -10.38 -16.17
C VAL A 3 -3.50 -9.51 -14.91
N GLY A 4 -4.60 -8.87 -14.53
CA GLY A 4 -4.59 -8.01 -13.36
C GLY A 4 -5.17 -6.64 -13.63
N LYS A 5 -5.40 -5.88 -12.57
CA LYS A 5 -5.96 -4.54 -12.70
C LYS A 5 -5.64 -3.70 -11.47
N ARG A 6 -5.36 -2.42 -11.68
CA ARG A 6 -5.03 -1.51 -10.59
C ARG A 6 -6.26 -0.75 -10.12
N LEU A 7 -6.39 -0.60 -8.81
CA LEU A 7 -7.51 0.12 -8.23
C LEU A 7 -7.04 1.19 -7.25
N ASN A 8 -7.75 2.31 -7.22
CA ASN A 8 -7.41 3.41 -6.33
C ASN A 8 -8.16 3.26 -5.01
N ILE A 9 -7.42 3.26 -3.90
CA ILE A 9 -8.03 3.12 -2.59
C ILE A 9 -7.52 4.18 -1.62
N GLN A 10 -8.41 5.06 -1.19
CA GLN A 10 -8.06 6.12 -0.25
C GLN A 10 -8.56 5.77 1.15
N LEU A 11 -7.64 5.76 2.11
CA LEU A 11 -8.00 5.43 3.49
C LEU A 11 -7.87 6.64 4.40
N LYS A 12 -8.81 6.76 5.34
CA LYS A 12 -8.82 7.85 6.29
C LYS A 12 -7.87 7.57 7.45
N LYS A 13 -6.89 8.45 7.64
CA LYS A 13 -5.91 8.29 8.71
C LYS A 13 -6.61 8.25 10.07
N GLY A 14 -6.15 7.33 10.93
CA GLY A 14 -6.73 7.20 12.25
C GLY A 14 -5.79 6.56 13.24
N THR A 15 -6.31 5.65 14.05
CA THR A 15 -5.51 4.94 15.04
C THR A 15 -4.86 3.69 14.44
N GLU A 16 -3.68 3.34 14.93
CA GLU A 16 -2.96 2.18 14.44
C GLU A 16 -2.69 2.30 12.94
N GLY A 17 -2.51 3.53 12.48
CA GLY A 17 -2.25 3.76 11.06
C GLY A 17 -3.46 3.50 10.20
N LEU A 18 -3.34 2.55 9.27
CA LEU A 18 -4.44 2.20 8.38
C LEU A 18 -4.78 0.73 8.47
N GLY A 19 -4.03 -0.02 9.30
CA GLY A 19 -4.30 -1.44 9.45
C GLY A 19 -3.83 -2.26 8.25
N PHE A 20 -2.64 -1.94 7.75
CA PHE A 20 -2.10 -2.66 6.61
C PHE A 20 -0.57 -2.64 6.62
N SER A 21 0.02 -3.82 6.48
CA SER A 21 1.47 -3.95 6.46
C SER A 21 1.94 -4.24 5.05
N ILE A 22 2.99 -3.55 4.61
CA ILE A 22 3.51 -3.74 3.27
C ILE A 22 4.85 -4.47 3.27
N THR A 23 5.00 -5.36 2.30
CA THR A 23 6.23 -6.13 2.15
C THR A 23 7.05 -5.58 1.00
N SER A 24 8.30 -6.04 0.89
CA SER A 24 9.17 -5.57 -0.19
C SER A 24 9.81 -6.74 -0.92
N ARG A 25 9.77 -6.69 -2.25
CA ARG A 25 10.34 -7.75 -3.08
C ARG A 25 11.81 -7.95 -2.77
N ASP A 26 12.44 -6.93 -2.19
CA ASP A 26 13.87 -7.00 -1.85
C ASP A 26 14.72 -7.14 -3.11
N VAL A 27 14.44 -6.30 -4.10
CA VAL A 27 15.19 -6.33 -5.36
C VAL A 27 16.52 -5.60 -5.22
N THR A 28 16.44 -4.28 -5.09
CA THR A 28 17.63 -3.45 -4.96
C THR A 28 17.82 -3.00 -3.52
N ILE A 29 19.07 -2.70 -3.16
CA ILE A 29 19.40 -2.26 -1.81
C ILE A 29 18.54 -1.06 -1.40
N GLY A 30 18.14 -0.27 -2.40
CA GLY A 30 17.32 0.91 -2.13
C GLY A 30 17.22 1.83 -3.34
N GLY A 31 16.87 1.25 -4.48
CA GLY A 31 16.75 2.04 -5.69
C GLY A 31 15.45 1.78 -6.42
N SER A 32 15.05 0.52 -6.50
CA SER A 32 13.81 0.15 -7.18
C SER A 32 13.34 -1.23 -6.72
N ALA A 33 12.23 -1.25 -5.97
CA ALA A 33 11.67 -2.52 -5.48
C ALA A 33 10.15 -2.40 -5.31
N PRO A 34 9.39 -3.30 -5.94
CA PRO A 34 7.92 -3.29 -5.84
C PRO A 34 7.42 -3.61 -4.43
N ILE A 35 6.42 -2.85 -3.98
CA ILE A 35 5.86 -3.04 -2.65
C ILE A 35 4.50 -3.72 -2.72
N TYR A 36 4.30 -4.70 -1.83
CA TYR A 36 3.03 -5.44 -1.78
C TYR A 36 2.42 -5.37 -0.38
N VAL A 37 1.21 -5.89 -0.24
CA VAL A 37 0.53 -5.90 1.06
C VAL A 37 0.89 -7.16 1.85
N LYS A 38 1.83 -7.02 2.77
CA LYS A 38 2.27 -8.14 3.59
C LYS A 38 1.15 -8.65 4.48
N ASN A 39 0.25 -7.76 4.88
CA ASN A 39 -0.86 -8.14 5.74
C ASN A 39 -1.83 -6.98 5.99
N ILE A 40 -3.04 -7.33 6.42
CA ILE A 40 -4.07 -6.33 6.71
C ILE A 40 -4.54 -6.49 8.16
N LEU A 41 -4.07 -5.58 9.02
CA LEU A 41 -4.44 -5.62 10.42
C LEU A 41 -5.93 -5.36 10.62
N PRO A 42 -6.55 -6.04 11.60
CA PRO A 42 -7.99 -5.89 11.89
C PRO A 42 -8.33 -4.58 12.58
N ARG A 43 -7.32 -3.77 12.88
CA ARG A 43 -7.55 -2.50 13.54
C ARG A 43 -6.96 -1.35 12.74
N GLY A 44 -7.64 -0.98 11.66
CA GLY A 44 -7.17 0.10 10.81
C GLY A 44 -8.26 0.62 9.89
N ALA A 45 -7.93 1.67 9.14
CA ALA A 45 -8.88 2.27 8.21
C ALA A 45 -9.07 1.42 6.96
N ALA A 46 -8.05 0.64 6.61
CA ALA A 46 -8.13 -0.21 5.43
C ALA A 46 -9.13 -1.35 5.63
N ILE A 47 -8.93 -2.12 6.69
CA ILE A 47 -9.82 -3.24 6.97
C ILE A 47 -11.23 -2.76 7.29
N GLN A 48 -11.35 -1.63 7.99
CA GLN A 48 -12.65 -1.09 8.32
C GLN A 48 -13.35 -0.54 7.09
N ASP A 49 -12.57 0.04 6.17
CA ASP A 49 -13.11 0.60 4.95
C ASP A 49 -13.57 -0.50 4.00
N GLY A 50 -12.80 -1.59 3.95
CA GLY A 50 -13.14 -2.70 3.08
C GLY A 50 -12.88 -2.40 1.62
N ARG A 51 -11.62 -2.12 1.29
CA ARG A 51 -11.25 -1.81 -0.08
C ARG A 51 -9.95 -2.51 -0.47
N LEU A 52 -8.88 -2.18 0.26
CA LEU A 52 -7.57 -2.78 0.00
C LEU A 52 -7.31 -3.95 0.93
N LYS A 53 -7.08 -5.12 0.35
CA LYS A 53 -6.81 -6.33 1.11
C LYS A 53 -5.36 -6.77 0.97
N ALA A 54 -5.06 -7.97 1.44
CA ALA A 54 -3.70 -8.51 1.36
C ALA A 54 -3.42 -9.06 -0.03
N GLY A 55 -2.14 -9.13 -0.38
CA GLY A 55 -1.75 -9.64 -1.69
C GLY A 55 -1.81 -8.59 -2.78
N ASP A 56 -2.25 -7.39 -2.42
CA ASP A 56 -2.34 -6.30 -3.39
C ASP A 56 -0.96 -5.75 -3.73
N ARG A 57 -0.82 -5.22 -4.93
CA ARG A 57 0.46 -4.66 -5.38
C ARG A 57 0.41 -3.13 -5.40
N LEU A 58 1.03 -2.51 -4.40
CA LEU A 58 1.06 -1.06 -4.28
C LEU A 58 1.77 -0.43 -5.48
N ILE A 59 1.02 0.33 -6.27
CA ILE A 59 1.56 0.99 -7.43
C ILE A 59 1.88 2.46 -7.13
N GLU A 60 1.12 3.04 -6.19
CA GLU A 60 1.34 4.44 -5.82
C GLU A 60 0.77 4.74 -4.43
N VAL A 61 1.31 5.78 -3.80
CA VAL A 61 0.87 6.20 -2.47
C VAL A 61 0.77 7.72 -2.39
N ASN A 62 -0.40 8.22 -2.00
CA ASN A 62 -0.60 9.66 -1.88
C ASN A 62 -0.23 10.37 -3.19
N GLY A 63 -0.39 9.68 -4.29
CA GLY A 63 -0.07 10.24 -5.59
C GLY A 63 1.40 10.16 -5.93
N VAL A 64 2.13 9.30 -5.22
CA VAL A 64 3.56 9.12 -5.46
C VAL A 64 3.86 7.80 -6.14
N ASP A 65 4.78 7.84 -7.10
CA ASP A 65 5.17 6.64 -7.83
C ASP A 65 6.04 5.75 -6.95
N LEU A 66 5.56 4.55 -6.66
CA LEU A 66 6.31 3.61 -5.83
C LEU A 66 7.28 2.78 -6.66
N ALA A 67 7.59 3.26 -7.86
CA ALA A 67 8.52 2.56 -8.74
C ALA A 67 9.89 3.22 -8.71
N GLY A 68 10.69 2.84 -7.73
CA GLY A 68 12.02 3.42 -7.60
C GLY A 68 12.21 4.11 -6.27
N LYS A 69 11.55 3.59 -5.24
CA LYS A 69 11.64 4.16 -3.90
C LYS A 69 12.32 3.18 -2.93
N SER A 70 11.57 2.66 -1.97
CA SER A 70 12.12 1.73 -0.99
C SER A 70 11.07 1.31 0.02
N GLN A 71 11.33 0.26 0.77
CA GLN A 71 10.41 -0.22 1.79
C GLN A 71 10.31 0.78 2.92
N GLU A 72 11.46 1.13 3.49
CA GLU A 72 11.51 2.09 4.57
C GLU A 72 11.03 3.44 4.06
N GLU A 73 11.27 3.70 2.77
CA GLU A 73 10.84 4.95 2.16
C GLU A 73 9.32 4.97 2.05
N VAL A 74 8.77 3.88 1.51
CA VAL A 74 7.33 3.75 1.35
C VAL A 74 6.64 3.77 2.71
N VAL A 75 7.16 2.95 3.63
CA VAL A 75 6.61 2.88 4.97
C VAL A 75 6.72 4.25 5.64
N SER A 76 7.76 4.99 5.29
CA SER A 76 7.98 6.32 5.83
C SER A 76 6.85 7.25 5.40
N LEU A 77 6.40 7.10 4.15
CA LEU A 77 5.33 7.92 3.62
C LEU A 77 4.07 7.74 4.46
N LEU A 78 3.70 6.47 4.67
CA LEU A 78 2.51 6.16 5.48
C LEU A 78 2.75 6.60 6.91
N ARG A 79 3.93 6.27 7.43
CA ARG A 79 4.28 6.63 8.80
C ARG A 79 4.26 8.15 8.97
N SER A 80 4.59 8.87 7.88
CA SER A 80 4.61 10.32 7.92
C SER A 80 3.20 10.88 8.05
N THR A 81 2.23 10.13 7.52
CA THR A 81 0.83 10.54 7.58
C THR A 81 0.35 10.57 9.02
N LYS A 82 -0.44 11.57 9.36
CA LYS A 82 -0.97 11.72 10.72
C LYS A 82 -2.49 11.57 10.71
N MET A 83 -3.08 11.47 11.90
CA MET A 83 -4.53 11.33 12.02
C MET A 83 -5.24 12.40 11.20
N GLU A 84 -6.46 12.10 10.77
CA GLU A 84 -7.22 13.04 9.97
C GLU A 84 -6.49 13.37 8.68
N GLY A 85 -6.51 12.43 7.73
CA GLY A 85 -5.84 12.62 6.47
C GLY A 85 -6.03 11.43 5.55
N THR A 86 -6.88 11.60 4.55
CA THR A 86 -7.17 10.53 3.60
C THR A 86 -5.98 10.26 2.69
N VAL A 87 -5.37 9.09 2.86
CA VAL A 87 -4.22 8.70 2.05
C VAL A 87 -4.67 7.86 0.87
N SER A 88 -4.43 8.36 -0.34
CA SER A 88 -4.83 7.65 -1.56
C SER A 88 -3.72 6.69 -2.00
N LEU A 89 -3.96 5.39 -1.82
CA LEU A 89 -2.99 4.38 -2.19
C LEU A 89 -3.50 3.54 -3.36
N LEU A 90 -2.85 3.67 -4.51
CA LEU A 90 -3.24 2.91 -5.69
C LEU A 90 -2.65 1.51 -5.62
N VAL A 91 -3.51 0.52 -5.47
CA VAL A 91 -3.07 -0.87 -5.38
C VAL A 91 -3.36 -1.62 -6.67
N PHE A 92 -2.82 -2.83 -6.77
CA PHE A 92 -3.03 -3.66 -7.96
C PHE A 92 -3.55 -5.04 -7.57
N ARG A 93 -4.77 -5.34 -7.99
CA ARG A 93 -5.39 -6.62 -7.67
C ARG A 93 -5.43 -7.53 -8.90
N GLN A 94 -4.91 -8.73 -8.75
CA GLN A 94 -4.89 -9.69 -9.85
C GLN A 94 -6.24 -10.36 -10.01
N GLU A 95 -6.71 -10.45 -11.25
CA GLU A 95 -8.00 -11.07 -11.55
C GLU A 95 -8.05 -12.50 -11.03
N GLU A 96 -9.18 -13.17 -11.26
CA GLU A 96 -9.35 -14.54 -10.81
C GLU A 96 -9.02 -15.52 -11.93
N ALA A 97 -7.94 -15.24 -12.66
CA ALA A 97 -7.51 -16.10 -13.76
C ALA A 97 -6.02 -16.39 -13.66
N LYS A 1 1.87 -12.43 -18.69
CA LYS A 1 0.71 -12.82 -17.89
C LYS A 1 0.04 -11.60 -17.25
N ARG A 2 -0.69 -10.84 -18.06
CA ARG A 2 -1.38 -9.66 -17.56
C ARG A 2 -2.88 -9.89 -17.50
N VAL A 3 -3.37 -10.32 -16.34
CA VAL A 3 -4.78 -10.59 -16.15
C VAL A 3 -5.33 -9.88 -14.92
N GLY A 4 -4.50 -9.04 -14.34
CA GLY A 4 -4.89 -8.28 -13.17
C GLY A 4 -5.34 -6.88 -13.50
N LYS A 5 -5.57 -6.07 -12.45
CA LYS A 5 -6.00 -4.69 -12.64
C LYS A 5 -5.58 -3.83 -11.45
N ARG A 6 -5.40 -2.54 -11.69
CA ARG A 6 -5.00 -1.61 -10.65
C ARG A 6 -6.17 -0.73 -10.22
N LEU A 7 -6.28 -0.50 -8.91
CA LEU A 7 -7.37 0.31 -8.38
C LEU A 7 -6.84 1.31 -7.35
N ASN A 8 -7.57 2.40 -7.17
CA ASN A 8 -7.19 3.44 -6.22
C ASN A 8 -7.96 3.27 -4.91
N ILE A 9 -7.23 3.06 -3.82
CA ILE A 9 -7.85 2.87 -2.51
C ILE A 9 -7.28 3.84 -1.48
N GLN A 10 -8.13 4.74 -1.00
CA GLN A 10 -7.71 5.72 0.00
C GLN A 10 -8.20 5.32 1.39
N LEU A 11 -7.49 5.79 2.42
CA LEU A 11 -7.85 5.45 3.79
C LEU A 11 -7.68 6.65 4.73
N LYS A 12 -8.73 6.96 5.48
CA LYS A 12 -8.71 8.07 6.42
C LYS A 12 -7.97 7.69 7.70
N LYS A 13 -6.90 8.42 8.00
CA LYS A 13 -6.12 8.15 9.21
C LYS A 13 -6.99 8.30 10.46
N GLY A 14 -6.72 7.48 11.47
CA GLY A 14 -7.50 7.53 12.69
C GLY A 14 -6.67 7.25 13.93
N THR A 15 -5.49 7.86 14.00
CA THR A 15 -4.60 7.69 15.15
C THR A 15 -4.45 6.21 15.51
N GLU A 16 -4.57 5.35 14.50
CA GLU A 16 -4.45 3.91 14.71
C GLU A 16 -3.96 3.22 13.44
N GLY A 17 -2.99 3.81 12.78
CA GLY A 17 -2.45 3.24 11.56
C GLY A 17 -3.52 3.07 10.50
N LEU A 18 -3.27 2.14 9.57
CA LEU A 18 -4.23 1.88 8.49
C LEU A 18 -4.71 0.42 8.51
N GLY A 19 -4.08 -0.40 9.34
CA GLY A 19 -4.48 -1.80 9.42
C GLY A 19 -3.99 -2.62 8.25
N PHE A 20 -2.87 -2.22 7.66
CA PHE A 20 -2.32 -2.94 6.52
C PHE A 20 -0.79 -2.92 6.54
N SER A 21 -0.20 -4.11 6.41
CA SER A 21 1.25 -4.22 6.40
C SER A 21 1.73 -4.54 4.98
N ILE A 22 2.77 -3.85 4.55
CA ILE A 22 3.29 -4.05 3.21
C ILE A 22 4.65 -4.75 3.22
N THR A 23 4.82 -5.65 2.27
CA THR A 23 6.07 -6.40 2.13
C THR A 23 6.95 -5.74 1.07
N SER A 24 8.20 -6.20 0.97
CA SER A 24 9.13 -5.66 0.00
C SER A 24 9.86 -6.77 -0.75
N ARG A 25 9.81 -6.72 -2.07
CA ARG A 25 10.47 -7.72 -2.90
C ARG A 25 11.98 -7.66 -2.71
N ASP A 26 12.49 -6.46 -2.48
CA ASP A 26 13.93 -6.26 -2.28
C ASP A 26 14.71 -6.64 -3.52
N VAL A 27 14.37 -6.04 -4.65
CA VAL A 27 15.05 -6.33 -5.91
C VAL A 27 16.54 -6.08 -5.79
N THR A 28 16.90 -4.91 -5.27
CA THR A 28 18.30 -4.55 -5.10
C THR A 28 18.51 -3.70 -3.85
N ILE A 29 19.76 -3.56 -3.44
CA ILE A 29 20.10 -2.78 -2.26
C ILE A 29 19.83 -1.30 -2.50
N GLY A 30 20.13 -0.83 -3.70
CA GLY A 30 19.91 0.57 -4.03
C GLY A 30 18.47 0.99 -3.86
N GLY A 31 17.55 0.07 -4.16
CA GLY A 31 16.13 0.37 -4.03
C GLY A 31 15.36 0.05 -5.28
N SER A 32 14.36 0.87 -5.60
CA SER A 32 13.54 0.67 -6.78
C SER A 32 12.84 -0.67 -6.74
N ALA A 33 12.70 -1.22 -5.54
CA ALA A 33 12.04 -2.50 -5.35
C ALA A 33 10.53 -2.32 -5.20
N PRO A 34 9.73 -3.23 -5.79
CA PRO A 34 8.27 -3.15 -5.71
C PRO A 34 7.73 -3.52 -4.34
N ILE A 35 6.66 -2.84 -3.93
CA ILE A 35 6.04 -3.09 -2.63
C ILE A 35 4.67 -3.74 -2.79
N TYR A 36 4.30 -4.54 -1.80
CA TYR A 36 3.00 -5.23 -1.81
C TYR A 36 2.40 -5.26 -0.42
N VAL A 37 1.17 -5.75 -0.31
CA VAL A 37 0.49 -5.84 0.97
C VAL A 37 0.67 -7.22 1.58
N LYS A 38 1.62 -7.33 2.50
CA LYS A 38 1.91 -8.60 3.17
C LYS A 38 0.67 -9.13 3.89
N ASN A 39 -0.15 -8.22 4.41
CA ASN A 39 -1.37 -8.62 5.12
C ASN A 39 -2.10 -7.42 5.70
N ILE A 40 -3.42 -7.54 5.80
CA ILE A 40 -4.25 -6.49 6.35
C ILE A 40 -4.50 -6.73 7.83
N LEU A 41 -3.84 -5.94 8.68
CA LEU A 41 -3.98 -6.07 10.11
C LEU A 41 -5.44 -5.92 10.55
N PRO A 42 -5.80 -6.50 11.70
CA PRO A 42 -7.17 -6.45 12.23
C PRO A 42 -7.50 -5.17 13.00
N ARG A 43 -6.67 -4.14 12.83
CA ARG A 43 -6.91 -2.87 13.51
C ARG A 43 -6.44 -1.70 12.67
N GLY A 44 -7.33 -1.19 11.83
CA GLY A 44 -6.99 -0.05 10.99
C GLY A 44 -8.15 0.42 10.15
N ALA A 45 -7.91 1.45 9.34
CA ALA A 45 -8.95 2.01 8.49
C ALA A 45 -9.22 1.12 7.27
N ALA A 46 -8.17 0.48 6.76
CA ALA A 46 -8.30 -0.38 5.60
C ALA A 46 -9.31 -1.51 5.85
N ILE A 47 -9.09 -2.28 6.91
CA ILE A 47 -9.96 -3.38 7.24
C ILE A 47 -11.40 -2.92 7.46
N GLN A 48 -11.58 -1.80 8.14
CA GLN A 48 -12.92 -1.28 8.40
C GLN A 48 -13.54 -0.73 7.12
N ASP A 49 -12.69 -0.15 6.27
CA ASP A 49 -13.15 0.40 5.00
C ASP A 49 -13.54 -0.71 4.03
N GLY A 50 -12.82 -1.82 4.10
CA GLY A 50 -13.11 -2.95 3.23
C GLY A 50 -12.93 -2.60 1.76
N ARG A 51 -11.73 -2.17 1.40
CA ARG A 51 -11.44 -1.79 0.02
C ARG A 51 -10.13 -2.40 -0.46
N LEU A 52 -9.10 -2.29 0.38
CA LEU A 52 -7.79 -2.82 0.05
C LEU A 52 -7.47 -4.07 0.89
N LYS A 53 -7.22 -5.18 0.21
CA LYS A 53 -6.91 -6.42 0.89
C LYS A 53 -5.44 -6.80 0.71
N ALA A 54 -5.08 -8.01 1.12
CA ALA A 54 -3.71 -8.49 0.99
C ALA A 54 -3.43 -9.01 -0.41
N GLY A 55 -2.16 -9.19 -0.72
CA GLY A 55 -1.77 -9.68 -2.04
C GLY A 55 -1.89 -8.62 -3.11
N ASP A 56 -1.97 -7.35 -2.69
CA ASP A 56 -2.08 -6.24 -3.61
C ASP A 56 -0.74 -5.54 -3.78
N ARG A 57 -0.50 -5.02 -4.98
CA ARG A 57 0.74 -4.33 -5.28
C ARG A 57 0.57 -2.81 -5.20
N LEU A 58 1.44 -2.16 -4.44
CA LEU A 58 1.38 -0.71 -4.29
C LEU A 58 1.96 -0.01 -5.50
N ILE A 59 1.09 0.59 -6.30
CA ILE A 59 1.51 1.29 -7.51
C ILE A 59 1.75 2.77 -7.25
N GLU A 60 1.04 3.32 -6.25
CA GLU A 60 1.19 4.74 -5.92
C GLU A 60 0.61 5.05 -4.54
N VAL A 61 1.21 6.03 -3.88
CA VAL A 61 0.78 6.45 -2.55
C VAL A 61 0.78 7.98 -2.46
N ASN A 62 -0.36 8.56 -2.10
CA ASN A 62 -0.48 10.00 -1.99
C ASN A 62 -0.13 10.67 -3.30
N GLY A 63 -0.39 9.98 -4.40
CA GLY A 63 -0.08 10.52 -5.72
C GLY A 63 1.39 10.41 -6.08
N VAL A 64 2.11 9.54 -5.37
CA VAL A 64 3.54 9.36 -5.62
C VAL A 64 3.81 8.01 -6.28
N ASP A 65 4.86 7.98 -7.09
CA ASP A 65 5.25 6.75 -7.79
C ASP A 65 6.18 5.92 -6.90
N LEU A 66 5.71 4.74 -6.51
CA LEU A 66 6.49 3.85 -5.66
C LEU A 66 7.40 2.95 -6.50
N ALA A 67 7.68 3.36 -7.74
CA ALA A 67 8.54 2.59 -8.63
C ALA A 67 9.97 3.12 -8.60
N GLY A 68 10.41 3.53 -7.41
CA GLY A 68 11.75 4.05 -7.26
C GLY A 68 12.00 4.57 -5.85
N LYS A 69 11.48 3.86 -4.86
CA LYS A 69 11.65 4.25 -3.47
C LYS A 69 12.24 3.10 -2.64
N SER A 70 11.44 2.54 -1.71
CA SER A 70 11.90 1.44 -0.87
C SER A 70 10.85 1.09 0.16
N GLN A 71 11.12 0.07 0.96
CA GLN A 71 10.19 -0.35 2.01
C GLN A 71 10.11 0.70 3.08
N GLU A 72 11.27 1.06 3.63
CA GLU A 72 11.35 2.08 4.67
C GLU A 72 10.88 3.41 4.10
N GLU A 73 11.11 3.60 2.80
CA GLU A 73 10.69 4.82 2.14
C GLU A 73 9.18 4.85 2.01
N VAL A 74 8.63 3.77 1.47
CA VAL A 74 7.19 3.64 1.30
C VAL A 74 6.48 3.72 2.66
N VAL A 75 7.02 3.01 3.63
CA VAL A 75 6.45 3.02 4.97
C VAL A 75 6.51 4.42 5.55
N SER A 76 7.53 5.17 5.17
CA SER A 76 7.69 6.54 5.63
C SER A 76 6.57 7.41 5.09
N LEU A 77 6.16 7.14 3.86
CA LEU A 77 5.07 7.89 3.23
C LEU A 77 3.80 7.71 4.04
N LEU A 78 3.45 6.47 4.29
CA LEU A 78 2.24 6.16 5.07
C LEU A 78 2.40 6.69 6.49
N ARG A 79 3.56 6.45 7.06
CA ARG A 79 3.86 6.90 8.42
C ARG A 79 3.78 8.43 8.50
N SER A 80 4.11 9.09 7.39
CA SER A 80 4.08 10.54 7.33
C SER A 80 2.67 11.08 7.61
N THR A 81 1.67 10.42 7.03
CA THR A 81 0.28 10.83 7.22
C THR A 81 -0.08 10.81 8.70
N LYS A 82 -0.65 11.90 9.18
CA LYS A 82 -1.04 12.02 10.58
C LYS A 82 -2.55 11.86 10.74
N MET A 83 -3.03 12.02 11.97
CA MET A 83 -4.46 11.91 12.25
C MET A 83 -5.26 12.82 11.33
N GLU A 84 -6.43 12.35 10.91
CA GLU A 84 -7.28 13.12 10.02
C GLU A 84 -6.54 13.41 8.72
N GLY A 85 -6.43 12.40 7.87
CA GLY A 85 -5.74 12.54 6.61
C GLY A 85 -5.94 11.33 5.72
N THR A 86 -6.78 11.49 4.71
CA THR A 86 -7.08 10.42 3.78
C THR A 86 -5.88 10.13 2.88
N VAL A 87 -5.28 8.96 3.07
CA VAL A 87 -4.12 8.54 2.30
C VAL A 87 -4.56 7.70 1.11
N SER A 88 -4.40 8.24 -0.10
CA SER A 88 -4.78 7.52 -1.31
C SER A 88 -3.68 6.58 -1.76
N LEU A 89 -3.95 5.28 -1.69
CA LEU A 89 -2.97 4.28 -2.10
C LEU A 89 -3.46 3.46 -3.29
N LEU A 90 -2.81 3.66 -4.43
CA LEU A 90 -3.16 2.93 -5.64
C LEU A 90 -2.60 1.52 -5.58
N VAL A 91 -3.49 0.53 -5.48
CA VAL A 91 -3.07 -0.86 -5.39
C VAL A 91 -3.35 -1.61 -6.69
N PHE A 92 -2.86 -2.83 -6.78
CA PHE A 92 -3.04 -3.67 -7.95
C PHE A 92 -3.53 -5.05 -7.56
N ARG A 93 -4.74 -5.40 -7.98
CA ARG A 93 -5.31 -6.70 -7.67
C ARG A 93 -5.16 -7.66 -8.85
N GLN A 94 -4.70 -8.87 -8.56
CA GLN A 94 -4.51 -9.88 -9.58
C GLN A 94 -5.75 -10.75 -9.72
N GLU A 95 -6.13 -11.04 -10.96
CA GLU A 95 -7.30 -11.87 -11.24
C GLU A 95 -6.92 -13.09 -12.07
N GLU A 96 -7.70 -14.16 -11.93
CA GLU A 96 -7.45 -15.39 -12.67
C GLU A 96 -6.08 -15.96 -12.33
N ALA A 97 -5.61 -15.70 -11.11
CA ALA A 97 -4.32 -16.19 -10.68
C ALA A 97 -4.46 -17.33 -9.68
N LYS A 1 0.52 -16.11 -19.44
CA LYS A 1 0.75 -15.07 -18.44
C LYS A 1 0.31 -13.71 -18.96
N ARG A 2 -0.87 -13.27 -18.53
CA ARG A 2 -1.40 -11.99 -18.94
C ARG A 2 -2.62 -11.60 -18.10
N VAL A 3 -2.38 -11.38 -16.81
CA VAL A 3 -3.45 -11.00 -15.89
C VAL A 3 -2.96 -9.97 -14.87
N GLY A 4 -3.90 -9.25 -14.27
CA GLY A 4 -3.54 -8.25 -13.28
C GLY A 4 -4.26 -6.93 -13.50
N LYS A 5 -4.90 -6.43 -12.46
CA LYS A 5 -5.62 -5.16 -12.53
C LYS A 5 -5.23 -4.25 -11.39
N ARG A 6 -5.45 -2.94 -11.55
CA ARG A 6 -5.11 -1.97 -10.52
C ARG A 6 -6.35 -1.46 -9.80
N LEU A 7 -6.20 -1.13 -8.53
CA LEU A 7 -7.30 -0.63 -7.73
C LEU A 7 -6.88 0.61 -6.94
N ASN A 8 -7.85 1.49 -6.69
CA ASN A 8 -7.59 2.71 -5.94
C ASN A 8 -8.26 2.63 -4.56
N ILE A 9 -7.51 2.96 -3.52
CA ILE A 9 -8.04 2.90 -2.16
C ILE A 9 -7.61 4.10 -1.33
N GLN A 10 -8.59 4.85 -0.82
CA GLN A 10 -8.32 6.00 0.01
C GLN A 10 -8.72 5.72 1.45
N LEU A 11 -7.75 5.77 2.36
CA LEU A 11 -8.01 5.49 3.76
C LEU A 11 -7.87 6.72 4.63
N LYS A 12 -8.87 6.95 5.46
CA LYS A 12 -8.88 8.10 6.36
C LYS A 12 -8.14 7.78 7.65
N LYS A 13 -7.06 8.52 7.91
CA LYS A 13 -6.27 8.31 9.11
C LYS A 13 -7.15 8.31 10.36
N GLY A 14 -7.12 7.19 11.08
CA GLY A 14 -7.93 7.07 12.29
C GLY A 14 -7.09 7.16 13.55
N THR A 15 -6.58 6.02 14.01
CA THR A 15 -5.76 5.98 15.22
C THR A 15 -4.75 4.83 15.16
N GLU A 16 -5.23 3.64 14.79
CA GLU A 16 -4.37 2.48 14.69
C GLU A 16 -3.69 2.42 13.33
N GLY A 17 -2.96 3.47 13.00
CA GLY A 17 -2.26 3.53 11.72
C GLY A 17 -3.21 3.40 10.55
N LEU A 18 -3.10 2.30 9.81
CA LEU A 18 -3.96 2.08 8.65
C LEU A 18 -4.38 0.61 8.56
N GLY A 19 -4.17 -0.14 9.64
CA GLY A 19 -4.54 -1.54 9.67
C GLY A 19 -4.00 -2.34 8.50
N PHE A 20 -2.92 -1.86 7.89
CA PHE A 20 -2.32 -2.55 6.77
C PHE A 20 -0.80 -2.53 6.83
N SER A 21 -0.19 -3.69 6.67
CA SER A 21 1.26 -3.81 6.69
C SER A 21 1.79 -4.06 5.28
N ILE A 22 2.85 -3.35 4.92
CA ILE A 22 3.41 -3.50 3.58
C ILE A 22 4.76 -4.20 3.60
N THR A 23 4.96 -5.05 2.61
CA THR A 23 6.21 -5.79 2.46
C THR A 23 6.93 -5.36 1.20
N SER A 24 8.17 -5.82 1.03
CA SER A 24 8.97 -5.46 -0.14
C SER A 24 9.49 -6.70 -0.84
N ARG A 25 9.35 -6.74 -2.17
CA ARG A 25 9.82 -7.87 -2.96
C ARG A 25 11.32 -8.09 -2.77
N ASP A 26 12.03 -7.02 -2.41
CA ASP A 26 13.47 -7.09 -2.20
C ASP A 26 14.19 -7.45 -3.49
N VAL A 27 13.91 -6.69 -4.54
CA VAL A 27 14.53 -6.92 -5.85
C VAL A 27 15.95 -6.37 -5.88
N THR A 28 16.05 -5.04 -5.84
CA THR A 28 17.35 -4.39 -5.86
C THR A 28 17.70 -3.82 -4.50
N ILE A 29 18.99 -3.72 -4.22
CA ILE A 29 19.48 -3.20 -2.95
C ILE A 29 18.80 -1.89 -2.58
N GLY A 30 18.64 -1.01 -3.56
CA GLY A 30 18.01 0.28 -3.33
C GLY A 30 17.75 1.03 -4.61
N GLY A 31 17.46 0.30 -5.69
CA GLY A 31 17.19 0.92 -6.97
C GLY A 31 15.71 1.02 -7.26
N SER A 32 15.05 -0.14 -7.36
CA SER A 32 13.62 -0.18 -7.64
C SER A 32 13.02 -1.51 -7.21
N ALA A 33 12.31 -1.51 -6.09
CA ALA A 33 11.68 -2.71 -5.57
C ALA A 33 10.18 -2.50 -5.38
N PRO A 34 9.34 -3.35 -5.98
CA PRO A 34 7.88 -3.24 -5.86
C PRO A 34 7.38 -3.60 -4.46
N ILE A 35 6.58 -2.70 -3.89
CA ILE A 35 6.02 -2.90 -2.56
C ILE A 35 4.67 -3.61 -2.64
N TYR A 36 4.34 -4.37 -1.60
CA TYR A 36 3.08 -5.11 -1.56
C TYR A 36 2.48 -5.06 -0.15
N VAL A 37 1.28 -5.59 -0.02
CA VAL A 37 0.60 -5.63 1.28
C VAL A 37 0.94 -6.90 2.03
N LYS A 38 1.89 -6.79 2.96
CA LYS A 38 2.31 -7.93 3.76
C LYS A 38 1.13 -8.54 4.51
N ASN A 39 0.19 -7.69 4.90
CA ASN A 39 -0.99 -8.16 5.63
C ASN A 39 -1.95 -7.02 5.96
N ILE A 40 -3.21 -7.36 6.17
CA ILE A 40 -4.25 -6.38 6.50
C ILE A 40 -4.73 -6.58 7.93
N LEU A 41 -4.13 -5.84 8.86
CA LEU A 41 -4.49 -5.94 10.27
C LEU A 41 -5.98 -5.76 10.49
N PRO A 42 -6.53 -6.33 11.58
CA PRO A 42 -7.96 -6.24 11.89
C PRO A 42 -8.34 -4.95 12.64
N ARG A 43 -7.48 -3.94 12.56
CA ARG A 43 -7.74 -2.67 13.22
C ARG A 43 -7.15 -1.50 12.44
N GLY A 44 -7.91 -0.99 11.49
CA GLY A 44 -7.44 0.13 10.68
C GLY A 44 -8.48 0.60 9.67
N ALA A 45 -8.09 1.59 8.88
CA ALA A 45 -8.99 2.15 7.87
C ALA A 45 -9.11 1.24 6.66
N ALA A 46 -8.11 0.41 6.42
CA ALA A 46 -8.13 -0.49 5.27
C ALA A 46 -9.19 -1.57 5.42
N ILE A 47 -9.14 -2.31 6.52
CA ILE A 47 -10.10 -3.37 6.77
C ILE A 47 -11.52 -2.82 6.92
N GLN A 48 -11.62 -1.63 7.52
CA GLN A 48 -12.93 -1.01 7.71
C GLN A 48 -13.48 -0.51 6.38
N ASP A 49 -12.59 0.00 5.54
CA ASP A 49 -12.98 0.50 4.22
C ASP A 49 -13.34 -0.66 3.29
N GLY A 50 -12.67 -1.78 3.46
CA GLY A 50 -12.93 -2.94 2.63
C GLY A 50 -12.60 -2.68 1.17
N ARG A 51 -11.50 -2.00 0.93
CA ARG A 51 -11.08 -1.66 -0.43
C ARG A 51 -9.75 -2.33 -0.77
N LEU A 52 -8.72 -2.03 0.01
CA LEU A 52 -7.39 -2.59 -0.21
C LEU A 52 -7.16 -3.79 0.71
N LYS A 53 -6.90 -4.95 0.09
CA LYS A 53 -6.67 -6.17 0.85
C LYS A 53 -5.19 -6.57 0.78
N ALA A 54 -4.89 -7.76 1.28
CA ALA A 54 -3.53 -8.27 1.28
C ALA A 54 -3.16 -8.86 -0.09
N GLY A 55 -1.87 -9.10 -0.28
CA GLY A 55 -1.41 -9.67 -1.54
C GLY A 55 -1.49 -8.67 -2.69
N ASP A 56 -1.57 -7.39 -2.35
CA ASP A 56 -1.65 -6.35 -3.36
C ASP A 56 -0.30 -5.66 -3.54
N ARG A 57 -0.17 -4.87 -4.62
CA ARG A 57 1.07 -4.16 -4.89
C ARG A 57 0.83 -2.66 -4.93
N LEU A 58 1.51 -1.93 -4.04
CA LEU A 58 1.37 -0.49 -3.96
C LEU A 58 2.03 0.21 -5.15
N ILE A 59 1.22 0.73 -6.06
CA ILE A 59 1.72 1.43 -7.23
C ILE A 59 2.13 2.86 -6.87
N GLU A 60 1.46 3.43 -5.88
CA GLU A 60 1.76 4.78 -5.43
C GLU A 60 0.97 5.15 -4.18
N VAL A 61 1.47 6.13 -3.45
CA VAL A 61 0.81 6.58 -2.23
C VAL A 61 0.60 8.09 -2.26
N ASN A 62 -0.63 8.51 -1.94
CA ASN A 62 -0.98 9.93 -1.96
C ASN A 62 -0.61 10.57 -3.29
N GLY A 63 -0.62 9.76 -4.35
CA GLY A 63 -0.30 10.25 -5.67
C GLY A 63 1.19 10.22 -5.96
N VAL A 64 1.94 9.49 -5.13
CA VAL A 64 3.39 9.38 -5.30
C VAL A 64 3.79 8.01 -5.80
N ASP A 65 4.36 7.96 -7.00
CA ASP A 65 4.80 6.70 -7.58
C ASP A 65 5.88 6.07 -6.71
N LEU A 66 5.58 4.92 -6.14
CA LEU A 66 6.53 4.23 -5.28
C LEU A 66 7.49 3.36 -6.11
N ALA A 67 7.63 3.69 -7.39
CA ALA A 67 8.51 2.94 -8.27
C ALA A 67 9.92 3.52 -8.24
N GLY A 68 10.78 2.92 -7.43
CA GLY A 68 12.15 3.39 -7.32
C GLY A 68 12.41 4.12 -6.01
N LYS A 69 11.51 3.96 -5.05
CA LYS A 69 11.65 4.61 -3.76
C LYS A 69 12.37 3.69 -2.76
N SER A 70 11.59 2.90 -2.01
CA SER A 70 12.15 1.97 -1.03
C SER A 70 11.07 1.54 -0.05
N GLN A 71 11.33 0.45 0.68
CA GLN A 71 10.38 -0.06 1.66
C GLN A 71 10.28 0.91 2.81
N GLU A 72 11.43 1.23 3.40
CA GLU A 72 11.48 2.17 4.51
C GLU A 72 10.99 3.53 4.04
N GLU A 73 11.23 3.83 2.77
CA GLU A 73 10.81 5.09 2.19
C GLU A 73 9.29 5.11 2.06
N VAL A 74 8.76 4.05 1.46
CA VAL A 74 7.32 3.92 1.29
C VAL A 74 6.62 3.93 2.64
N VAL A 75 7.15 3.12 3.56
CA VAL A 75 6.59 3.04 4.90
C VAL A 75 6.68 4.39 5.59
N SER A 76 7.73 5.14 5.26
CA SER A 76 7.93 6.47 5.83
C SER A 76 6.81 7.41 5.38
N LEU A 77 6.35 7.22 4.14
CA LEU A 77 5.27 8.05 3.61
C LEU A 77 4.01 7.84 4.43
N LEU A 78 3.64 6.57 4.59
CA LEU A 78 2.45 6.21 5.37
C LEU A 78 2.65 6.58 6.83
N ARG A 79 3.85 6.31 7.33
CA ARG A 79 4.19 6.61 8.72
C ARG A 79 4.24 8.11 8.95
N SER A 80 4.59 8.85 7.90
CA SER A 80 4.68 10.30 7.99
C SER A 80 3.30 10.92 8.14
N THR A 81 2.30 10.26 7.56
CA THR A 81 0.92 10.74 7.63
C THR A 81 0.49 10.92 9.09
N LYS A 82 -0.24 11.99 9.35
CA LYS A 82 -0.72 12.28 10.71
C LYS A 82 -2.22 12.02 10.82
N MET A 83 -2.71 11.91 12.05
CA MET A 83 -4.13 11.67 12.30
C MET A 83 -4.99 12.59 11.43
N GLU A 84 -6.15 12.09 11.02
CA GLU A 84 -7.06 12.86 10.18
C GLU A 84 -6.38 13.21 8.86
N GLY A 85 -6.45 12.29 7.91
CA GLY A 85 -5.84 12.51 6.62
C GLY A 85 -6.06 11.35 5.68
N THR A 86 -6.92 11.54 4.70
CA THR A 86 -7.24 10.50 3.74
C THR A 86 -6.06 10.24 2.80
N VAL A 87 -5.40 9.10 2.99
CA VAL A 87 -4.26 8.73 2.17
C VAL A 87 -4.69 7.84 1.01
N SER A 88 -4.59 8.35 -0.20
CA SER A 88 -4.97 7.61 -1.39
C SER A 88 -3.83 6.72 -1.86
N LEU A 89 -3.98 5.42 -1.66
CA LEU A 89 -2.94 4.47 -2.06
C LEU A 89 -3.41 3.62 -3.23
N LEU A 90 -2.64 3.64 -4.31
CA LEU A 90 -2.95 2.86 -5.49
C LEU A 90 -2.36 1.46 -5.36
N VAL A 91 -3.20 0.45 -5.53
CA VAL A 91 -2.76 -0.93 -5.42
C VAL A 91 -2.94 -1.68 -6.74
N PHE A 92 -2.36 -2.88 -6.82
CA PHE A 92 -2.46 -3.68 -8.02
C PHE A 92 -2.68 -5.14 -7.66
N ARG A 93 -3.79 -5.70 -8.13
CA ARG A 93 -4.11 -7.10 -7.85
C ARG A 93 -3.78 -7.99 -9.05
N GLN A 94 -2.75 -8.82 -8.89
CA GLN A 94 -2.32 -9.72 -9.95
C GLN A 94 -3.07 -11.05 -9.89
N GLU A 95 -3.60 -11.49 -11.02
CA GLU A 95 -4.34 -12.75 -11.10
C GLU A 95 -5.60 -12.68 -10.24
N GLU A 96 -6.72 -13.12 -10.82
CA GLU A 96 -7.99 -13.11 -10.11
C GLU A 96 -8.26 -14.48 -9.46
N ALA A 97 -7.79 -15.53 -10.12
CA ALA A 97 -7.98 -16.89 -9.60
C ALA A 97 -9.46 -17.21 -9.42
N LYS A 1 4.87 -12.74 -17.03
CA LYS A 1 4.15 -11.78 -16.20
C LYS A 1 2.86 -12.40 -15.65
N ARG A 2 2.07 -11.59 -14.96
CA ARG A 2 0.81 -12.05 -14.39
C ARG A 2 -0.32 -11.09 -14.72
N VAL A 3 -1.51 -11.64 -15.00
CA VAL A 3 -2.67 -10.83 -15.31
C VAL A 3 -3.31 -10.27 -14.06
N GLY A 4 -4.10 -9.22 -14.24
CA GLY A 4 -4.77 -8.59 -13.12
C GLY A 4 -5.29 -7.20 -13.45
N LYS A 5 -5.14 -6.28 -12.50
CA LYS A 5 -5.59 -4.90 -12.68
C LYS A 5 -5.19 -4.03 -11.51
N ARG A 6 -5.37 -2.72 -11.65
CA ARG A 6 -5.01 -1.78 -10.59
C ARG A 6 -6.22 -0.99 -10.12
N LEU A 7 -6.26 -0.67 -8.83
CA LEU A 7 -7.37 0.09 -8.26
C LEU A 7 -6.87 1.19 -7.36
N ASN A 8 -7.68 2.23 -7.18
CA ASN A 8 -7.33 3.36 -6.32
C ASN A 8 -8.08 3.26 -4.99
N ILE A 9 -7.33 3.26 -3.89
CA ILE A 9 -7.94 3.16 -2.57
C ILE A 9 -7.47 4.28 -1.64
N GLN A 10 -8.43 4.97 -1.04
CA GLN A 10 -8.13 6.06 -0.10
C GLN A 10 -8.44 5.62 1.32
N LEU A 11 -7.45 5.71 2.20
CA LEU A 11 -7.62 5.31 3.59
C LEU A 11 -7.56 6.50 4.54
N LYS A 12 -8.61 6.64 5.34
CA LYS A 12 -8.70 7.72 6.31
C LYS A 12 -7.87 7.40 7.54
N LYS A 13 -6.83 8.20 7.78
CA LYS A 13 -5.95 8.00 8.93
C LYS A 13 -6.76 7.89 10.22
N GLY A 14 -6.48 6.86 11.02
CA GLY A 14 -7.19 6.67 12.27
C GLY A 14 -6.26 6.72 13.47
N THR A 15 -6.19 5.60 14.19
CA THR A 15 -5.33 5.51 15.38
C THR A 15 -4.29 4.41 15.21
N GLU A 16 -4.75 3.21 14.92
CA GLU A 16 -3.85 2.06 14.74
C GLU A 16 -3.32 2.02 13.32
N GLY A 17 -2.67 3.09 12.89
CA GLY A 17 -2.12 3.15 11.55
C GLY A 17 -3.19 3.03 10.49
N LEU A 18 -3.15 1.96 9.72
CA LEU A 18 -4.13 1.74 8.66
C LEU A 18 -4.54 0.26 8.58
N GLY A 19 -4.24 -0.49 9.63
CA GLY A 19 -4.60 -1.90 9.67
C GLY A 19 -4.07 -2.69 8.49
N PHE A 20 -2.97 -2.25 7.92
CA PHE A 20 -2.37 -2.95 6.79
C PHE A 20 -0.85 -2.89 6.83
N SER A 21 -0.22 -4.06 6.73
CA SER A 21 1.24 -4.14 6.74
C SER A 21 1.75 -4.48 5.34
N ILE A 22 2.78 -3.79 4.90
CA ILE A 22 3.34 -4.02 3.58
C ILE A 22 4.75 -4.58 3.64
N THR A 23 5.02 -5.54 2.76
CA THR A 23 6.33 -6.16 2.68
C THR A 23 7.12 -5.60 1.50
N SER A 24 8.41 -5.89 1.46
CA SER A 24 9.27 -5.40 0.39
C SER A 24 9.90 -6.55 -0.37
N ARG A 25 9.70 -6.57 -1.68
CA ARG A 25 10.25 -7.62 -2.53
C ARG A 25 11.78 -7.53 -2.57
N ASP A 26 12.29 -6.31 -2.53
CA ASP A 26 13.73 -6.07 -2.54
C ASP A 26 14.37 -6.64 -3.80
N VAL A 27 14.10 -6.01 -4.94
CA VAL A 27 14.67 -6.46 -6.20
C VAL A 27 16.17 -6.18 -6.25
N THR A 28 16.55 -4.97 -5.91
CA THR A 28 17.95 -4.57 -5.91
C THR A 28 18.25 -3.61 -4.76
N ILE A 29 19.54 -3.48 -4.45
CA ILE A 29 19.99 -2.60 -3.38
C ILE A 29 19.61 -1.15 -3.66
N GLY A 30 19.68 -0.74 -4.92
CA GLY A 30 19.35 0.62 -5.29
C GLY A 30 17.86 0.82 -5.46
N GLY A 31 17.10 0.52 -4.41
CA GLY A 31 15.65 0.69 -4.46
C GLY A 31 15.04 -0.01 -5.66
N SER A 32 14.05 0.64 -6.27
CA SER A 32 13.37 0.08 -7.43
C SER A 32 12.70 -1.26 -7.09
N ALA A 33 12.47 -1.46 -5.80
CA ALA A 33 11.83 -2.69 -5.33
C ALA A 33 10.34 -2.47 -5.09
N PRO A 34 9.47 -3.31 -5.68
CA PRO A 34 8.02 -3.19 -5.52
C PRO A 34 7.54 -3.60 -4.14
N ILE A 35 6.45 -2.97 -3.69
CA ILE A 35 5.87 -3.26 -2.39
C ILE A 35 4.56 -4.03 -2.52
N TYR A 36 4.24 -4.84 -1.52
CA TYR A 36 3.01 -5.63 -1.53
C TYR A 36 2.47 -5.81 -0.11
N VAL A 37 1.17 -5.57 0.06
CA VAL A 37 0.55 -5.72 1.37
C VAL A 37 0.70 -7.14 1.89
N LYS A 38 1.65 -7.34 2.81
CA LYS A 38 1.89 -8.66 3.38
C LYS A 38 0.68 -9.16 4.15
N ASN A 39 -0.09 -8.24 4.71
CA ASN A 39 -1.28 -8.63 5.48
C ASN A 39 -2.09 -7.41 5.90
N ILE A 40 -3.40 -7.63 6.07
CA ILE A 40 -4.31 -6.58 6.49
C ILE A 40 -4.79 -6.83 7.92
N LEU A 41 -4.18 -6.14 8.87
CA LEU A 41 -4.54 -6.29 10.28
C LEU A 41 -6.02 -5.99 10.51
N PRO A 42 -6.63 -6.62 11.52
CA PRO A 42 -8.04 -6.44 11.85
C PRO A 42 -8.32 -5.21 12.70
N ARG A 43 -7.47 -4.20 12.59
CA ARG A 43 -7.64 -2.98 13.36
C ARG A 43 -7.02 -1.78 12.63
N GLY A 44 -7.77 -1.21 11.69
CA GLY A 44 -7.27 -0.08 10.94
C GLY A 44 -8.30 0.49 9.98
N ALA A 45 -7.90 1.50 9.24
CA ALA A 45 -8.78 2.16 8.27
C ALA A 45 -8.97 1.33 7.01
N ALA A 46 -7.98 0.52 6.68
CA ALA A 46 -8.07 -0.31 5.48
C ALA A 46 -9.15 -1.37 5.60
N ILE A 47 -9.07 -2.17 6.65
CA ILE A 47 -10.04 -3.22 6.88
C ILE A 47 -11.44 -2.64 7.12
N GLN A 48 -11.50 -1.50 7.80
CA GLN A 48 -12.78 -0.86 8.06
C GLN A 48 -13.36 -0.26 6.79
N ASP A 49 -12.49 0.28 5.94
CA ASP A 49 -12.91 0.87 4.68
C ASP A 49 -13.36 -0.21 3.69
N GLY A 50 -12.70 -1.36 3.76
CA GLY A 50 -13.03 -2.46 2.87
C GLY A 50 -12.77 -2.13 1.42
N ARG A 51 -11.51 -1.83 1.10
CA ARG A 51 -11.13 -1.49 -0.26
C ARG A 51 -9.82 -2.15 -0.65
N LEU A 52 -8.84 -2.07 0.23
CA LEU A 52 -7.52 -2.67 -0.03
C LEU A 52 -7.30 -3.90 0.86
N LYS A 53 -7.08 -5.04 0.22
CA LYS A 53 -6.86 -6.28 0.94
C LYS A 53 -5.38 -6.67 0.92
N ALA A 54 -5.08 -7.87 1.41
CA ALA A 54 -3.71 -8.37 1.44
C ALA A 54 -3.33 -9.01 0.11
N GLY A 55 -2.03 -9.01 -0.17
CA GLY A 55 -1.55 -9.59 -1.42
C GLY A 55 -1.48 -8.58 -2.55
N ASP A 56 -2.13 -7.43 -2.35
CA ASP A 56 -2.14 -6.38 -3.37
C ASP A 56 -0.75 -5.78 -3.53
N ARG A 57 -0.54 -5.09 -4.65
CA ARG A 57 0.74 -4.47 -4.94
C ARG A 57 0.62 -2.95 -4.96
N LEU A 58 1.47 -2.28 -4.18
CA LEU A 58 1.47 -0.82 -4.10
C LEU A 58 2.14 -0.22 -5.33
N ILE A 59 1.36 0.52 -6.11
CA ILE A 59 1.87 1.17 -7.30
C ILE A 59 2.12 2.65 -7.07
N GLU A 60 1.35 3.24 -6.15
CA GLU A 60 1.49 4.66 -5.85
C GLU A 60 0.94 5.00 -4.47
N VAL A 61 1.58 5.96 -3.81
CA VAL A 61 1.16 6.40 -2.49
C VAL A 61 1.21 7.92 -2.39
N ASN A 62 0.08 8.53 -2.07
CA ASN A 62 0.00 9.99 -1.97
C ASN A 62 0.30 10.65 -3.31
N GLY A 63 -0.01 9.94 -4.39
CA GLY A 63 0.23 10.46 -5.72
C GLY A 63 1.67 10.31 -6.16
N VAL A 64 2.45 9.54 -5.42
CA VAL A 64 3.86 9.33 -5.75
C VAL A 64 4.10 7.92 -6.27
N ASP A 65 4.96 7.82 -7.26
CA ASP A 65 5.31 6.52 -7.85
C ASP A 65 6.29 5.79 -6.95
N LEU A 66 5.87 4.63 -6.45
CA LEU A 66 6.72 3.83 -5.57
C LEU A 66 7.65 2.93 -6.38
N ALA A 67 7.86 3.29 -7.65
CA ALA A 67 8.74 2.51 -8.53
C ALA A 67 10.15 3.09 -8.49
N GLY A 68 10.81 2.96 -7.34
CA GLY A 68 12.15 3.47 -7.19
C GLY A 68 12.33 4.23 -5.89
N LYS A 69 11.78 3.69 -4.81
CA LYS A 69 11.88 4.32 -3.51
C LYS A 69 12.43 3.33 -2.46
N SER A 70 11.55 2.71 -1.68
CA SER A 70 11.96 1.75 -0.66
C SER A 70 10.81 1.45 0.28
N GLN A 71 10.96 0.40 1.09
CA GLN A 71 9.93 0.02 2.03
C GLN A 71 9.82 1.05 3.14
N GLU A 72 10.95 1.34 3.77
CA GLU A 72 10.97 2.34 4.84
C GLU A 72 10.59 3.69 4.27
N GLU A 73 10.90 3.90 3.00
CA GLU A 73 10.57 5.16 2.33
C GLU A 73 9.07 5.23 2.11
N VAL A 74 8.53 4.19 1.48
CA VAL A 74 7.10 4.11 1.21
C VAL A 74 6.31 4.18 2.51
N VAL A 75 6.76 3.43 3.51
CA VAL A 75 6.11 3.44 4.81
C VAL A 75 6.25 4.81 5.45
N SER A 76 7.35 5.48 5.15
CA SER A 76 7.60 6.81 5.69
C SER A 76 6.55 7.79 5.18
N LEU A 77 6.11 7.59 3.94
CA LEU A 77 5.10 8.46 3.34
C LEU A 77 3.77 8.28 4.05
N LEU A 78 3.33 7.03 4.16
CA LEU A 78 2.07 6.72 4.81
C LEU A 78 2.15 7.03 6.31
N ARG A 79 3.34 6.90 6.87
CA ARG A 79 3.53 7.19 8.29
C ARG A 79 3.48 8.69 8.53
N SER A 80 3.91 9.46 7.54
CA SER A 80 3.91 10.91 7.62
C SER A 80 2.52 11.46 7.90
N THR A 81 1.53 10.93 7.20
CA THR A 81 0.14 11.36 7.37
C THR A 81 -0.21 11.39 8.86
N LYS A 82 -0.67 12.54 9.32
CA LYS A 82 -1.04 12.71 10.73
C LYS A 82 -2.51 12.38 10.95
N MET A 83 -2.96 12.48 12.20
CA MET A 83 -4.34 12.20 12.54
C MET A 83 -5.30 12.93 11.61
N GLU A 84 -6.35 12.26 11.18
CA GLU A 84 -7.32 12.86 10.26
C GLU A 84 -6.64 13.25 8.96
N GLY A 85 -6.63 12.32 8.01
CA GLY A 85 -6.00 12.58 6.73
C GLY A 85 -6.04 11.35 5.84
N THR A 86 -6.90 11.41 4.82
CA THR A 86 -7.04 10.30 3.89
C THR A 86 -5.82 10.15 2.99
N VAL A 87 -5.14 9.02 3.14
CA VAL A 87 -3.95 8.73 2.36
C VAL A 87 -4.33 7.90 1.13
N SER A 88 -3.96 8.38 -0.05
CA SER A 88 -4.29 7.67 -1.28
C SER A 88 -3.25 6.60 -1.58
N LEU A 89 -3.72 5.39 -1.86
CA LEU A 89 -2.84 4.28 -2.16
C LEU A 89 -3.34 3.47 -3.36
N LEU A 90 -2.64 3.58 -4.47
CA LEU A 90 -3.02 2.86 -5.68
C LEU A 90 -2.45 1.45 -5.63
N VAL A 91 -3.33 0.47 -5.47
CA VAL A 91 -2.91 -0.92 -5.39
C VAL A 91 -3.22 -1.68 -6.68
N PHE A 92 -2.73 -2.91 -6.77
CA PHE A 92 -2.96 -3.75 -7.94
C PHE A 92 -3.37 -5.15 -7.52
N ARG A 93 -4.55 -5.57 -7.97
CA ARG A 93 -5.07 -6.89 -7.65
C ARG A 93 -4.94 -7.85 -8.83
N GLN A 94 -4.58 -9.09 -8.55
CA GLN A 94 -4.41 -10.09 -9.59
C GLN A 94 -5.73 -10.81 -9.86
N GLU A 95 -5.92 -11.25 -11.11
CA GLU A 95 -7.14 -11.94 -11.49
C GLU A 95 -7.06 -13.42 -11.12
N GLU A 96 -8.17 -14.14 -11.30
CA GLU A 96 -8.22 -15.55 -10.98
C GLU A 96 -8.02 -16.40 -12.24
N ALA A 97 -7.18 -15.92 -13.14
CA ALA A 97 -6.91 -16.63 -14.39
C ALA A 97 -5.67 -17.51 -14.26
N LYS A 1 -9.23 -9.32 -21.11
CA LYS A 1 -9.02 -10.66 -20.59
C LYS A 1 -7.69 -10.76 -19.85
N ARG A 2 -7.69 -10.37 -18.58
CA ARG A 2 -6.49 -10.41 -17.76
C ARG A 2 -6.76 -11.08 -16.41
N VAL A 3 -5.70 -11.41 -15.69
CA VAL A 3 -5.83 -12.05 -14.39
C VAL A 3 -5.45 -11.10 -13.26
N GLY A 4 -5.21 -9.86 -13.63
CA GLY A 4 -4.83 -8.84 -12.66
C GLY A 4 -5.25 -7.45 -13.10
N LYS A 5 -5.55 -6.60 -12.12
CA LYS A 5 -5.96 -5.23 -12.41
C LYS A 5 -5.45 -4.26 -11.35
N ARG A 6 -5.82 -3.00 -11.48
CA ARG A 6 -5.40 -1.97 -10.53
C ARG A 6 -6.60 -1.30 -9.88
N LEU A 7 -6.45 -0.92 -8.62
CA LEU A 7 -7.53 -0.26 -7.89
C LEU A 7 -6.99 0.82 -6.96
N ASN A 8 -7.78 1.87 -6.77
CA ASN A 8 -7.39 2.98 -5.90
C ASN A 8 -8.16 2.90 -4.58
N ILE A 9 -7.48 3.19 -3.48
CA ILE A 9 -8.11 3.14 -2.16
C ILE A 9 -7.70 4.33 -1.29
N GLN A 10 -8.68 4.98 -0.69
CA GLN A 10 -8.44 6.11 0.18
C GLN A 10 -8.76 5.74 1.63
N LEU A 11 -7.74 5.79 2.48
CA LEU A 11 -7.92 5.43 3.89
C LEU A 11 -7.79 6.63 4.82
N LYS A 12 -8.86 6.91 5.55
CA LYS A 12 -8.89 8.01 6.49
C LYS A 12 -8.00 7.72 7.69
N LYS A 13 -6.84 8.37 7.74
CA LYS A 13 -5.90 8.18 8.83
C LYS A 13 -6.56 8.47 10.18
N GLY A 14 -6.63 7.45 11.02
CA GLY A 14 -7.24 7.61 12.33
C GLY A 14 -6.36 7.10 13.46
N THR A 15 -6.37 5.78 13.66
CA THR A 15 -5.57 5.17 14.71
C THR A 15 -4.90 3.89 14.21
N GLU A 16 -3.80 3.51 14.86
CA GLU A 16 -3.07 2.31 14.48
C GLU A 16 -2.63 2.38 13.02
N GLY A 17 -1.99 3.48 12.66
CA GLY A 17 -1.53 3.65 11.29
C GLY A 17 -2.65 3.53 10.28
N LEU A 18 -2.71 2.40 9.59
CA LEU A 18 -3.74 2.16 8.60
C LEU A 18 -4.46 0.84 8.85
N GLY A 19 -3.71 -0.17 9.28
CA GLY A 19 -4.28 -1.47 9.54
C GLY A 19 -3.74 -2.56 8.64
N PHE A 20 -2.64 -2.27 7.96
CA PHE A 20 -2.05 -3.24 7.05
C PHE A 20 -0.54 -3.06 6.95
N SER A 21 0.18 -4.18 6.88
CA SER A 21 1.63 -4.14 6.77
C SER A 21 2.05 -4.54 5.36
N ILE A 22 2.98 -3.78 4.79
CA ILE A 22 3.44 -4.05 3.43
C ILE A 22 4.78 -4.76 3.42
N THR A 23 4.91 -5.71 2.51
CA THR A 23 6.14 -6.47 2.36
C THR A 23 6.92 -5.95 1.15
N SER A 24 8.16 -6.43 1.00
CA SER A 24 9.00 -6.00 -0.11
C SER A 24 9.87 -7.15 -0.61
N ARG A 25 9.84 -7.37 -1.92
CA ARG A 25 10.63 -8.45 -2.52
C ARG A 25 12.12 -8.24 -2.25
N ASP A 26 12.50 -6.98 -2.04
CA ASP A 26 13.90 -6.64 -1.77
C ASP A 26 14.78 -7.00 -2.96
N VAL A 27 14.56 -6.29 -4.07
CA VAL A 27 15.34 -6.52 -5.29
C VAL A 27 16.73 -5.90 -5.16
N THR A 28 16.78 -4.67 -4.68
CA THR A 28 18.05 -3.97 -4.51
C THR A 28 18.04 -3.14 -3.23
N ILE A 29 19.23 -2.68 -2.83
CA ILE A 29 19.37 -1.88 -1.62
C ILE A 29 18.60 -0.57 -1.74
N GLY A 30 19.06 0.30 -2.62
CA GLY A 30 18.41 1.57 -2.82
C GLY A 30 18.05 1.84 -4.28
N GLY A 31 17.24 0.96 -4.86
CA GLY A 31 16.84 1.12 -6.24
C GLY A 31 15.33 1.09 -6.42
N SER A 32 14.82 -0.02 -6.94
CA SER A 32 13.40 -0.16 -7.16
C SER A 32 12.93 -1.58 -6.82
N ALA A 33 12.27 -1.71 -5.67
CA ALA A 33 11.77 -3.00 -5.22
C ALA A 33 10.25 -3.01 -5.16
N PRO A 34 9.60 -4.11 -5.60
CA PRO A 34 8.14 -4.23 -5.59
C PRO A 34 7.57 -4.39 -4.19
N ILE A 35 6.70 -3.45 -3.80
CA ILE A 35 6.07 -3.47 -2.49
C ILE A 35 4.61 -3.89 -2.59
N TYR A 36 4.16 -4.68 -1.61
CA TYR A 36 2.78 -5.14 -1.58
C TYR A 36 2.27 -5.25 -0.15
N VAL A 37 0.99 -5.55 0.02
CA VAL A 37 0.39 -5.69 1.33
C VAL A 37 0.57 -7.11 1.86
N LYS A 38 1.58 -7.28 2.72
CA LYS A 38 1.87 -8.58 3.30
C LYS A 38 0.66 -9.17 4.01
N ASN A 39 -0.18 -8.29 4.56
CA ASN A 39 -1.37 -8.72 5.27
C ASN A 39 -2.23 -7.55 5.73
N ILE A 40 -3.54 -7.80 5.85
CA ILE A 40 -4.47 -6.77 6.28
C ILE A 40 -4.91 -7.04 7.72
N LEU A 41 -4.36 -6.26 8.65
CA LEU A 41 -4.69 -6.41 10.07
C LEU A 41 -6.16 -6.16 10.33
N PRO A 42 -6.73 -6.79 11.37
CA PRO A 42 -8.15 -6.65 11.73
C PRO A 42 -8.43 -5.42 12.59
N ARG A 43 -7.63 -4.37 12.43
CA ARG A 43 -7.83 -3.15 13.19
C ARG A 43 -7.22 -1.95 12.48
N GLY A 44 -7.95 -1.41 11.50
CA GLY A 44 -7.46 -0.27 10.76
C GLY A 44 -8.47 0.24 9.74
N ALA A 45 -8.26 1.47 9.28
CA ALA A 45 -9.16 2.08 8.30
C ALA A 45 -9.34 1.23 7.06
N ALA A 46 -8.29 0.51 6.67
CA ALA A 46 -8.34 -0.33 5.49
C ALA A 46 -9.43 -1.40 5.59
N ILE A 47 -9.37 -2.20 6.65
CA ILE A 47 -10.35 -3.26 6.85
C ILE A 47 -11.75 -2.68 7.04
N GLN A 48 -11.83 -1.50 7.67
CA GLN A 48 -13.11 -0.85 7.89
C GLN A 48 -13.66 -0.33 6.58
N ASP A 49 -12.78 0.22 5.75
CA ASP A 49 -13.18 0.74 4.45
C ASP A 49 -13.54 -0.38 3.50
N GLY A 50 -12.86 -1.51 3.63
CA GLY A 50 -13.13 -2.65 2.78
C GLY A 50 -12.83 -2.34 1.32
N ARG A 51 -11.72 -1.65 1.08
CA ARG A 51 -11.33 -1.30 -0.27
C ARG A 51 -10.02 -1.96 -0.67
N LEU A 52 -9.02 -1.85 0.20
CA LEU A 52 -7.72 -2.44 -0.06
C LEU A 52 -7.51 -3.69 0.80
N LYS A 53 -7.30 -4.83 0.13
CA LYS A 53 -7.10 -6.10 0.82
C LYS A 53 -5.64 -6.52 0.76
N ALA A 54 -5.36 -7.75 1.16
CA ALA A 54 -4.00 -8.28 1.15
C ALA A 54 -3.59 -8.68 -0.26
N GLY A 55 -2.32 -9.03 -0.42
CA GLY A 55 -1.82 -9.43 -1.73
C GLY A 55 -1.94 -8.32 -2.75
N ASP A 56 -1.95 -7.08 -2.28
CA ASP A 56 -2.06 -5.92 -3.16
C ASP A 56 -0.71 -5.27 -3.38
N ARG A 57 -0.44 -4.87 -4.62
CA ARG A 57 0.82 -4.23 -4.96
C ARG A 57 0.69 -2.71 -4.94
N LEU A 58 1.36 -2.07 -3.99
CA LEU A 58 1.33 -0.62 -3.85
C LEU A 58 2.08 0.04 -5.00
N ILE A 59 1.34 0.71 -5.88
CA ILE A 59 1.93 1.38 -7.02
C ILE A 59 2.09 2.88 -6.76
N GLU A 60 1.23 3.44 -5.92
CA GLU A 60 1.29 4.86 -5.62
C GLU A 60 0.74 5.18 -4.22
N VAL A 61 1.07 6.37 -3.73
CA VAL A 61 0.63 6.83 -2.42
C VAL A 61 0.36 8.33 -2.44
N ASN A 62 -0.92 8.69 -2.37
CA ASN A 62 -1.31 10.11 -2.40
C ASN A 62 -0.79 10.78 -3.67
N GLY A 63 -0.68 9.99 -4.74
CA GLY A 63 -0.19 10.52 -6.00
C GLY A 63 1.32 10.47 -6.09
N VAL A 64 1.94 9.59 -5.32
CA VAL A 64 3.39 9.45 -5.31
C VAL A 64 3.82 8.15 -5.98
N ASP A 65 4.78 8.24 -6.90
CA ASP A 65 5.28 7.07 -7.60
C ASP A 65 6.19 6.24 -6.70
N LEU A 66 5.63 5.22 -6.07
CA LEU A 66 6.40 4.36 -5.18
C LEU A 66 7.50 3.62 -5.93
N ALA A 67 7.25 3.31 -7.19
CA ALA A 67 8.22 2.61 -8.02
C ALA A 67 9.44 3.48 -8.29
N GLY A 68 10.35 3.55 -7.32
CA GLY A 68 11.55 4.35 -7.48
C GLY A 68 12.24 4.65 -6.17
N LYS A 69 11.48 4.64 -5.07
CA LYS A 69 12.06 4.91 -3.76
C LYS A 69 12.53 3.63 -3.08
N SER A 70 11.71 3.07 -2.19
CA SER A 70 12.07 1.84 -1.49
C SER A 70 10.97 1.45 -0.51
N GLN A 71 11.16 0.33 0.18
CA GLN A 71 10.18 -0.14 1.15
C GLN A 71 10.16 0.79 2.35
N GLU A 72 11.31 1.01 2.95
CA GLU A 72 11.41 1.90 4.10
C GLU A 72 11.06 3.31 3.68
N GLU A 73 11.34 3.64 2.42
CA GLU A 73 11.02 4.96 1.90
C GLU A 73 9.51 5.10 1.70
N VAL A 74 8.94 4.11 1.04
CA VAL A 74 7.50 4.09 0.79
C VAL A 74 6.73 4.05 2.11
N VAL A 75 7.19 3.20 3.02
CA VAL A 75 6.55 3.09 4.33
C VAL A 75 6.69 4.41 5.07
N SER A 76 7.78 5.12 4.82
CA SER A 76 8.01 6.41 5.43
C SER A 76 6.95 7.40 4.99
N LEU A 77 6.55 7.31 3.72
CA LEU A 77 5.52 8.18 3.18
C LEU A 77 4.23 8.00 3.95
N LEU A 78 3.81 6.73 4.06
CA LEU A 78 2.58 6.40 4.79
C LEU A 78 2.77 6.68 6.28
N ARG A 79 3.98 6.47 6.76
CA ARG A 79 4.31 6.70 8.16
C ARG A 79 4.33 8.20 8.47
N SER A 80 4.69 9.00 7.47
CA SER A 80 4.76 10.45 7.63
C SER A 80 3.36 11.03 7.86
N THR A 81 2.36 10.41 7.25
CA THR A 81 0.98 10.87 7.39
C THR A 81 0.60 11.00 8.86
N LYS A 82 -0.09 12.08 9.19
CA LYS A 82 -0.53 12.33 10.56
C LYS A 82 -2.01 12.02 10.73
N MET A 83 -2.50 12.11 11.96
CA MET A 83 -3.90 11.84 12.25
C MET A 83 -4.81 12.70 11.37
N GLU A 84 -5.98 12.17 11.01
CA GLU A 84 -6.92 12.90 10.18
C GLU A 84 -6.29 13.23 8.83
N GLY A 85 -6.35 12.26 7.91
CA GLY A 85 -5.77 12.46 6.59
C GLY A 85 -5.99 11.26 5.70
N THR A 86 -6.93 11.37 4.77
CA THR A 86 -7.24 10.29 3.86
C THR A 86 -6.12 10.08 2.85
N VAL A 87 -5.40 8.98 2.98
CA VAL A 87 -4.30 8.66 2.08
C VAL A 87 -4.77 7.75 0.96
N SER A 88 -4.70 8.24 -0.27
CA SER A 88 -5.11 7.46 -1.43
C SER A 88 -3.97 6.56 -1.91
N LEU A 89 -4.02 5.30 -1.51
CA LEU A 89 -2.99 4.35 -1.89
C LEU A 89 -3.40 3.55 -3.12
N LEU A 90 -2.58 3.63 -4.16
CA LEU A 90 -2.84 2.89 -5.40
C LEU A 90 -2.32 1.46 -5.28
N VAL A 91 -3.21 0.50 -5.47
CA VAL A 91 -2.82 -0.91 -5.36
C VAL A 91 -3.18 -1.68 -6.63
N PHE A 92 -2.57 -2.84 -6.80
CA PHE A 92 -2.82 -3.68 -7.96
C PHE A 92 -3.11 -5.12 -7.54
N ARG A 93 -4.22 -5.66 -8.01
CA ARG A 93 -4.60 -7.03 -7.68
C ARG A 93 -4.27 -7.99 -8.82
N GLN A 94 -3.89 -9.21 -8.47
CA GLN A 94 -3.55 -10.22 -9.45
C GLN A 94 -3.95 -11.61 -8.97
N GLU A 95 -4.91 -12.22 -9.66
CA GLU A 95 -5.39 -13.55 -9.29
C GLU A 95 -4.41 -14.62 -9.73
N GLU A 96 -4.62 -15.84 -9.26
CA GLU A 96 -3.75 -16.96 -9.59
C GLU A 96 -4.49 -17.98 -10.46
N ALA A 97 -4.08 -18.08 -11.73
CA ALA A 97 -4.70 -19.02 -12.65
C ALA A 97 -3.70 -19.49 -13.70
N LYS A 1 -0.55 -6.43 -22.30
CA LYS A 1 -1.87 -6.69 -21.73
C LYS A 1 -1.83 -7.92 -20.82
N ARG A 2 -1.35 -7.71 -19.59
CA ARG A 2 -1.25 -8.79 -18.61
C ARG A 2 -2.54 -8.89 -17.79
N VAL A 3 -2.60 -9.90 -16.93
CA VAL A 3 -3.77 -10.11 -16.08
C VAL A 3 -3.70 -9.24 -14.83
N GLY A 4 -4.86 -9.01 -14.23
CA GLY A 4 -4.93 -8.22 -13.02
C GLY A 4 -5.44 -6.81 -13.29
N LYS A 5 -6.12 -6.24 -12.30
CA LYS A 5 -6.65 -4.88 -12.42
C LYS A 5 -6.21 -4.02 -11.24
N ARG A 6 -6.00 -2.74 -11.50
CA ARG A 6 -5.57 -1.81 -10.45
C ARG A 6 -6.76 -1.20 -9.74
N LEU A 7 -6.60 -0.97 -8.43
CA LEU A 7 -7.67 -0.39 -7.63
C LEU A 7 -7.18 0.84 -6.85
N ASN A 8 -8.09 1.77 -6.61
CA ASN A 8 -7.76 2.99 -5.87
C ASN A 8 -8.40 2.95 -4.50
N ILE A 9 -7.57 2.95 -3.45
CA ILE A 9 -8.08 2.91 -2.08
C ILE A 9 -7.58 4.09 -1.26
N GLN A 10 -8.52 4.80 -0.64
CA GLN A 10 -8.20 5.94 0.20
C GLN A 10 -8.53 5.65 1.65
N LEU A 11 -7.54 5.76 2.53
CA LEU A 11 -7.75 5.49 3.95
C LEU A 11 -7.64 6.75 4.78
N LYS A 12 -8.66 6.99 5.60
CA LYS A 12 -8.70 8.15 6.47
C LYS A 12 -8.03 7.85 7.81
N LYS A 13 -6.92 8.53 8.08
CA LYS A 13 -6.20 8.32 9.33
C LYS A 13 -7.12 8.54 10.54
N GLY A 14 -6.90 7.75 11.58
CA GLY A 14 -7.72 7.88 12.79
C GLY A 14 -7.09 7.22 13.99
N THR A 15 -5.86 7.62 14.31
CA THR A 15 -5.15 7.07 15.46
C THR A 15 -5.20 5.55 15.48
N GLU A 16 -5.28 4.94 14.30
CA GLU A 16 -5.35 3.49 14.18
C GLU A 16 -4.59 3.01 12.95
N GLY A 17 -3.49 3.69 12.63
CA GLY A 17 -2.69 3.32 11.47
C GLY A 17 -3.53 3.24 10.21
N LEU A 18 -3.35 2.17 9.44
CA LEU A 18 -4.10 1.97 8.21
C LEU A 18 -4.56 0.53 8.05
N GLY A 19 -4.40 -0.27 9.11
CA GLY A 19 -4.81 -1.66 9.08
C GLY A 19 -4.21 -2.44 7.92
N PHE A 20 -3.11 -1.96 7.36
CA PHE A 20 -2.47 -2.65 6.26
C PHE A 20 -0.95 -2.54 6.34
N SER A 21 -0.29 -3.69 6.27
CA SER A 21 1.16 -3.73 6.32
C SER A 21 1.73 -4.17 4.97
N ILE A 22 2.76 -3.48 4.50
CA ILE A 22 3.34 -3.80 3.21
C ILE A 22 4.74 -4.39 3.34
N THR A 23 5.01 -5.39 2.52
CA THR A 23 6.32 -6.04 2.52
C THR A 23 7.15 -5.57 1.32
N SER A 24 8.44 -5.87 1.34
CA SER A 24 9.32 -5.47 0.25
C SER A 24 9.76 -6.67 -0.59
N ARG A 25 9.56 -6.58 -1.89
CA ARG A 25 9.94 -7.66 -2.80
C ARG A 25 11.43 -7.95 -2.72
N ASP A 26 12.19 -6.94 -2.30
CA ASP A 26 13.65 -7.08 -2.17
C ASP A 26 14.29 -7.37 -3.52
N VAL A 27 14.52 -6.30 -4.29
CA VAL A 27 15.13 -6.44 -5.60
C VAL A 27 16.59 -5.99 -5.58
N THR A 28 16.80 -4.70 -5.35
CA THR A 28 18.15 -4.14 -5.29
C THR A 28 18.29 -3.16 -4.13
N ILE A 29 19.52 -2.89 -3.75
CA ILE A 29 19.80 -1.97 -2.65
C ILE A 29 19.48 -0.54 -3.04
N GLY A 30 18.46 0.04 -2.38
CA GLY A 30 18.07 1.40 -2.66
C GLY A 30 17.79 1.64 -4.13
N GLY A 31 17.44 0.57 -4.84
CA GLY A 31 17.14 0.69 -6.26
C GLY A 31 15.66 0.68 -6.56
N SER A 32 15.25 -0.19 -7.48
CA SER A 32 13.85 -0.31 -7.85
C SER A 32 13.27 -1.62 -7.34
N ALA A 33 12.47 -1.53 -6.28
CA ALA A 33 11.84 -2.71 -5.69
C ALA A 33 10.34 -2.48 -5.49
N PRO A 34 9.50 -3.42 -5.98
CA PRO A 34 8.04 -3.30 -5.83
C PRO A 34 7.55 -3.64 -4.43
N ILE A 35 6.59 -2.87 -3.94
CA ILE A 35 6.03 -3.09 -2.61
C ILE A 35 4.63 -3.70 -2.69
N TYR A 36 4.35 -4.62 -1.78
CA TYR A 36 3.05 -5.28 -1.73
C TYR A 36 2.50 -5.29 -0.32
N VAL A 37 1.22 -5.61 -0.18
CA VAL A 37 0.58 -5.66 1.13
C VAL A 37 0.76 -7.04 1.75
N LYS A 38 1.74 -7.15 2.65
CA LYS A 38 2.03 -8.41 3.32
C LYS A 38 0.79 -8.97 4.02
N ASN A 39 -0.06 -8.08 4.50
CA ASN A 39 -1.27 -8.50 5.20
C ASN A 39 -2.10 -7.32 5.69
N ILE A 40 -3.41 -7.55 5.83
CA ILE A 40 -4.33 -6.53 6.32
C ILE A 40 -4.56 -6.70 7.82
N LEU A 41 -3.96 -5.83 8.60
CA LEU A 41 -4.08 -5.90 10.06
C LEU A 41 -5.55 -5.83 10.49
N PRO A 42 -5.87 -6.40 11.67
CA PRO A 42 -7.23 -6.43 12.19
C PRO A 42 -7.63 -5.16 12.95
N ARG A 43 -6.95 -4.06 12.65
CA ARG A 43 -7.26 -2.79 13.31
C ARG A 43 -6.74 -1.61 12.49
N GLY A 44 -7.61 -1.06 11.65
CA GLY A 44 -7.24 0.07 10.83
C GLY A 44 -8.37 0.53 9.92
N ALA A 45 -8.10 1.53 9.10
CA ALA A 45 -9.10 2.06 8.18
C ALA A 45 -9.32 1.14 6.99
N ALA A 46 -8.24 0.51 6.53
CA ALA A 46 -8.32 -0.40 5.39
C ALA A 46 -9.33 -1.51 5.62
N ILE A 47 -9.17 -2.25 6.72
CA ILE A 47 -10.07 -3.34 7.05
C ILE A 47 -11.53 -2.86 7.13
N GLN A 48 -11.73 -1.64 7.62
CA GLN A 48 -13.07 -1.09 7.73
C GLN A 48 -13.62 -0.74 6.35
N ASP A 49 -12.80 -0.08 5.55
CA ASP A 49 -13.19 0.32 4.20
C ASP A 49 -13.39 -0.91 3.31
N GLY A 50 -12.60 -1.95 3.56
CA GLY A 50 -12.71 -3.16 2.77
C GLY A 50 -12.39 -2.93 1.30
N ARG A 51 -11.52 -1.97 1.04
CA ARG A 51 -11.13 -1.65 -0.32
C ARG A 51 -9.81 -2.32 -0.69
N LEU A 52 -8.77 -2.00 0.07
CA LEU A 52 -7.44 -2.58 -0.18
C LEU A 52 -7.20 -3.77 0.75
N LYS A 53 -6.92 -4.92 0.15
CA LYS A 53 -6.67 -6.14 0.93
C LYS A 53 -5.20 -6.56 0.81
N ALA A 54 -4.91 -7.77 1.30
CA ALA A 54 -3.55 -8.30 1.25
C ALA A 54 -3.25 -8.90 -0.12
N GLY A 55 -1.97 -9.18 -0.38
CA GLY A 55 -1.58 -9.76 -1.64
C GLY A 55 -1.74 -8.78 -2.80
N ASP A 56 -1.93 -7.50 -2.47
CA ASP A 56 -2.10 -6.47 -3.49
C ASP A 56 -0.75 -5.86 -3.87
N ARG A 57 -0.71 -5.20 -5.02
CA ARG A 57 0.52 -4.57 -5.49
C ARG A 57 0.44 -3.06 -5.38
N LEU A 58 1.30 -2.48 -4.54
CA LEU A 58 1.34 -1.04 -4.34
C LEU A 58 1.96 -0.33 -5.55
N ILE A 59 1.12 0.38 -6.29
CA ILE A 59 1.57 1.09 -7.48
C ILE A 59 1.89 2.55 -7.15
N GLU A 60 1.21 3.10 -6.15
CA GLU A 60 1.43 4.49 -5.77
C GLU A 60 0.98 4.76 -4.34
N VAL A 61 1.43 5.89 -3.79
CA VAL A 61 1.08 6.29 -2.43
C VAL A 61 0.97 7.81 -2.32
N ASN A 62 -0.24 8.31 -2.13
CA ASN A 62 -0.47 9.74 -2.01
C ASN A 62 -0.05 10.47 -3.27
N GLY A 63 -0.15 9.80 -4.41
CA GLY A 63 0.21 10.41 -5.67
C GLY A 63 1.69 10.28 -5.98
N VAL A 64 2.38 9.40 -5.26
CA VAL A 64 3.82 9.19 -5.49
C VAL A 64 4.08 7.85 -6.15
N ASP A 65 5.13 7.81 -6.97
CA ASP A 65 5.51 6.59 -7.67
C ASP A 65 6.41 5.73 -6.78
N LEU A 66 5.94 4.53 -6.46
CA LEU A 66 6.71 3.61 -5.63
C LEU A 66 7.67 2.79 -6.49
N ALA A 67 7.98 3.28 -7.68
CA ALA A 67 8.89 2.59 -8.58
C ALA A 67 10.28 3.21 -8.53
N GLY A 68 11.08 2.78 -7.55
CA GLY A 68 12.42 3.31 -7.41
C GLY A 68 12.59 4.10 -6.13
N LYS A 69 11.73 3.82 -5.14
CA LYS A 69 11.79 4.51 -3.85
C LYS A 69 12.44 3.62 -2.79
N SER A 70 11.61 2.89 -2.04
CA SER A 70 12.09 1.99 -0.99
C SER A 70 10.93 1.62 -0.07
N GLN A 71 11.05 0.48 0.60
CA GLN A 71 10.01 0.03 1.50
C GLN A 71 9.95 0.95 2.71
N GLU A 72 11.08 1.11 3.37
CA GLU A 72 11.17 1.98 4.53
C GLU A 72 10.79 3.40 4.14
N GLU A 73 11.06 3.74 2.88
CA GLU A 73 10.73 5.05 2.36
C GLU A 73 9.22 5.17 2.20
N VAL A 74 8.65 4.21 1.47
CA VAL A 74 7.21 4.18 1.24
C VAL A 74 6.46 4.15 2.56
N VAL A 75 6.94 3.32 3.48
CA VAL A 75 6.33 3.22 4.80
C VAL A 75 6.47 4.54 5.55
N SER A 76 7.57 5.24 5.28
CA SER A 76 7.83 6.52 5.91
C SER A 76 6.80 7.55 5.48
N LEU A 77 6.33 7.43 4.24
CA LEU A 77 5.33 8.36 3.72
C LEU A 77 4.00 8.13 4.42
N LEU A 78 3.55 6.89 4.43
CA LEU A 78 2.30 6.53 5.08
C LEU A 78 2.39 6.71 6.59
N ARG A 79 3.56 6.40 7.15
CA ARG A 79 3.79 6.55 8.58
C ARG A 79 3.89 8.02 8.96
N SER A 80 4.39 8.84 8.04
CA SER A 80 4.55 10.27 8.28
C SER A 80 3.18 10.93 8.46
N THR A 81 2.18 10.37 7.81
CA THR A 81 0.82 10.91 7.89
C THR A 81 0.34 10.90 9.34
N LYS A 82 -0.28 12.00 9.75
CA LYS A 82 -0.79 12.13 11.11
C LYS A 82 -2.29 11.92 11.13
N MET A 83 -2.87 11.85 12.33
CA MET A 83 -4.31 11.64 12.48
C MET A 83 -5.08 12.61 11.59
N GLU A 84 -6.26 12.19 11.13
CA GLU A 84 -7.07 13.02 10.25
C GLU A 84 -6.30 13.33 8.98
N GLY A 85 -6.21 12.35 8.09
CA GLY A 85 -5.50 12.54 6.84
C GLY A 85 -5.71 11.36 5.91
N THR A 86 -6.52 11.58 4.89
CA THR A 86 -6.83 10.54 3.91
C THR A 86 -5.61 10.23 3.04
N VAL A 87 -5.01 9.08 3.26
CA VAL A 87 -3.85 8.65 2.48
C VAL A 87 -4.29 7.76 1.33
N SER A 88 -3.98 8.19 0.11
CA SER A 88 -4.36 7.43 -1.08
C SER A 88 -3.35 6.34 -1.38
N LEU A 89 -3.84 5.16 -1.72
CA LEU A 89 -2.98 4.03 -2.04
C LEU A 89 -3.49 3.26 -3.25
N LEU A 90 -2.80 3.42 -4.36
CA LEU A 90 -3.16 2.73 -5.60
C LEU A 90 -2.60 1.32 -5.60
N VAL A 91 -3.48 0.33 -5.49
CA VAL A 91 -3.06 -1.06 -5.46
C VAL A 91 -3.34 -1.76 -6.78
N PHE A 92 -2.82 -2.99 -6.90
CA PHE A 92 -3.02 -3.78 -8.12
C PHE A 92 -3.32 -5.23 -7.78
N ARG A 93 -4.50 -5.70 -8.18
CA ARG A 93 -4.90 -7.07 -7.92
C ARG A 93 -4.76 -7.93 -9.16
N GLN A 94 -3.76 -8.81 -9.16
CA GLN A 94 -3.52 -9.69 -10.29
C GLN A 94 -3.31 -11.13 -9.82
N GLU A 95 -3.85 -12.08 -10.58
CA GLU A 95 -3.71 -13.50 -10.24
C GLU A 95 -4.42 -14.38 -11.26
N GLU A 96 -3.72 -14.70 -12.35
CA GLU A 96 -4.29 -15.54 -13.39
C GLU A 96 -4.01 -17.01 -13.11
N ALA A 97 -2.90 -17.27 -12.40
CA ALA A 97 -2.51 -18.63 -12.06
C ALA A 97 -3.66 -19.38 -11.37
N LYS A 1 1.39 -14.69 -17.33
CA LYS A 1 1.50 -13.91 -16.10
C LYS A 1 1.60 -12.41 -16.41
N ARG A 2 0.96 -12.00 -17.49
CA ARG A 2 0.97 -10.60 -17.90
C ARG A 2 -0.42 -9.99 -17.79
N VAL A 3 -1.20 -10.48 -16.83
CA VAL A 3 -2.55 -9.99 -16.62
C VAL A 3 -2.65 -9.21 -15.30
N GLY A 4 -3.87 -8.93 -14.86
CA GLY A 4 -4.07 -8.21 -13.62
C GLY A 4 -4.75 -6.87 -13.83
N LYS A 5 -5.07 -6.19 -12.74
CA LYS A 5 -5.72 -4.89 -12.80
C LYS A 5 -5.36 -4.04 -11.59
N ARG A 6 -5.32 -2.73 -11.77
CA ARG A 6 -4.98 -1.80 -10.70
C ARG A 6 -6.23 -1.26 -10.02
N LEU A 7 -6.12 -0.96 -8.73
CA LEU A 7 -7.23 -0.43 -7.96
C LEU A 7 -6.82 0.81 -7.18
N ASN A 8 -7.79 1.65 -6.85
CA ASN A 8 -7.53 2.87 -6.09
C ASN A 8 -8.26 2.83 -4.76
N ILE A 9 -7.50 2.93 -3.66
CA ILE A 9 -8.09 2.90 -2.33
C ILE A 9 -7.62 4.08 -1.48
N GLN A 10 -8.57 4.70 -0.78
CA GLN A 10 -8.26 5.83 0.09
C GLN A 10 -8.60 5.49 1.53
N LEU A 11 -7.62 5.58 2.41
CA LEU A 11 -7.82 5.27 3.83
C LEU A 11 -7.73 6.51 4.69
N LYS A 12 -8.59 6.56 5.70
CA LYS A 12 -8.61 7.68 6.64
C LYS A 12 -7.60 7.45 7.75
N LYS A 13 -6.60 8.33 7.82
CA LYS A 13 -5.55 8.23 8.84
C LYS A 13 -6.15 8.06 10.23
N GLY A 14 -5.61 7.12 10.99
CA GLY A 14 -6.09 6.87 12.34
C GLY A 14 -4.97 6.66 13.33
N THR A 15 -5.32 6.49 14.59
CA THR A 15 -4.32 6.28 15.65
C THR A 15 -3.69 4.90 15.52
N GLU A 16 -4.50 3.90 15.20
CA GLU A 16 -4.02 2.54 15.05
C GLU A 16 -3.53 2.28 13.62
N GLY A 17 -2.57 3.09 13.19
CA GLY A 17 -2.02 2.95 11.85
C GLY A 17 -3.07 3.06 10.78
N LEU A 18 -2.92 2.27 9.71
CA LEU A 18 -3.86 2.29 8.61
C LEU A 18 -4.67 0.99 8.54
N GLY A 19 -4.10 -0.08 9.09
CA GLY A 19 -4.80 -1.36 9.09
C GLY A 19 -4.26 -2.33 8.06
N PHE A 20 -3.09 -2.04 7.51
CA PHE A 20 -2.50 -2.91 6.51
C PHE A 20 -0.98 -2.88 6.58
N SER A 21 -0.37 -4.06 6.50
CA SER A 21 1.07 -4.19 6.53
C SER A 21 1.59 -4.51 5.13
N ILE A 22 2.63 -3.82 4.71
CA ILE A 22 3.19 -4.04 3.37
C ILE A 22 4.56 -4.69 3.42
N THR A 23 4.75 -5.62 2.49
CA THR A 23 6.03 -6.32 2.37
C THR A 23 6.83 -5.73 1.21
N SER A 24 8.09 -6.12 1.10
CA SER A 24 8.94 -5.61 0.03
C SER A 24 9.74 -6.73 -0.62
N ARG A 25 9.64 -6.81 -1.95
CA ARG A 25 10.36 -7.83 -2.70
C ARG A 25 11.87 -7.57 -2.66
N ASP A 26 12.23 -6.29 -2.56
CA ASP A 26 13.64 -5.89 -2.51
C ASP A 26 14.40 -6.36 -3.74
N VAL A 27 14.16 -5.70 -4.87
CA VAL A 27 14.83 -6.03 -6.10
C VAL A 27 16.30 -5.66 -6.04
N THR A 28 16.57 -4.43 -5.63
CA THR A 28 17.93 -3.94 -5.52
C THR A 28 18.10 -3.05 -4.30
N ILE A 29 19.35 -2.86 -3.88
CA ILE A 29 19.66 -2.05 -2.72
C ILE A 29 19.41 -0.57 -3.01
N GLY A 30 18.48 0.03 -2.28
CA GLY A 30 18.17 1.43 -2.47
C GLY A 30 17.80 1.75 -3.90
N GLY A 31 17.26 0.76 -4.60
CA GLY A 31 16.86 0.97 -5.99
C GLY A 31 15.36 0.90 -6.18
N SER A 32 14.93 0.17 -7.19
CA SER A 32 13.50 0.02 -7.47
C SER A 32 12.99 -1.34 -7.01
N ALA A 33 12.24 -1.33 -5.91
CA ALA A 33 11.68 -2.56 -5.36
C ALA A 33 10.18 -2.43 -5.17
N PRO A 34 9.39 -3.37 -5.73
CA PRO A 34 7.92 -3.35 -5.62
C PRO A 34 7.43 -3.70 -4.22
N ILE A 35 6.46 -2.93 -3.74
CA ILE A 35 5.89 -3.16 -2.41
C ILE A 35 4.54 -3.85 -2.52
N TYR A 36 4.28 -4.80 -1.62
CA TYR A 36 3.02 -5.52 -1.61
C TYR A 36 2.38 -5.49 -0.22
N VAL A 37 1.17 -6.02 -0.12
CA VAL A 37 0.45 -6.06 1.14
C VAL A 37 0.69 -7.38 1.87
N LYS A 38 1.62 -7.36 2.82
CA LYS A 38 1.96 -8.55 3.59
C LYS A 38 0.74 -9.10 4.31
N ASN A 39 -0.15 -8.21 4.73
CA ASN A 39 -1.37 -8.62 5.44
C ASN A 39 -2.20 -7.43 5.91
N ILE A 40 -3.50 -7.66 6.05
CA ILE A 40 -4.43 -6.63 6.50
C ILE A 40 -4.83 -6.90 7.95
N LEU A 41 -4.73 -5.87 8.79
CA LEU A 41 -5.06 -6.01 10.20
C LEU A 41 -6.55 -5.75 10.45
N PRO A 42 -7.21 -6.61 11.25
CA PRO A 42 -8.64 -6.49 11.57
C PRO A 42 -8.98 -5.19 12.33
N ARG A 43 -7.96 -4.52 12.85
CA ARG A 43 -8.18 -3.29 13.59
C ARG A 43 -7.46 -2.12 12.95
N GLY A 44 -8.02 -1.64 11.84
CA GLY A 44 -7.43 -0.52 11.13
C GLY A 44 -8.40 0.17 10.19
N ALA A 45 -7.89 1.17 9.46
CA ALA A 45 -8.72 1.91 8.52
C ALA A 45 -9.00 1.13 7.24
N ALA A 46 -7.97 0.51 6.69
CA ALA A 46 -8.11 -0.25 5.45
C ALA A 46 -9.18 -1.32 5.58
N ILE A 47 -9.05 -2.18 6.58
CA ILE A 47 -10.01 -3.26 6.78
C ILE A 47 -11.42 -2.74 7.04
N GLN A 48 -11.53 -1.64 7.79
CA GLN A 48 -12.84 -1.08 8.08
C GLN A 48 -13.43 -0.43 6.83
N ASP A 49 -12.56 0.12 5.98
CA ASP A 49 -13.00 0.75 4.75
C ASP A 49 -13.47 -0.29 3.75
N GLY A 50 -12.83 -1.45 3.77
CA GLY A 50 -13.21 -2.52 2.86
C GLY A 50 -12.96 -2.15 1.42
N ARG A 51 -11.70 -1.88 1.09
CA ARG A 51 -11.33 -1.51 -0.27
C ARG A 51 -10.02 -2.17 -0.69
N LEU A 52 -9.01 -2.09 0.18
CA LEU A 52 -7.72 -2.68 -0.10
C LEU A 52 -7.46 -3.90 0.78
N LYS A 53 -7.24 -5.05 0.16
CA LYS A 53 -6.98 -6.27 0.88
C LYS A 53 -5.53 -6.69 0.76
N ALA A 54 -5.22 -7.90 1.22
CA ALA A 54 -3.87 -8.42 1.17
C ALA A 54 -3.55 -8.99 -0.22
N GLY A 55 -2.26 -9.19 -0.49
CA GLY A 55 -1.86 -9.73 -1.78
C GLY A 55 -1.86 -8.67 -2.88
N ASP A 56 -1.97 -7.41 -2.49
CA ASP A 56 -1.97 -6.32 -3.46
C ASP A 56 -0.58 -5.71 -3.60
N ARG A 57 -0.33 -5.03 -4.72
CA ARG A 57 0.97 -4.41 -4.96
C ARG A 57 0.83 -2.89 -5.03
N LEU A 58 1.57 -2.20 -4.16
CA LEU A 58 1.54 -0.75 -4.12
C LEU A 58 2.21 -0.14 -5.34
N ILE A 59 1.42 0.51 -6.17
CA ILE A 59 1.92 1.14 -7.39
C ILE A 59 2.12 2.63 -7.19
N GLU A 60 1.33 3.22 -6.28
CA GLU A 60 1.44 4.65 -6.01
C GLU A 60 0.83 5.00 -4.66
N VAL A 61 1.48 5.92 -3.94
CA VAL A 61 1.02 6.36 -2.64
C VAL A 61 0.89 7.88 -2.59
N ASN A 62 -0.29 8.37 -2.21
CA ASN A 62 -0.53 9.81 -2.12
C ASN A 62 -0.12 10.52 -3.41
N GLY A 63 -0.22 9.80 -4.52
CA GLY A 63 0.15 10.37 -5.81
C GLY A 63 1.64 10.28 -6.10
N VAL A 64 2.33 9.40 -5.38
CA VAL A 64 3.77 9.23 -5.56
C VAL A 64 4.07 7.91 -6.26
N ASP A 65 5.08 7.93 -7.13
CA ASP A 65 5.48 6.72 -7.85
C ASP A 65 6.32 5.83 -6.95
N LEU A 66 5.76 4.69 -6.57
CA LEU A 66 6.46 3.74 -5.72
C LEU A 66 7.24 2.73 -6.55
N ALA A 67 7.62 3.13 -7.77
CA ALA A 67 8.38 2.26 -8.64
C ALA A 67 9.85 2.63 -8.65
N GLY A 68 10.33 3.10 -7.50
CA GLY A 68 11.72 3.49 -7.37
C GLY A 68 12.01 4.15 -6.04
N LYS A 69 11.44 3.61 -4.97
CA LYS A 69 11.63 4.15 -3.63
C LYS A 69 12.22 3.09 -2.69
N SER A 70 11.42 2.60 -1.75
CA SER A 70 11.89 1.58 -0.80
C SER A 70 10.78 1.25 0.20
N GLN A 71 10.99 0.19 0.97
CA GLN A 71 10.01 -0.22 1.96
C GLN A 71 9.93 0.80 3.08
N GLU A 72 11.08 1.09 3.67
CA GLU A 72 11.16 2.07 4.73
C GLU A 72 10.81 3.44 4.18
N GLU A 73 11.12 3.64 2.90
CA GLU A 73 10.82 4.91 2.24
C GLU A 73 9.32 5.03 2.06
N VAL A 74 8.71 3.99 1.50
CA VAL A 74 7.27 3.95 1.29
C VAL A 74 6.54 4.10 2.61
N VAL A 75 6.92 3.31 3.59
CA VAL A 75 6.31 3.35 4.91
C VAL A 75 6.54 4.72 5.54
N SER A 76 7.68 5.32 5.21
CA SER A 76 8.02 6.64 5.73
C SER A 76 7.03 7.69 5.26
N LEU A 77 6.58 7.56 4.00
CA LEU A 77 5.62 8.50 3.44
C LEU A 77 4.29 8.38 4.16
N LEU A 78 3.78 7.17 4.24
CA LEU A 78 2.50 6.91 4.91
C LEU A 78 2.63 7.16 6.41
N ARG A 79 3.83 6.97 6.95
CA ARG A 79 4.08 7.18 8.37
C ARG A 79 4.06 8.67 8.69
N SER A 80 4.47 9.49 7.71
CA SER A 80 4.51 10.94 7.88
C SER A 80 3.10 11.50 8.01
N THR A 81 2.16 10.85 7.34
CA THR A 81 0.77 11.28 7.36
C THR A 81 0.27 11.43 8.80
N LYS A 82 -0.48 12.49 9.05
CA LYS A 82 -1.01 12.75 10.39
C LYS A 82 -2.49 12.41 10.45
N MET A 83 -2.99 12.15 11.66
CA MET A 83 -4.40 11.81 11.85
C MET A 83 -5.29 12.80 11.09
N GLU A 84 -6.54 12.43 10.87
CA GLU A 84 -7.47 13.29 10.14
C GLU A 84 -6.88 13.65 8.78
N GLY A 85 -6.66 12.62 7.96
CA GLY A 85 -6.09 12.83 6.65
C GLY A 85 -6.12 11.55 5.84
N THR A 86 -7.02 11.50 4.86
CA THR A 86 -7.17 10.32 4.02
C THR A 86 -5.97 10.14 3.11
N VAL A 87 -5.27 9.02 3.29
CA VAL A 87 -4.09 8.71 2.48
C VAL A 87 -4.48 7.83 1.29
N SER A 88 -4.12 8.26 0.09
CA SER A 88 -4.44 7.50 -1.11
C SER A 88 -3.40 6.42 -1.36
N LEU A 89 -3.86 5.23 -1.72
CA LEU A 89 -2.98 4.11 -1.99
C LEU A 89 -3.42 3.33 -3.22
N LEU A 90 -2.67 3.48 -4.31
CA LEU A 90 -2.99 2.77 -5.54
C LEU A 90 -2.36 1.38 -5.51
N VAL A 91 -3.20 0.36 -5.43
CA VAL A 91 -2.72 -1.01 -5.38
C VAL A 91 -2.97 -1.74 -6.70
N PHE A 92 -2.42 -2.94 -6.80
CA PHE A 92 -2.58 -3.75 -8.01
C PHE A 92 -3.02 -5.18 -7.64
N ARG A 93 -4.16 -5.58 -8.16
CA ARG A 93 -4.70 -6.91 -7.89
C ARG A 93 -4.59 -7.81 -9.12
N GLN A 94 -4.34 -9.09 -8.88
CA GLN A 94 -4.21 -10.06 -9.97
C GLN A 94 -5.57 -10.66 -10.32
N GLU A 95 -5.70 -11.16 -11.55
CA GLU A 95 -6.94 -11.76 -12.00
C GLU A 95 -7.25 -13.05 -11.22
N GLU A 96 -8.31 -13.73 -11.62
CA GLU A 96 -8.69 -14.98 -10.97
C GLU A 96 -7.68 -16.09 -11.26
N ALA A 97 -6.49 -15.96 -10.66
CA ALA A 97 -5.44 -16.95 -10.85
C ALA A 97 -5.66 -18.18 -9.97
N LYS A 1 -0.90 -15.34 -21.37
CA LYS A 1 -1.63 -14.09 -21.17
C LYS A 1 -1.41 -13.57 -19.75
N ARG A 2 -1.46 -12.25 -19.60
CA ARG A 2 -1.27 -11.62 -18.30
C ARG A 2 -2.57 -10.98 -17.82
N VAL A 3 -2.91 -11.22 -16.55
CA VAL A 3 -4.12 -10.67 -15.97
C VAL A 3 -3.79 -9.69 -14.83
N GLY A 4 -4.78 -9.38 -14.01
CA GLY A 4 -4.55 -8.47 -12.90
C GLY A 4 -4.90 -7.04 -13.25
N LYS A 5 -5.22 -6.24 -12.24
CA LYS A 5 -5.57 -4.85 -12.44
C LYS A 5 -5.17 -4.00 -11.22
N ARG A 6 -5.19 -2.69 -11.39
CA ARG A 6 -4.83 -1.78 -10.31
C ARG A 6 -6.06 -1.05 -9.77
N LEU A 7 -6.16 -0.96 -8.45
CA LEU A 7 -7.29 -0.28 -7.82
C LEU A 7 -6.83 0.92 -7.01
N ASN A 8 -7.74 1.87 -6.81
CA ASN A 8 -7.43 3.08 -6.05
C ASN A 8 -8.15 3.05 -4.71
N ILE A 9 -7.39 2.94 -3.63
CA ILE A 9 -7.97 2.88 -2.29
C ILE A 9 -7.58 4.08 -1.44
N GLN A 10 -8.58 4.73 -0.86
CA GLN A 10 -8.36 5.89 -0.01
C GLN A 10 -8.70 5.55 1.43
N LEU A 11 -7.72 5.64 2.31
CA LEU A 11 -7.93 5.32 3.73
C LEU A 11 -7.82 6.57 4.60
N LYS A 12 -8.80 6.72 5.48
CA LYS A 12 -8.85 7.85 6.39
C LYS A 12 -7.93 7.61 7.58
N LYS A 13 -6.91 8.46 7.72
CA LYS A 13 -5.96 8.34 8.82
C LYS A 13 -6.67 8.41 10.17
N GLY A 14 -6.28 7.54 11.09
CA GLY A 14 -6.88 7.52 12.41
C GLY A 14 -5.86 7.42 13.51
N THR A 15 -6.14 6.58 14.51
CA THR A 15 -5.24 6.39 15.63
C THR A 15 -4.52 5.05 15.53
N GLU A 16 -5.19 4.07 14.93
CA GLU A 16 -4.60 2.74 14.78
C GLU A 16 -3.92 2.60 13.42
N GLY A 17 -3.02 3.52 13.12
CA GLY A 17 -2.31 3.48 11.85
C GLY A 17 -3.24 3.50 10.66
N LEU A 18 -3.03 2.58 9.72
CA LEU A 18 -3.87 2.51 8.53
C LEU A 18 -4.66 1.21 8.50
N GLY A 19 -4.05 0.14 9.03
CA GLY A 19 -4.71 -1.14 9.06
C GLY A 19 -4.07 -2.15 8.14
N PHE A 20 -2.85 -1.87 7.67
CA PHE A 20 -2.16 -2.79 6.77
C PHE A 20 -0.65 -2.54 6.78
N SER A 21 0.10 -3.63 6.80
CA SER A 21 1.55 -3.55 6.78
C SER A 21 2.07 -3.98 5.41
N ILE A 22 3.01 -3.22 4.85
CA ILE A 22 3.53 -3.53 3.54
C ILE A 22 4.90 -4.20 3.59
N THR A 23 5.08 -5.14 2.67
CA THR A 23 6.35 -5.86 2.54
C THR A 23 7.09 -5.39 1.30
N SER A 24 8.34 -5.83 1.15
CA SER A 24 9.14 -5.44 -0.01
C SER A 24 9.74 -6.67 -0.70
N ARG A 25 9.55 -6.76 -2.00
CA ARG A 25 10.07 -7.88 -2.77
C ARG A 25 11.60 -7.84 -2.83
N ASP A 26 12.17 -6.64 -2.74
CA ASP A 26 13.60 -6.46 -2.78
C ASP A 26 14.18 -6.94 -4.10
N VAL A 27 13.60 -6.45 -5.20
CA VAL A 27 14.05 -6.82 -6.54
C VAL A 27 15.51 -6.43 -6.75
N THR A 28 15.73 -5.16 -7.08
CA THR A 28 17.07 -4.64 -7.31
C THR A 28 17.60 -3.90 -6.10
N ILE A 29 18.77 -4.29 -5.62
CA ILE A 29 19.39 -3.64 -4.48
C ILE A 29 19.58 -2.15 -4.72
N GLY A 30 19.14 -1.34 -3.76
CA GLY A 30 19.27 0.10 -3.88
C GLY A 30 17.99 0.84 -3.51
N GLY A 31 17.16 1.10 -4.51
CA GLY A 31 15.91 1.79 -4.25
C GLY A 31 14.84 1.47 -5.27
N SER A 32 14.98 0.33 -5.94
CA SER A 32 14.01 -0.10 -6.95
C SER A 32 13.47 -1.48 -6.63
N ALA A 33 12.24 -1.52 -6.12
CA ALA A 33 11.59 -2.78 -5.77
C ALA A 33 10.10 -2.57 -5.53
N PRO A 34 9.27 -3.53 -5.98
CA PRO A 34 7.81 -3.43 -5.81
C PRO A 34 7.35 -3.76 -4.39
N ILE A 35 6.49 -2.90 -3.85
CA ILE A 35 5.97 -3.08 -2.50
C ILE A 35 4.62 -3.81 -2.53
N TYR A 36 4.41 -4.67 -1.53
CA TYR A 36 3.17 -5.42 -1.43
C TYR A 36 2.58 -5.33 -0.03
N VAL A 37 1.39 -5.89 0.15
CA VAL A 37 0.73 -5.85 1.46
C VAL A 37 1.10 -7.08 2.29
N LYS A 38 2.02 -6.88 3.23
CA LYS A 38 2.47 -7.96 4.10
C LYS A 38 1.31 -8.54 4.91
N ASN A 39 0.34 -7.68 5.22
CA ASN A 39 -0.82 -8.13 6.00
C ASN A 39 -1.86 -7.02 6.16
N ILE A 40 -3.12 -7.43 6.28
CA ILE A 40 -4.23 -6.50 6.46
C ILE A 40 -4.82 -6.64 7.87
N LEU A 41 -4.39 -5.77 8.77
CA LEU A 41 -4.85 -5.80 10.16
C LEU A 41 -6.38 -5.76 10.24
N PRO A 42 -6.97 -6.51 11.19
CA PRO A 42 -8.42 -6.57 11.38
C PRO A 42 -9.00 -5.31 12.00
N ARG A 43 -8.16 -4.57 12.73
CA ARG A 43 -8.60 -3.34 13.39
C ARG A 43 -7.90 -2.13 12.78
N GLY A 44 -8.27 -1.80 11.56
CA GLY A 44 -7.66 -0.67 10.89
C GLY A 44 -8.60 0.00 9.90
N ALA A 45 -8.12 1.05 9.24
CA ALA A 45 -8.93 1.77 8.27
C ALA A 45 -9.05 1.01 6.95
N ALA A 46 -7.97 0.37 6.54
CA ALA A 46 -7.96 -0.39 5.29
C ALA A 46 -9.03 -1.47 5.30
N ILE A 47 -8.99 -2.35 6.29
CA ILE A 47 -9.96 -3.41 6.40
C ILE A 47 -11.36 -2.86 6.60
N GLN A 48 -11.45 -1.80 7.39
CA GLN A 48 -12.71 -1.17 7.69
C GLN A 48 -13.29 -0.52 6.43
N ASP A 49 -12.41 0.00 5.58
CA ASP A 49 -12.83 0.64 4.35
C ASP A 49 -13.33 -0.40 3.34
N GLY A 50 -12.72 -1.58 3.38
CA GLY A 50 -13.11 -2.65 2.48
C GLY A 50 -12.78 -2.33 1.04
N ARG A 51 -11.51 -2.02 0.78
CA ARG A 51 -11.06 -1.69 -0.57
C ARG A 51 -9.71 -2.32 -0.88
N LEU A 52 -8.76 -2.15 0.03
CA LEU A 52 -7.42 -2.70 -0.16
C LEU A 52 -7.21 -3.92 0.75
N LYS A 53 -6.93 -5.06 0.13
CA LYS A 53 -6.72 -6.29 0.86
C LYS A 53 -5.26 -6.73 0.77
N ALA A 54 -4.98 -7.95 1.20
CA ALA A 54 -3.62 -8.47 1.17
C ALA A 54 -3.26 -8.95 -0.23
N GLY A 55 -2.02 -9.42 -0.40
CA GLY A 55 -1.58 -9.90 -1.69
C GLY A 55 -1.66 -8.83 -2.76
N ASP A 56 -1.71 -7.57 -2.34
CA ASP A 56 -1.79 -6.45 -3.28
C ASP A 56 -0.42 -5.81 -3.46
N ARG A 57 -0.20 -5.23 -4.64
CA ARG A 57 1.07 -4.58 -4.94
C ARG A 57 0.92 -3.06 -4.97
N LEU A 58 1.60 -2.39 -4.06
CA LEU A 58 1.56 -0.93 -3.97
C LEU A 58 2.22 -0.29 -5.18
N ILE A 59 1.44 0.50 -5.91
CA ILE A 59 1.95 1.19 -7.09
C ILE A 59 2.17 2.67 -6.79
N GLU A 60 1.40 3.19 -5.84
CA GLU A 60 1.51 4.61 -5.46
C GLU A 60 0.97 4.86 -4.06
N VAL A 61 1.49 5.90 -3.42
CA VAL A 61 1.07 6.27 -2.07
C VAL A 61 0.93 7.79 -1.96
N ASN A 62 -0.25 8.24 -1.54
CA ASN A 62 -0.51 9.68 -1.39
C ASN A 62 -0.25 10.40 -2.71
N GLY A 63 -0.47 9.71 -3.82
CA GLY A 63 -0.25 10.31 -5.12
C GLY A 63 1.22 10.28 -5.55
N VAL A 64 2.00 9.47 -4.86
CA VAL A 64 3.43 9.35 -5.17
C VAL A 64 3.75 8.00 -5.81
N ASP A 65 4.76 8.00 -6.67
CA ASP A 65 5.18 6.78 -7.34
C ASP A 65 6.21 6.04 -6.50
N LEU A 66 5.85 4.82 -6.08
CA LEU A 66 6.75 4.01 -5.26
C LEU A 66 7.66 3.14 -6.14
N ALA A 67 7.80 3.52 -7.40
CA ALA A 67 8.64 2.77 -8.32
C ALA A 67 10.04 3.37 -8.39
N GLY A 68 10.82 3.16 -7.32
CA GLY A 68 12.16 3.68 -7.27
C GLY A 68 12.44 4.47 -6.01
N LYS A 69 11.91 3.99 -4.89
CA LYS A 69 12.09 4.66 -3.60
C LYS A 69 12.69 3.71 -2.57
N SER A 70 11.83 3.00 -1.83
CA SER A 70 12.27 2.06 -0.82
C SER A 70 11.10 1.63 0.06
N GLN A 71 11.26 0.51 0.76
CA GLN A 71 10.20 0.01 1.63
C GLN A 71 10.05 0.93 2.83
N GLU A 72 11.15 1.16 3.53
CA GLU A 72 11.15 2.03 4.68
C GLU A 72 10.80 3.45 4.25
N GLU A 73 11.19 3.79 3.01
CA GLU A 73 10.90 5.11 2.47
C GLU A 73 9.40 5.22 2.19
N VAL A 74 8.87 4.23 1.49
CA VAL A 74 7.45 4.20 1.16
C VAL A 74 6.62 4.22 2.44
N VAL A 75 6.99 3.37 3.39
CA VAL A 75 6.29 3.30 4.67
C VAL A 75 6.41 4.63 5.39
N SER A 76 7.53 5.31 5.19
CA SER A 76 7.76 6.60 5.80
C SER A 76 6.76 7.63 5.29
N LEU A 77 6.39 7.50 4.02
CA LEU A 77 5.43 8.42 3.42
C LEU A 77 4.05 8.22 4.04
N LEU A 78 3.59 6.97 4.05
CA LEU A 78 2.29 6.64 4.62
C LEU A 78 2.31 6.83 6.14
N ARG A 79 3.47 6.59 6.74
CA ARG A 79 3.62 6.75 8.18
C ARG A 79 3.63 8.22 8.56
N SER A 80 4.13 9.06 7.65
CA SER A 80 4.21 10.50 7.90
C SER A 80 2.82 11.10 8.12
N THR A 81 1.84 10.59 7.40
CA THR A 81 0.47 11.07 7.52
C THR A 81 0.03 11.11 8.98
N LYS A 82 -0.55 12.22 9.39
CA LYS A 82 -1.01 12.38 10.77
C LYS A 82 -2.51 12.11 10.86
N MET A 83 -3.06 12.27 12.06
CA MET A 83 -4.49 12.05 12.28
C MET A 83 -5.31 12.92 11.33
N GLU A 84 -6.45 12.40 10.88
CA GLU A 84 -7.31 13.12 9.96
C GLU A 84 -6.56 13.42 8.66
N GLY A 85 -6.56 12.46 7.75
CA GLY A 85 -5.87 12.61 6.48
C GLY A 85 -6.02 11.39 5.61
N THR A 86 -6.86 11.50 4.59
CA THR A 86 -7.10 10.40 3.67
C THR A 86 -5.88 10.14 2.79
N VAL A 87 -5.24 9.00 3.01
CA VAL A 87 -4.07 8.61 2.24
C VAL A 87 -4.48 7.71 1.07
N SER A 88 -4.32 8.22 -0.15
CA SER A 88 -4.68 7.47 -1.35
C SER A 88 -3.55 6.55 -1.77
N LEU A 89 -3.81 5.24 -1.75
CA LEU A 89 -2.81 4.26 -2.14
C LEU A 89 -3.33 3.38 -3.28
N LEU A 90 -2.67 3.47 -4.43
CA LEU A 90 -3.05 2.68 -5.59
C LEU A 90 -2.39 1.31 -5.54
N VAL A 91 -3.19 0.27 -5.32
CA VAL A 91 -2.68 -1.09 -5.24
C VAL A 91 -3.01 -1.88 -6.50
N PHE A 92 -2.44 -3.07 -6.61
CA PHE A 92 -2.69 -3.92 -7.77
C PHE A 92 -3.20 -5.29 -7.33
N ARG A 93 -4.43 -5.61 -7.70
CA ARG A 93 -5.04 -6.88 -7.34
C ARG A 93 -4.90 -7.89 -8.48
N GLN A 94 -4.73 -9.16 -8.11
CA GLN A 94 -4.60 -10.22 -9.11
C GLN A 94 -5.79 -11.18 -9.03
N GLU A 95 -6.24 -11.64 -10.19
CA GLU A 95 -7.37 -12.55 -10.26
C GLU A 95 -6.91 -13.97 -10.63
N GLU A 96 -7.73 -14.96 -10.32
CA GLU A 96 -7.40 -16.34 -10.62
C GLU A 96 -8.09 -16.80 -11.91
N ALA A 97 -8.21 -15.89 -12.85
CA ALA A 97 -8.85 -16.19 -14.13
C ALA A 97 -10.30 -16.63 -13.92
N LYS A 1 2.81 -11.46 -22.56
CA LYS A 1 1.52 -11.90 -22.05
C LYS A 1 1.39 -11.58 -20.55
N ARG A 2 0.67 -10.52 -20.24
CA ARG A 2 0.47 -10.11 -18.86
C ARG A 2 -0.95 -9.58 -18.64
N VAL A 3 -1.54 -9.94 -17.50
CA VAL A 3 -2.89 -9.51 -17.18
C VAL A 3 -2.97 -8.95 -15.76
N GLY A 4 -4.01 -8.18 -15.48
CA GLY A 4 -4.18 -7.59 -14.16
C GLY A 4 -4.91 -6.27 -14.20
N LYS A 5 -5.39 -5.83 -13.03
CA LYS A 5 -6.11 -4.57 -12.93
C LYS A 5 -5.71 -3.82 -11.66
N ARG A 6 -5.65 -2.50 -11.75
CA ARG A 6 -5.26 -1.67 -10.62
C ARG A 6 -6.49 -1.02 -9.97
N LEU A 7 -6.39 -0.74 -8.68
CA LEU A 7 -7.49 -0.12 -7.94
C LEU A 7 -6.98 1.02 -7.06
N ASN A 8 -7.87 1.96 -6.77
CA ASN A 8 -7.53 3.10 -5.93
C ASN A 8 -8.21 2.98 -4.58
N ILE A 9 -7.42 2.98 -3.50
CA ILE A 9 -7.96 2.87 -2.16
C ILE A 9 -7.36 3.90 -1.21
N GLN A 10 -8.20 4.78 -0.69
CA GLN A 10 -7.77 5.80 0.25
C GLN A 10 -8.22 5.44 1.65
N LEU A 11 -7.38 5.73 2.64
CA LEU A 11 -7.70 5.40 4.02
C LEU A 11 -7.59 6.61 4.93
N LYS A 12 -8.68 6.87 5.65
CA LYS A 12 -8.73 7.99 6.59
C LYS A 12 -7.94 7.66 7.85
N LYS A 13 -6.79 8.32 8.02
CA LYS A 13 -5.95 8.10 9.18
C LYS A 13 -6.76 8.21 10.48
N GLY A 14 -6.50 7.29 11.40
CA GLY A 14 -7.23 7.30 12.67
C GLY A 14 -6.37 6.88 13.84
N THR A 15 -5.17 7.44 13.93
CA THR A 15 -4.25 7.14 15.03
C THR A 15 -3.71 5.71 14.94
N GLU A 16 -4.62 4.73 14.95
CA GLU A 16 -4.22 3.32 14.88
C GLU A 16 -3.73 2.96 13.48
N GLY A 17 -2.71 3.69 13.01
CA GLY A 17 -2.16 3.42 11.70
C GLY A 17 -3.22 3.35 10.62
N LEU A 18 -3.11 2.34 9.76
CA LEU A 18 -4.07 2.16 8.67
C LEU A 18 -4.75 0.80 8.77
N GLY A 19 -4.05 -0.18 9.31
CA GLY A 19 -4.62 -1.52 9.45
C GLY A 19 -4.04 -2.51 8.47
N PHE A 20 -2.91 -2.18 7.86
CA PHE A 20 -2.28 -3.07 6.90
C PHE A 20 -0.77 -2.86 6.84
N SER A 21 -0.03 -3.95 6.81
CA SER A 21 1.42 -3.90 6.73
C SER A 21 1.88 -4.28 5.32
N ILE A 22 2.80 -3.51 4.77
CA ILE A 22 3.29 -3.76 3.43
C ILE A 22 4.69 -4.36 3.42
N THR A 23 4.88 -5.30 2.51
CA THR A 23 6.17 -5.96 2.35
C THR A 23 6.85 -5.48 1.07
N SER A 24 8.10 -5.86 0.87
CA SER A 24 8.83 -5.46 -0.32
C SER A 24 9.56 -6.64 -0.94
N ARG A 25 9.62 -6.66 -2.27
CA ARG A 25 10.30 -7.74 -2.99
C ARG A 25 11.72 -7.94 -2.48
N ASP A 26 12.30 -6.88 -1.91
CA ASP A 26 13.66 -6.94 -1.38
C ASP A 26 14.66 -7.21 -2.49
N VAL A 27 14.46 -6.59 -3.65
CA VAL A 27 15.36 -6.77 -4.78
C VAL A 27 16.70 -6.10 -4.52
N THR A 28 16.65 -4.87 -4.03
CA THR A 28 17.85 -4.10 -3.72
C THR A 28 17.53 -2.94 -2.82
N ILE A 29 18.58 -2.27 -2.35
CA ILE A 29 18.43 -1.11 -1.47
C ILE A 29 18.10 0.15 -2.25
N GLY A 30 19.06 0.59 -3.04
CA GLY A 30 18.86 1.79 -3.85
C GLY A 30 18.59 1.47 -5.31
N GLY A 31 17.35 1.04 -5.58
CA GLY A 31 16.98 0.71 -6.94
C GLY A 31 15.48 0.78 -7.17
N SER A 32 14.90 -0.33 -7.63
CA SER A 32 13.48 -0.39 -7.89
C SER A 32 12.89 -1.69 -7.37
N ALA A 33 12.15 -1.61 -6.26
CA ALA A 33 11.53 -2.78 -5.66
C ALA A 33 10.03 -2.57 -5.47
N PRO A 34 9.19 -3.48 -5.99
CA PRO A 34 7.74 -3.37 -5.86
C PRO A 34 7.26 -3.67 -4.45
N ILE A 35 6.32 -2.86 -3.97
CA ILE A 35 5.77 -3.03 -2.63
C ILE A 35 4.46 -3.83 -2.67
N TYR A 36 4.18 -4.54 -1.58
CA TYR A 36 2.96 -5.34 -1.49
C TYR A 36 2.39 -5.29 -0.08
N VAL A 37 1.22 -5.89 0.11
CA VAL A 37 0.58 -5.92 1.42
C VAL A 37 0.88 -7.22 2.14
N LYS A 38 1.85 -7.17 3.06
CA LYS A 38 2.25 -8.34 3.82
C LYS A 38 1.05 -8.95 4.54
N ASN A 39 0.11 -8.10 4.94
CA ASN A 39 -1.09 -8.57 5.63
C ASN A 39 -2.03 -7.42 5.98
N ILE A 40 -3.32 -7.73 6.04
CA ILE A 40 -4.34 -6.74 6.38
C ILE A 40 -4.78 -6.90 7.83
N LEU A 41 -4.18 -6.11 8.71
CA LEU A 41 -4.49 -6.17 10.13
C LEU A 41 -5.99 -6.02 10.38
N PRO A 42 -6.51 -6.67 11.45
CA PRO A 42 -7.92 -6.63 11.79
C PRO A 42 -8.31 -5.40 12.63
N ARG A 43 -7.59 -4.30 12.45
CA ARG A 43 -7.87 -3.07 13.19
C ARG A 43 -7.29 -1.86 12.46
N GLY A 44 -8.08 -1.27 11.58
CA GLY A 44 -7.62 -0.11 10.84
C GLY A 44 -8.66 0.41 9.87
N ALA A 45 -8.28 1.39 9.06
CA ALA A 45 -9.19 1.99 8.09
C ALA A 45 -9.40 1.10 6.88
N ALA A 46 -8.33 0.46 6.41
CA ALA A 46 -8.42 -0.41 5.24
C ALA A 46 -9.47 -1.51 5.41
N ILE A 47 -9.36 -2.28 6.47
CA ILE A 47 -10.29 -3.36 6.72
C ILE A 47 -11.73 -2.85 6.87
N GLN A 48 -11.91 -1.72 7.55
CA GLN A 48 -13.24 -1.16 7.73
C GLN A 48 -13.77 -0.59 6.42
N ASP A 49 -12.86 -0.05 5.61
CA ASP A 49 -13.24 0.52 4.32
C ASP A 49 -13.62 -0.59 3.34
N GLY A 50 -12.96 -1.74 3.46
CA GLY A 50 -13.23 -2.86 2.57
C GLY A 50 -12.95 -2.53 1.13
N ARG A 51 -11.70 -2.18 0.83
CA ARG A 51 -11.31 -1.83 -0.54
C ARG A 51 -9.96 -2.44 -0.90
N LEU A 52 -9.01 -2.36 0.01
CA LEU A 52 -7.68 -2.90 -0.23
C LEU A 52 -7.41 -4.11 0.68
N LYS A 53 -7.15 -5.25 0.07
CA LYS A 53 -6.87 -6.47 0.80
C LYS A 53 -5.41 -6.87 0.68
N ALA A 54 -5.08 -8.07 1.14
CA ALA A 54 -3.71 -8.56 1.09
C ALA A 54 -3.39 -9.15 -0.29
N GLY A 55 -2.11 -9.20 -0.63
CA GLY A 55 -1.70 -9.73 -1.91
C GLY A 55 -1.61 -8.67 -2.99
N ASP A 56 -2.10 -7.47 -2.69
CA ASP A 56 -2.07 -6.37 -3.64
C ASP A 56 -0.72 -5.64 -3.59
N ARG A 57 -0.35 -5.01 -4.70
CA ARG A 57 0.91 -4.27 -4.76
C ARG A 57 0.65 -2.76 -4.86
N LEU A 58 1.39 -1.99 -4.07
CA LEU A 58 1.25 -0.54 -4.06
C LEU A 58 1.95 0.09 -5.26
N ILE A 59 1.17 0.69 -6.15
CA ILE A 59 1.71 1.35 -7.32
C ILE A 59 2.13 2.78 -6.98
N GLU A 60 1.46 3.38 -6.00
CA GLU A 60 1.76 4.74 -5.60
C GLU A 60 1.05 5.10 -4.29
N VAL A 61 1.63 6.06 -3.56
CA VAL A 61 1.06 6.50 -2.30
C VAL A 61 0.89 8.02 -2.30
N ASN A 62 -0.32 8.48 -1.98
CA ASN A 62 -0.61 9.91 -1.96
C ASN A 62 -0.30 10.55 -3.31
N GLY A 63 -0.42 9.76 -4.37
CA GLY A 63 -0.15 10.26 -5.70
C GLY A 63 1.31 10.15 -6.09
N VAL A 64 2.10 9.46 -5.27
CA VAL A 64 3.52 9.29 -5.55
C VAL A 64 3.83 7.86 -5.99
N ASP A 65 4.33 7.72 -7.20
CA ASP A 65 4.69 6.40 -7.73
C ASP A 65 5.85 5.83 -6.92
N LEU A 66 5.61 4.69 -6.28
CA LEU A 66 6.63 4.04 -5.48
C LEU A 66 7.54 3.16 -6.34
N ALA A 67 7.53 3.41 -7.65
CA ALA A 67 8.36 2.65 -8.56
C ALA A 67 9.79 3.18 -8.58
N GLY A 68 10.61 2.71 -7.64
CA GLY A 68 11.99 3.17 -7.57
C GLY A 68 12.31 3.84 -6.24
N LYS A 69 11.46 3.63 -5.24
CA LYS A 69 11.66 4.22 -3.93
C LYS A 69 12.31 3.22 -2.97
N SER A 70 11.49 2.56 -2.14
CA SER A 70 12.00 1.59 -1.17
C SER A 70 10.92 1.23 -0.15
N GLN A 71 11.16 0.19 0.63
CA GLN A 71 10.21 -0.23 1.66
C GLN A 71 10.16 0.82 2.75
N GLU A 72 11.31 1.13 3.31
CA GLU A 72 11.40 2.13 4.36
C GLU A 72 10.98 3.48 3.81
N GLU A 73 11.23 3.69 2.52
CA GLU A 73 10.86 4.93 1.87
C GLU A 73 9.34 5.00 1.74
N VAL A 74 8.77 3.94 1.17
CA VAL A 74 7.33 3.85 1.01
C VAL A 74 6.62 3.96 2.35
N VAL A 75 7.09 3.17 3.31
CA VAL A 75 6.51 3.18 4.64
C VAL A 75 6.69 4.55 5.28
N SER A 76 7.78 5.22 4.94
CA SER A 76 8.06 6.55 5.48
C SER A 76 7.00 7.54 5.03
N LEU A 77 6.53 7.39 3.79
CA LEU A 77 5.50 8.28 3.26
C LEU A 77 4.19 8.08 4.00
N LEU A 78 3.74 6.84 4.08
CA LEU A 78 2.49 6.53 4.77
C LEU A 78 2.60 6.82 6.27
N ARG A 79 3.81 6.65 6.82
CA ARG A 79 4.03 6.91 8.23
C ARG A 79 4.00 8.41 8.51
N SER A 80 4.42 9.20 7.53
CA SER A 80 4.44 10.66 7.67
C SER A 80 3.05 11.19 7.98
N THR A 81 2.04 10.57 7.41
CA THR A 81 0.65 10.98 7.63
C THR A 81 0.30 10.91 9.10
N LYS A 82 -0.30 11.97 9.60
CA LYS A 82 -0.70 12.04 11.01
C LYS A 82 -2.21 11.86 11.15
N MET A 83 -2.71 11.96 12.37
CA MET A 83 -4.14 11.82 12.63
C MET A 83 -4.94 12.70 11.69
N GLU A 84 -6.08 12.19 11.22
CA GLU A 84 -6.93 12.95 10.31
C GLU A 84 -6.18 13.25 9.02
N GLY A 85 -6.15 12.27 8.13
CA GLY A 85 -5.46 12.42 6.85
C GLY A 85 -5.67 11.23 5.95
N THR A 86 -6.53 11.39 4.96
CA THR A 86 -6.83 10.31 4.03
C THR A 86 -5.65 10.03 3.10
N VAL A 87 -5.04 8.87 3.27
CA VAL A 87 -3.91 8.47 2.44
C VAL A 87 -4.39 7.63 1.26
N SER A 88 -4.26 8.17 0.06
CA SER A 88 -4.69 7.46 -1.14
C SER A 88 -3.60 6.51 -1.63
N LEU A 89 -3.88 5.22 -1.55
CA LEU A 89 -2.92 4.20 -1.97
C LEU A 89 -3.44 3.42 -3.17
N LEU A 90 -2.83 3.64 -4.32
CA LEU A 90 -3.21 2.93 -5.54
C LEU A 90 -2.59 1.54 -5.55
N VAL A 91 -3.44 0.52 -5.48
CA VAL A 91 -2.97 -0.85 -5.47
C VAL A 91 -3.20 -1.53 -6.82
N PHE A 92 -2.66 -2.74 -6.96
CA PHE A 92 -2.81 -3.50 -8.19
C PHE A 92 -2.92 -4.99 -7.88
N ARG A 93 -3.96 -5.63 -8.43
CA ARG A 93 -4.18 -7.04 -8.21
C ARG A 93 -4.34 -7.78 -9.54
N GLN A 94 -3.82 -9.01 -9.60
CA GLN A 94 -3.91 -9.81 -10.81
C GLN A 94 -5.35 -10.18 -11.12
N GLU A 95 -5.65 -10.35 -12.41
CA GLU A 95 -7.00 -10.69 -12.84
C GLU A 95 -7.21 -12.21 -12.79
N GLU A 96 -8.46 -12.63 -12.88
CA GLU A 96 -8.80 -14.05 -12.85
C GLU A 96 -8.53 -14.70 -14.20
N ALA A 97 -7.25 -14.89 -14.52
CA ALA A 97 -6.87 -15.49 -15.79
C ALA A 97 -6.48 -16.96 -15.59
N LYS A 1 3.22 -7.33 -18.99
CA LYS A 1 3.53 -8.67 -18.53
C LYS A 1 2.42 -9.21 -17.62
N ARG A 2 1.82 -10.33 -18.03
CA ARG A 2 0.75 -10.94 -17.26
C ARG A 2 -0.44 -9.99 -17.11
N VAL A 3 -1.57 -10.52 -16.67
CA VAL A 3 -2.77 -9.72 -16.49
C VAL A 3 -2.87 -9.17 -15.07
N GLY A 4 -3.67 -8.12 -14.90
CA GLY A 4 -3.83 -7.51 -13.59
C GLY A 4 -4.58 -6.20 -13.65
N LYS A 5 -5.32 -5.89 -12.59
CA LYS A 5 -6.08 -4.65 -12.52
C LYS A 5 -5.64 -3.81 -11.33
N ARG A 6 -5.43 -2.51 -11.56
CA ARG A 6 -5.01 -1.61 -10.50
C ARG A 6 -6.22 -1.03 -9.76
N LEU A 7 -6.19 -1.15 -8.44
CA LEU A 7 -7.29 -0.64 -7.61
C LEU A 7 -6.88 0.63 -6.87
N ASN A 8 -7.83 1.56 -6.74
CA ASN A 8 -7.57 2.81 -6.05
C ASN A 8 -8.27 2.81 -4.68
N ILE A 9 -7.49 2.97 -3.61
CA ILE A 9 -8.04 2.97 -2.27
C ILE A 9 -7.59 4.18 -1.47
N GLN A 10 -8.45 4.62 -0.55
CA GLN A 10 -8.14 5.77 0.30
C GLN A 10 -8.47 5.44 1.75
N LEU A 11 -7.66 5.96 2.67
CA LEU A 11 -7.87 5.70 4.09
C LEU A 11 -7.69 6.93 4.96
N LYS A 12 -8.77 7.36 5.60
CA LYS A 12 -8.74 8.52 6.48
C LYS A 12 -8.01 8.17 7.78
N LYS A 13 -6.78 8.63 7.90
CA LYS A 13 -5.98 8.36 9.10
C LYS A 13 -6.70 8.83 10.36
N GLY A 14 -6.65 8.00 11.40
CA GLY A 14 -7.31 8.34 12.65
C GLY A 14 -6.60 7.74 13.85
N THR A 15 -6.55 6.42 13.91
CA THR A 15 -5.90 5.72 15.01
C THR A 15 -5.48 4.31 14.60
N GLU A 16 -4.55 3.73 15.36
CA GLU A 16 -4.06 2.39 15.07
C GLU A 16 -3.42 2.33 13.69
N GLY A 17 -2.44 3.20 13.45
CA GLY A 17 -1.78 3.23 12.17
C GLY A 17 -2.73 3.43 11.01
N LEU A 18 -2.65 2.56 10.01
CA LEU A 18 -3.52 2.66 8.85
C LEU A 18 -4.40 1.41 8.73
N GLY A 19 -3.85 0.27 9.13
CA GLY A 19 -4.60 -0.97 9.07
C GLY A 19 -4.04 -1.95 8.06
N PHE A 20 -2.80 -1.75 7.65
CA PHE A 20 -2.17 -2.65 6.68
C PHE A 20 -0.66 -2.49 6.69
N SER A 21 0.04 -3.62 6.69
CA SER A 21 1.50 -3.62 6.67
C SER A 21 2.00 -4.01 5.29
N ILE A 22 2.98 -3.28 4.78
CA ILE A 22 3.52 -3.57 3.46
C ILE A 22 4.89 -4.20 3.53
N THR A 23 5.12 -5.17 2.66
CA THR A 23 6.39 -5.87 2.58
C THR A 23 7.13 -5.47 1.31
N SER A 24 8.40 -5.84 1.23
CA SER A 24 9.22 -5.52 0.07
C SER A 24 9.57 -6.77 -0.73
N ARG A 25 9.45 -6.70 -2.05
CA ARG A 25 9.76 -7.83 -2.91
C ARG A 25 11.21 -8.28 -2.74
N ASP A 26 12.04 -7.41 -2.16
CA ASP A 26 13.45 -7.73 -1.95
C ASP A 26 14.18 -7.92 -3.28
N VAL A 27 14.04 -6.93 -4.16
CA VAL A 27 14.67 -6.97 -5.47
C VAL A 27 16.09 -6.40 -5.41
N THR A 28 16.19 -5.11 -5.15
CA THR A 28 17.47 -4.43 -5.07
C THR A 28 17.71 -3.88 -3.67
N ILE A 29 18.98 -3.68 -3.33
CA ILE A 29 19.34 -3.15 -2.02
C ILE A 29 18.92 -1.69 -1.88
N GLY A 30 17.61 -1.45 -1.89
CA GLY A 30 17.11 -0.10 -1.77
C GLY A 30 17.20 0.68 -3.06
N GLY A 31 17.15 -0.03 -4.18
CA GLY A 31 17.24 0.60 -5.48
C GLY A 31 16.16 0.14 -6.44
N SER A 32 14.92 0.56 -6.16
CA SER A 32 13.78 0.18 -7.00
C SER A 32 13.31 -1.24 -6.68
N ALA A 33 12.20 -1.34 -5.97
CA ALA A 33 11.65 -2.63 -5.59
C ALA A 33 10.14 -2.52 -5.35
N PRO A 34 9.33 -3.35 -6.04
CA PRO A 34 7.86 -3.32 -5.89
C PRO A 34 7.41 -3.74 -4.50
N ILE A 35 6.46 -2.98 -3.94
CA ILE A 35 5.94 -3.26 -2.60
C ILE A 35 4.60 -3.98 -2.68
N TYR A 36 4.35 -4.88 -1.73
CA TYR A 36 3.10 -5.64 -1.68
C TYR A 36 2.56 -5.70 -0.26
N VAL A 37 1.23 -5.63 -0.13
CA VAL A 37 0.60 -5.70 1.18
C VAL A 37 0.92 -7.00 1.89
N LYS A 38 1.87 -6.94 2.81
CA LYS A 38 2.29 -8.11 3.57
C LYS A 38 1.10 -8.75 4.27
N ASN A 39 0.16 -7.93 4.71
CA ASN A 39 -1.03 -8.42 5.40
C ASN A 39 -1.90 -7.29 5.94
N ILE A 40 -3.21 -7.52 5.96
CA ILE A 40 -4.16 -6.54 6.47
C ILE A 40 -4.50 -6.87 7.92
N LEU A 41 -4.55 -5.84 8.76
CA LEU A 41 -4.84 -6.04 10.18
C LEU A 41 -6.34 -5.90 10.47
N PRO A 42 -6.91 -6.86 11.22
CA PRO A 42 -8.34 -6.86 11.57
C PRO A 42 -8.79 -5.55 12.21
N ARG A 43 -7.89 -4.90 12.92
CA ARG A 43 -8.20 -3.64 13.58
C ARG A 43 -7.51 -2.47 12.89
N GLY A 44 -7.96 -2.17 11.68
CA GLY A 44 -7.37 -1.08 10.93
C GLY A 44 -8.39 -0.38 10.05
N ALA A 45 -7.96 0.71 9.41
CA ALA A 45 -8.85 1.47 8.54
C ALA A 45 -9.08 0.75 7.21
N ALA A 46 -8.01 0.20 6.66
CA ALA A 46 -8.10 -0.52 5.39
C ALA A 46 -9.09 -1.68 5.46
N ILE A 47 -8.94 -2.53 6.47
CA ILE A 47 -9.81 -3.67 6.63
C ILE A 47 -11.27 -3.25 6.85
N GLN A 48 -11.49 -2.19 7.62
CA GLN A 48 -12.85 -1.72 7.87
C GLN A 48 -13.43 -1.08 6.61
N ASP A 49 -12.58 -0.46 5.81
CA ASP A 49 -13.01 0.18 4.58
C ASP A 49 -13.40 -0.87 3.53
N GLY A 50 -12.70 -2.00 3.56
CA GLY A 50 -13.00 -3.06 2.61
C GLY A 50 -12.62 -2.68 1.20
N ARG A 51 -11.56 -1.89 1.05
CA ARG A 51 -11.09 -1.45 -0.26
C ARG A 51 -9.81 -2.16 -0.65
N LEU A 52 -8.74 -1.90 0.10
CA LEU A 52 -7.44 -2.52 -0.16
C LEU A 52 -7.22 -3.72 0.76
N LYS A 53 -7.00 -4.88 0.15
CA LYS A 53 -6.77 -6.11 0.91
C LYS A 53 -5.31 -6.51 0.86
N ALA A 54 -5.02 -7.72 1.36
CA ALA A 54 -3.66 -8.23 1.37
C ALA A 54 -3.29 -8.86 0.03
N GLY A 55 -2.00 -8.90 -0.27
CA GLY A 55 -1.54 -9.48 -1.52
C GLY A 55 -1.43 -8.45 -2.63
N ASP A 56 -2.08 -7.31 -2.45
CA ASP A 56 -2.04 -6.24 -3.44
C ASP A 56 -0.63 -5.68 -3.58
N ARG A 57 -0.38 -4.99 -4.69
CA ARG A 57 0.93 -4.41 -4.95
C ARG A 57 0.85 -2.88 -5.06
N LEU A 58 1.42 -2.20 -4.07
CA LEU A 58 1.42 -0.74 -4.04
C LEU A 58 2.10 -0.15 -5.27
N ILE A 59 1.38 0.72 -5.97
CA ILE A 59 1.92 1.37 -7.15
C ILE A 59 2.08 2.87 -6.91
N GLU A 60 1.26 3.42 -6.02
CA GLU A 60 1.32 4.85 -5.72
C GLU A 60 0.79 5.14 -4.32
N VAL A 61 1.24 6.26 -3.75
CA VAL A 61 0.82 6.68 -2.43
C VAL A 61 0.75 8.21 -2.34
N ASN A 62 -0.43 8.72 -2.04
CA ASN A 62 -0.62 10.18 -1.94
C ASN A 62 -0.30 10.86 -3.26
N GLY A 63 -0.53 10.14 -4.37
CA GLY A 63 -0.25 10.70 -5.68
C GLY A 63 1.21 10.60 -6.07
N VAL A 64 1.97 9.79 -5.33
CA VAL A 64 3.38 9.62 -5.61
C VAL A 64 3.66 8.24 -6.19
N ASP A 65 4.68 8.15 -7.03
CA ASP A 65 5.06 6.89 -7.65
C ASP A 65 6.03 6.12 -6.75
N LEU A 66 5.64 4.92 -6.34
CA LEU A 66 6.48 4.09 -5.48
C LEU A 66 7.43 3.24 -6.30
N ALA A 67 7.61 3.60 -7.57
CA ALA A 67 8.49 2.85 -8.45
C ALA A 67 9.87 3.49 -8.51
N GLY A 68 10.86 2.81 -7.92
CA GLY A 68 12.21 3.33 -7.89
C GLY A 68 12.47 4.20 -6.68
N LYS A 69 11.72 3.98 -5.61
CA LYS A 69 11.87 4.75 -4.39
C LYS A 69 12.51 3.92 -3.29
N SER A 70 11.68 3.20 -2.53
CA SER A 70 12.17 2.36 -1.44
C SER A 70 11.01 1.92 -0.54
N GLN A 71 11.19 0.79 0.13
CA GLN A 71 10.15 0.28 1.03
C GLN A 71 10.03 1.19 2.25
N GLU A 72 11.16 1.40 2.91
CA GLU A 72 11.18 2.28 4.08
C GLU A 72 10.78 3.69 3.67
N GLU A 73 11.12 4.04 2.44
CA GLU A 73 10.78 5.36 1.92
C GLU A 73 9.28 5.46 1.71
N VAL A 74 8.74 4.48 0.99
CA VAL A 74 7.31 4.43 0.72
C VAL A 74 6.52 4.40 2.02
N VAL A 75 6.96 3.53 2.93
CA VAL A 75 6.32 3.42 4.24
C VAL A 75 6.43 4.74 4.99
N SER A 76 7.53 5.45 4.76
CA SER A 76 7.76 6.74 5.39
C SER A 76 6.71 7.74 4.93
N LEU A 77 6.28 7.61 3.68
CA LEU A 77 5.28 8.51 3.12
C LEU A 77 3.94 8.28 3.81
N LEU A 78 3.51 7.03 3.84
CA LEU A 78 2.25 6.68 4.49
C LEU A 78 2.34 6.86 6.00
N ARG A 79 3.56 6.69 6.53
CA ARG A 79 3.78 6.86 7.96
C ARG A 79 3.73 8.34 8.34
N SER A 80 4.12 9.19 7.40
CA SER A 80 4.14 10.64 7.63
C SER A 80 2.73 11.18 7.92
N THR A 81 1.74 10.67 7.20
CA THR A 81 0.36 11.12 7.38
C THR A 81 0.01 11.18 8.87
N LYS A 82 -0.49 12.33 9.31
CA LYS A 82 -0.86 12.52 10.71
C LYS A 82 -2.15 11.78 11.05
N MET A 83 -2.59 11.90 12.30
CA MET A 83 -3.82 11.24 12.74
C MET A 83 -5.05 12.00 12.23
N GLU A 84 -5.13 12.14 10.91
CA GLU A 84 -6.24 12.83 10.25
C GLU A 84 -5.82 13.25 8.85
N GLY A 85 -5.87 12.29 7.93
CA GLY A 85 -5.48 12.55 6.57
C GLY A 85 -5.70 11.34 5.70
N THR A 86 -6.63 11.46 4.78
CA THR A 86 -6.97 10.37 3.87
C THR A 86 -5.82 10.09 2.90
N VAL A 87 -5.15 8.96 3.12
CA VAL A 87 -4.03 8.57 2.27
C VAL A 87 -4.51 7.65 1.15
N SER A 88 -4.45 8.16 -0.07
CA SER A 88 -4.89 7.39 -1.23
C SER A 88 -3.76 6.51 -1.73
N LEU A 89 -3.94 5.19 -1.63
CA LEU A 89 -2.94 4.24 -2.07
C LEU A 89 -3.44 3.41 -3.24
N LEU A 90 -2.77 3.52 -4.38
CA LEU A 90 -3.15 2.77 -5.57
C LEU A 90 -2.49 1.39 -5.54
N VAL A 91 -3.31 0.35 -5.47
CA VAL A 91 -2.80 -1.01 -5.42
C VAL A 91 -2.98 -1.72 -6.76
N PHE A 92 -2.33 -2.87 -6.90
CA PHE A 92 -2.40 -3.65 -8.13
C PHE A 92 -2.76 -5.10 -7.82
N ARG A 93 -3.91 -5.55 -8.32
CA ARG A 93 -4.36 -6.90 -8.10
C ARG A 93 -4.14 -7.76 -9.35
N GLN A 94 -3.12 -8.62 -9.30
CA GLN A 94 -2.81 -9.48 -10.43
C GLN A 94 -3.83 -10.60 -10.56
N GLU A 95 -4.21 -10.90 -11.79
CA GLU A 95 -5.19 -11.95 -12.07
C GLU A 95 -4.52 -13.16 -12.70
N GLU A 96 -4.44 -14.26 -11.95
CA GLU A 96 -3.83 -15.48 -12.45
C GLU A 96 -4.74 -16.18 -13.46
N ALA A 97 -5.92 -16.58 -13.01
CA ALA A 97 -6.87 -17.27 -13.88
C ALA A 97 -8.25 -17.32 -13.24
N LYS A 1 -1.73 -11.04 -22.14
CA LYS A 1 -2.11 -9.76 -22.72
C LYS A 1 -3.08 -9.02 -21.82
N ARG A 2 -2.60 -7.98 -21.15
CA ARG A 2 -3.44 -7.20 -20.24
C ARG A 2 -4.01 -8.07 -19.13
N VAL A 3 -3.18 -8.37 -18.14
CA VAL A 3 -3.60 -9.20 -17.02
C VAL A 3 -3.64 -8.39 -15.72
N GLY A 4 -4.38 -8.89 -14.74
CA GLY A 4 -4.50 -8.20 -13.47
C GLY A 4 -5.16 -6.84 -13.60
N LYS A 5 -5.69 -6.34 -12.49
CA LYS A 5 -6.34 -5.03 -12.49
C LYS A 5 -5.91 -4.21 -11.28
N ARG A 6 -5.80 -2.90 -11.47
CA ARG A 6 -5.39 -2.00 -10.39
C ARG A 6 -6.60 -1.34 -9.74
N LEU A 7 -6.55 -1.19 -8.42
CA LEU A 7 -7.65 -0.57 -7.69
C LEU A 7 -7.17 0.67 -6.93
N ASN A 8 -8.10 1.58 -6.65
CA ASN A 8 -7.78 2.80 -5.91
C ASN A 8 -8.39 2.75 -4.51
N ILE A 9 -7.57 3.05 -3.50
CA ILE A 9 -8.05 3.01 -2.12
C ILE A 9 -7.56 4.20 -1.32
N GLN A 10 -8.50 4.91 -0.69
CA GLN A 10 -8.16 6.07 0.14
C GLN A 10 -8.59 5.79 1.58
N LEU A 11 -7.65 5.91 2.51
CA LEU A 11 -7.94 5.65 3.91
C LEU A 11 -7.79 6.91 4.76
N LYS A 12 -8.80 7.17 5.58
CA LYS A 12 -8.79 8.33 6.46
C LYS A 12 -8.05 8.00 7.76
N LYS A 13 -6.89 8.64 7.95
CA LYS A 13 -6.09 8.41 9.14
C LYS A 13 -6.93 8.52 10.42
N GLY A 14 -7.08 7.40 11.11
CA GLY A 14 -7.86 7.39 12.33
C GLY A 14 -7.24 6.48 13.38
N THR A 15 -6.05 6.83 13.85
CA THR A 15 -5.33 6.05 14.86
C THR A 15 -5.30 4.56 14.49
N GLU A 16 -4.71 3.76 15.36
CA GLU A 16 -4.61 2.32 15.14
C GLU A 16 -3.94 2.03 13.79
N GLY A 17 -2.98 2.87 13.42
CA GLY A 17 -2.27 2.69 12.17
C GLY A 17 -3.18 2.89 10.97
N LEU A 18 -2.91 2.16 9.89
CA LEU A 18 -3.70 2.26 8.67
C LEU A 18 -4.55 1.02 8.48
N GLY A 19 -4.04 -0.11 8.93
CA GLY A 19 -4.76 -1.37 8.81
C GLY A 19 -4.12 -2.33 7.84
N PHE A 20 -2.90 -2.03 7.42
CA PHE A 20 -2.19 -2.90 6.48
C PHE A 20 -0.69 -2.63 6.48
N SER A 21 0.10 -3.69 6.51
CA SER A 21 1.55 -3.58 6.50
C SER A 21 2.08 -4.01 5.14
N ILE A 22 3.01 -3.22 4.60
CA ILE A 22 3.58 -3.52 3.29
C ILE A 22 4.92 -4.21 3.40
N THR A 23 5.13 -5.18 2.52
CA THR A 23 6.38 -5.92 2.48
C THR A 23 7.21 -5.49 1.28
N SER A 24 8.47 -5.88 1.25
CA SER A 24 9.36 -5.53 0.16
C SER A 24 9.93 -6.77 -0.52
N ARG A 25 9.72 -6.87 -1.82
CA ARG A 25 10.21 -8.02 -2.59
C ARG A 25 11.73 -8.17 -2.46
N ASP A 26 12.40 -7.07 -2.18
CA ASP A 26 13.85 -7.07 -2.02
C ASP A 26 14.53 -7.51 -3.32
N VAL A 27 14.43 -6.68 -4.35
CA VAL A 27 15.04 -6.96 -5.63
C VAL A 27 16.42 -6.33 -5.75
N THR A 28 16.50 -5.06 -5.35
CA THR A 28 17.75 -4.32 -5.40
C THR A 28 18.09 -3.73 -4.04
N ILE A 29 19.32 -3.24 -3.91
CA ILE A 29 19.77 -2.64 -2.66
C ILE A 29 18.90 -1.46 -2.26
N GLY A 30 18.96 -0.40 -3.06
CA GLY A 30 18.17 0.78 -2.77
C GLY A 30 17.71 1.49 -4.04
N GLY A 31 17.14 0.75 -4.96
CA GLY A 31 16.68 1.32 -6.21
C GLY A 31 15.17 1.27 -6.35
N SER A 32 14.69 0.32 -7.16
CA SER A 32 13.26 0.16 -7.37
C SER A 32 12.82 -1.28 -7.09
N ALA A 33 12.15 -1.49 -5.96
CA ALA A 33 11.69 -2.81 -5.59
C ALA A 33 10.16 -2.85 -5.46
N PRO A 34 9.52 -3.92 -5.94
CA PRO A 34 8.06 -4.07 -5.88
C PRO A 34 7.54 -4.19 -4.45
N ILE A 35 6.66 -3.26 -4.08
CA ILE A 35 6.08 -3.26 -2.74
C ILE A 35 4.69 -3.87 -2.76
N TYR A 36 4.42 -4.74 -1.79
CA TYR A 36 3.12 -5.40 -1.69
C TYR A 36 2.57 -5.32 -0.27
N VAL A 37 1.32 -5.78 -0.11
CA VAL A 37 0.67 -5.76 1.20
C VAL A 37 1.02 -7.03 1.99
N LYS A 38 1.98 -6.91 2.89
CA LYS A 38 2.40 -8.04 3.71
C LYS A 38 1.23 -8.62 4.50
N ASN A 39 0.30 -7.75 4.89
CA ASN A 39 -0.86 -8.20 5.65
C ASN A 39 -1.85 -7.05 5.92
N ILE A 40 -3.12 -7.41 6.05
CA ILE A 40 -4.17 -6.44 6.32
C ILE A 40 -4.64 -6.57 7.76
N LEU A 41 -4.15 -5.67 8.62
CA LEU A 41 -4.51 -5.70 10.03
C LEU A 41 -6.02 -5.65 10.23
N PRO A 42 -6.54 -6.37 11.24
CA PRO A 42 -7.98 -6.42 11.54
C PRO A 42 -8.49 -5.15 12.21
N ARG A 43 -7.60 -4.37 12.80
CA ARG A 43 -7.98 -3.14 13.47
C ARG A 43 -7.37 -1.92 12.79
N GLY A 44 -7.88 -1.60 11.61
CA GLY A 44 -7.39 -0.46 10.87
C GLY A 44 -8.43 0.16 9.97
N ALA A 45 -8.05 1.21 9.26
CA ALA A 45 -8.97 1.90 8.36
C ALA A 45 -9.19 1.12 7.08
N ALA A 46 -8.12 0.53 6.55
CA ALA A 46 -8.21 -0.25 5.32
C ALA A 46 -9.24 -1.36 5.43
N ILE A 47 -9.09 -2.21 6.44
CA ILE A 47 -10.02 -3.32 6.64
C ILE A 47 -11.44 -2.84 6.89
N GLN A 48 -11.60 -1.78 7.68
CA GLN A 48 -12.93 -1.26 7.98
C GLN A 48 -13.52 -0.55 6.76
N ASP A 49 -12.64 0.04 5.94
CA ASP A 49 -13.08 0.74 4.75
C ASP A 49 -13.56 -0.25 3.69
N GLY A 50 -12.91 -1.42 3.65
CA GLY A 50 -13.29 -2.43 2.68
C GLY A 50 -12.93 -2.02 1.26
N ARG A 51 -11.63 -1.83 1.01
CA ARG A 51 -11.16 -1.44 -0.31
C ARG A 51 -9.89 -2.18 -0.69
N LEU A 52 -8.80 -1.90 0.03
CA LEU A 52 -7.52 -2.53 -0.25
C LEU A 52 -7.32 -3.76 0.65
N LYS A 53 -7.03 -4.90 0.02
CA LYS A 53 -6.82 -6.14 0.73
C LYS A 53 -5.36 -6.58 0.66
N ALA A 54 -5.09 -7.81 1.08
CA ALA A 54 -3.73 -8.34 1.06
C ALA A 54 -3.36 -8.85 -0.33
N GLY A 55 -2.09 -9.21 -0.52
CA GLY A 55 -1.63 -9.70 -1.79
C GLY A 55 -1.75 -8.66 -2.90
N ASP A 56 -1.72 -7.38 -2.51
CA ASP A 56 -1.83 -6.29 -3.46
C ASP A 56 -0.46 -5.66 -3.72
N ARG A 57 -0.31 -5.00 -4.86
CA ARG A 57 0.94 -4.34 -5.21
C ARG A 57 0.77 -2.83 -5.29
N LEU A 58 1.43 -2.12 -4.37
CA LEU A 58 1.36 -0.66 -4.32
C LEU A 58 1.91 -0.03 -5.59
N ILE A 59 1.05 0.69 -6.29
CA ILE A 59 1.43 1.38 -7.52
C ILE A 59 1.89 2.79 -7.22
N GLU A 60 1.35 3.37 -6.14
CA GLU A 60 1.71 4.72 -5.74
C GLU A 60 0.99 5.12 -4.45
N VAL A 61 1.44 6.20 -3.84
CA VAL A 61 0.85 6.70 -2.59
C VAL A 61 0.79 8.22 -2.61
N ASN A 62 -0.41 8.77 -2.41
CA ASN A 62 -0.60 10.22 -2.41
C ASN A 62 -0.07 10.85 -3.70
N GLY A 63 -0.13 10.08 -4.78
CA GLY A 63 0.34 10.57 -6.06
C GLY A 63 1.82 10.30 -6.29
N VAL A 64 2.42 9.50 -5.42
CA VAL A 64 3.84 9.18 -5.55
C VAL A 64 4.03 7.73 -5.99
N ASP A 65 4.67 7.55 -7.13
CA ASP A 65 4.93 6.22 -7.67
C ASP A 65 6.00 5.53 -6.83
N LEU A 66 5.61 4.43 -6.19
CA LEU A 66 6.55 3.67 -5.35
C LEU A 66 7.35 2.69 -6.20
N ALA A 67 7.43 2.96 -7.50
CA ALA A 67 8.18 2.11 -8.41
C ALA A 67 9.61 2.60 -8.59
N GLY A 68 10.26 2.94 -7.48
CA GLY A 68 11.63 3.43 -7.54
C GLY A 68 11.95 4.35 -6.38
N LYS A 69 11.54 3.97 -5.18
CA LYS A 69 11.79 4.76 -3.99
C LYS A 69 12.52 3.94 -2.93
N SER A 70 11.76 3.18 -2.14
CA SER A 70 12.32 2.35 -1.08
C SER A 70 11.23 1.88 -0.13
N GLN A 71 11.49 0.79 0.59
CA GLN A 71 10.53 0.25 1.55
C GLN A 71 10.39 1.21 2.71
N GLU A 72 11.51 1.57 3.31
CA GLU A 72 11.51 2.49 4.42
C GLU A 72 10.99 3.84 3.97
N GLU A 73 11.21 4.16 2.70
CA GLU A 73 10.75 5.42 2.14
C GLU A 73 9.25 5.39 1.94
N VAL A 74 8.76 4.29 1.37
CA VAL A 74 7.34 4.11 1.13
C VAL A 74 6.58 3.98 2.45
N VAL A 75 7.16 3.23 3.38
CA VAL A 75 6.55 3.06 4.69
C VAL A 75 6.63 4.36 5.47
N SER A 76 7.69 5.12 5.22
CA SER A 76 7.88 6.40 5.89
C SER A 76 6.84 7.41 5.43
N LEU A 77 6.63 7.50 4.12
CA LEU A 77 5.66 8.44 3.57
C LEU A 77 4.25 8.13 4.07
N LEU A 78 3.92 6.84 4.18
CA LEU A 78 2.59 6.45 4.65
C LEU A 78 2.51 6.58 6.17
N ARG A 79 3.64 6.38 6.85
CA ARG A 79 3.67 6.51 8.30
C ARG A 79 3.60 7.98 8.71
N SER A 80 4.13 8.86 7.85
CA SER A 80 4.13 10.29 8.11
C SER A 80 2.72 10.79 8.35
N THR A 81 1.76 10.26 7.60
CA THR A 81 0.36 10.66 7.74
C THR A 81 -0.09 10.53 9.20
N LYS A 82 -0.71 11.57 9.72
CA LYS A 82 -1.18 11.57 11.10
C LYS A 82 -2.70 11.70 11.16
N MET A 83 -3.23 11.87 12.36
CA MET A 83 -4.68 12.00 12.55
C MET A 83 -5.26 13.02 11.57
N GLU A 84 -6.46 12.73 11.08
CA GLU A 84 -7.13 13.62 10.12
C GLU A 84 -6.26 13.81 8.88
N GLY A 85 -6.17 12.76 8.06
CA GLY A 85 -5.38 12.82 6.86
C GLY A 85 -5.60 11.59 5.98
N THR A 86 -6.40 11.77 4.94
CA THR A 86 -6.70 10.67 4.03
C THR A 86 -5.49 10.32 3.18
N VAL A 87 -4.97 9.11 3.40
CA VAL A 87 -3.81 8.64 2.64
C VAL A 87 -4.26 7.83 1.44
N SER A 88 -3.98 8.34 0.24
CA SER A 88 -4.37 7.66 -0.98
C SER A 88 -3.34 6.61 -1.38
N LEU A 89 -3.80 5.40 -1.57
CA LEU A 89 -2.92 4.30 -1.94
C LEU A 89 -3.51 3.47 -3.08
N LEU A 90 -2.79 3.41 -4.19
CA LEU A 90 -3.23 2.64 -5.35
C LEU A 90 -2.60 1.26 -5.31
N VAL A 91 -3.44 0.24 -5.41
CA VAL A 91 -2.95 -1.14 -5.37
C VAL A 91 -3.23 -1.87 -6.68
N PHE A 92 -2.56 -3.00 -6.88
CA PHE A 92 -2.74 -3.80 -8.09
C PHE A 92 -2.89 -5.27 -7.74
N ARG A 93 -4.01 -5.85 -8.15
CA ARG A 93 -4.28 -7.27 -7.87
C ARG A 93 -4.12 -8.10 -9.14
N GLN A 94 -3.05 -8.91 -9.18
CA GLN A 94 -2.79 -9.76 -10.32
C GLN A 94 -3.57 -11.06 -10.23
N GLU A 95 -4.30 -11.40 -11.29
CA GLU A 95 -5.10 -12.62 -11.31
C GLU A 95 -4.30 -13.77 -11.94
N GLU A 96 -4.56 -14.98 -11.46
CA GLU A 96 -3.87 -16.17 -11.97
C GLU A 96 -4.78 -16.97 -12.89
N ALA A 97 -4.69 -16.71 -14.18
CA ALA A 97 -5.51 -17.41 -15.17
C ALA A 97 -7.00 -17.14 -14.93
N LYS A 1 -2.06 -15.31 -17.12
CA LYS A 1 -3.29 -14.74 -17.66
C LYS A 1 -3.30 -13.22 -17.51
N ARG A 2 -4.12 -12.56 -18.31
CA ARG A 2 -4.22 -11.10 -18.27
C ARG A 2 -5.58 -10.66 -17.72
N VAL A 3 -5.72 -10.74 -16.40
CA VAL A 3 -6.98 -10.36 -15.74
C VAL A 3 -6.73 -9.39 -14.60
N GLY A 4 -5.51 -8.93 -14.50
CA GLY A 4 -5.13 -8.00 -13.45
C GLY A 4 -5.65 -6.60 -13.70
N LYS A 5 -5.90 -5.85 -12.63
CA LYS A 5 -6.39 -4.49 -12.74
C LYS A 5 -6.04 -3.68 -11.49
N ARG A 6 -5.64 -2.43 -11.69
CA ARG A 6 -5.26 -1.56 -10.58
C ARG A 6 -6.46 -0.79 -10.04
N LEU A 7 -6.46 -0.55 -8.74
CA LEU A 7 -7.54 0.18 -8.08
C LEU A 7 -7.00 1.29 -7.19
N ASN A 8 -7.82 2.31 -6.96
CA ASN A 8 -7.43 3.43 -6.10
C ASN A 8 -8.09 3.30 -4.73
N ILE A 9 -7.29 3.15 -3.70
CA ILE A 9 -7.81 3.00 -2.34
C ILE A 9 -7.12 3.94 -1.35
N GLN A 10 -7.90 4.83 -0.76
CA GLN A 10 -7.38 5.78 0.21
C GLN A 10 -7.95 5.47 1.59
N LEU A 11 -7.24 5.86 2.64
CA LEU A 11 -7.70 5.59 4.00
C LEU A 11 -7.64 6.84 4.88
N LYS A 12 -8.75 7.13 5.54
CA LYS A 12 -8.84 8.28 6.44
C LYS A 12 -8.16 7.98 7.75
N LYS A 13 -7.03 8.62 8.00
CA LYS A 13 -6.27 8.40 9.23
C LYS A 13 -7.17 8.45 10.46
N GLY A 14 -7.09 7.42 11.29
CA GLY A 14 -7.91 7.38 12.49
C GLY A 14 -7.13 6.91 13.70
N THR A 15 -7.02 5.60 13.87
CA THR A 15 -6.29 5.03 15.01
C THR A 15 -5.60 3.74 14.60
N GLU A 16 -4.59 3.35 15.38
CA GLU A 16 -3.84 2.12 15.11
C GLU A 16 -3.26 2.13 13.70
N GLY A 17 -2.30 3.04 13.48
CA GLY A 17 -1.68 3.13 12.17
C GLY A 17 -2.68 3.37 11.06
N LEU A 18 -2.71 2.45 10.10
CA LEU A 18 -3.64 2.56 8.98
C LEU A 18 -4.51 1.32 8.87
N GLY A 19 -3.94 0.15 9.15
CA GLY A 19 -4.68 -1.09 9.09
C GLY A 19 -4.12 -2.07 8.08
N PHE A 20 -2.92 -1.79 7.58
CA PHE A 20 -2.29 -2.67 6.62
C PHE A 20 -0.77 -2.52 6.64
N SER A 21 -0.08 -3.66 6.59
CA SER A 21 1.37 -3.66 6.60
C SER A 21 1.89 -4.00 5.20
N ILE A 22 2.89 -3.25 4.74
CA ILE A 22 3.44 -3.47 3.42
C ILE A 22 4.80 -4.16 3.47
N THR A 23 4.99 -5.09 2.55
CA THR A 23 6.24 -5.83 2.45
C THR A 23 7.03 -5.35 1.24
N SER A 24 8.30 -5.77 1.15
CA SER A 24 9.14 -5.38 0.04
C SER A 24 9.84 -6.59 -0.57
N ARG A 25 9.75 -6.71 -1.89
CA ARG A 25 10.38 -7.83 -2.59
C ARG A 25 11.89 -7.83 -2.38
N ASP A 26 12.44 -6.65 -2.09
CA ASP A 26 13.88 -6.52 -1.87
C ASP A 26 14.67 -6.91 -3.11
N VAL A 27 14.27 -6.37 -4.26
CA VAL A 27 14.94 -6.68 -5.51
C VAL A 27 16.40 -6.22 -5.47
N THR A 28 16.60 -4.91 -5.49
CA THR A 28 17.93 -4.35 -5.46
C THR A 28 18.28 -3.82 -4.07
N ILE A 29 19.55 -3.90 -3.71
CA ILE A 29 20.01 -3.43 -2.40
C ILE A 29 19.58 -1.98 -2.16
N GLY A 30 19.47 -1.22 -3.25
CA GLY A 30 19.08 0.18 -3.13
C GLY A 30 18.85 0.83 -4.49
N GLY A 31 17.72 0.51 -5.10
CA GLY A 31 17.41 1.07 -6.40
C GLY A 31 15.93 1.01 -6.72
N SER A 32 15.48 -0.14 -7.22
CA SER A 32 14.07 -0.32 -7.57
C SER A 32 13.54 -1.63 -7.01
N ALA A 33 12.51 -1.54 -6.16
CA ALA A 33 11.91 -2.72 -5.56
C ALA A 33 10.40 -2.52 -5.40
N PRO A 34 9.58 -3.49 -5.86
CA PRO A 34 8.13 -3.41 -5.76
C PRO A 34 7.61 -3.69 -4.35
N ILE A 35 6.60 -2.93 -3.93
CA ILE A 35 6.00 -3.09 -2.61
C ILE A 35 4.63 -3.77 -2.70
N TYR A 36 4.27 -4.48 -1.65
CA TYR A 36 2.98 -5.18 -1.61
C TYR A 36 2.40 -5.18 -0.20
N VAL A 37 1.17 -5.68 -0.06
CA VAL A 37 0.51 -5.73 1.23
C VAL A 37 0.91 -6.99 2.00
N LYS A 38 1.86 -6.83 2.91
CA LYS A 38 2.35 -7.94 3.72
C LYS A 38 1.22 -8.57 4.52
N ASN A 39 0.26 -7.73 4.96
CA ASN A 39 -0.86 -8.22 5.75
C ASN A 39 -1.83 -7.11 6.13
N ILE A 40 -3.11 -7.47 6.22
CA ILE A 40 -4.15 -6.52 6.59
C ILE A 40 -4.56 -6.75 8.04
N LEU A 41 -4.31 -5.76 8.88
CA LEU A 41 -4.64 -5.85 10.31
C LEU A 41 -6.15 -5.84 10.55
N PRO A 42 -6.64 -6.73 11.45
CA PRO A 42 -8.06 -6.83 11.77
C PRO A 42 -8.62 -5.57 12.44
N ARG A 43 -7.73 -4.69 12.88
CA ARG A 43 -8.15 -3.46 13.55
C ARG A 43 -7.51 -2.24 12.89
N GLY A 44 -8.04 -1.84 11.75
CA GLY A 44 -7.51 -0.70 11.04
C GLY A 44 -8.51 -0.06 10.11
N ALA A 45 -8.09 0.99 9.41
CA ALA A 45 -8.96 1.70 8.48
C ALA A 45 -9.15 0.91 7.18
N ALA A 46 -8.08 0.31 6.70
CA ALA A 46 -8.14 -0.46 5.45
C ALA A 46 -9.19 -1.56 5.54
N ILE A 47 -9.07 -2.42 6.55
CA ILE A 47 -10.02 -3.51 6.74
C ILE A 47 -11.43 -2.99 6.96
N GLN A 48 -11.54 -1.91 7.73
CA GLN A 48 -12.81 -1.31 8.03
C GLN A 48 -13.41 -0.68 6.78
N ASP A 49 -12.56 -0.13 5.92
CA ASP A 49 -13.01 0.49 4.69
C ASP A 49 -13.47 -0.56 3.69
N GLY A 50 -12.81 -1.72 3.71
CA GLY A 50 -13.16 -2.80 2.81
C GLY A 50 -12.89 -2.44 1.36
N ARG A 51 -11.66 -2.03 1.09
CA ARG A 51 -11.28 -1.64 -0.27
C ARG A 51 -9.95 -2.28 -0.67
N LEU A 52 -8.98 -2.22 0.23
CA LEU A 52 -7.65 -2.78 -0.04
C LEU A 52 -7.37 -3.96 0.89
N LYS A 53 -7.15 -5.14 0.30
CA LYS A 53 -6.87 -6.34 1.06
C LYS A 53 -5.41 -6.77 0.88
N ALA A 54 -5.09 -7.96 1.38
CA ALA A 54 -3.74 -8.49 1.28
C ALA A 54 -3.50 -9.10 -0.10
N GLY A 55 -2.23 -9.26 -0.46
CA GLY A 55 -1.88 -9.83 -1.75
C GLY A 55 -1.93 -8.82 -2.87
N ASP A 56 -2.11 -7.54 -2.52
CA ASP A 56 -2.17 -6.48 -3.51
C ASP A 56 -0.79 -5.89 -3.75
N ARG A 57 -0.65 -5.15 -4.85
CA ARG A 57 0.63 -4.52 -5.19
C ARG A 57 0.50 -3.00 -5.19
N LEU A 58 1.27 -2.35 -4.32
CA LEU A 58 1.26 -0.90 -4.21
C LEU A 58 1.96 -0.26 -5.40
N ILE A 59 1.17 0.39 -6.27
CA ILE A 59 1.70 1.04 -7.44
C ILE A 59 1.98 2.52 -7.17
N GLU A 60 1.21 3.10 -6.26
CA GLU A 60 1.39 4.51 -5.92
C GLU A 60 0.81 4.84 -4.55
N VAL A 61 1.40 5.83 -3.88
CA VAL A 61 0.95 6.26 -2.57
C VAL A 61 0.97 7.78 -2.47
N ASN A 62 -0.18 8.37 -2.14
CA ASN A 62 -0.29 9.82 -2.04
C ASN A 62 0.02 10.48 -3.38
N GLY A 63 -0.26 9.76 -4.45
CA GLY A 63 -0.01 10.28 -5.79
C GLY A 63 1.45 10.20 -6.20
N VAL A 64 2.25 9.47 -5.44
CA VAL A 64 3.67 9.31 -5.74
C VAL A 64 3.98 7.91 -6.25
N ASP A 65 4.82 7.84 -7.27
CA ASP A 65 5.22 6.56 -7.85
C ASP A 65 6.18 5.84 -6.92
N LEU A 66 5.78 4.66 -6.46
CA LEU A 66 6.62 3.87 -5.56
C LEU A 66 7.62 3.02 -6.33
N ALA A 67 7.88 3.41 -7.58
CA ALA A 67 8.81 2.69 -8.42
C ALA A 67 10.19 3.32 -8.37
N GLY A 68 11.10 2.69 -7.63
CA GLY A 68 12.44 3.22 -7.50
C GLY A 68 12.62 4.01 -6.22
N LYS A 69 11.74 3.77 -5.25
CA LYS A 69 11.81 4.47 -3.98
C LYS A 69 12.45 3.60 -2.90
N SER A 70 11.62 2.88 -2.13
CA SER A 70 12.11 2.01 -1.07
C SER A 70 10.97 1.66 -0.12
N GLN A 71 11.17 0.60 0.68
CA GLN A 71 10.17 0.17 1.64
C GLN A 71 10.03 1.20 2.74
N GLU A 72 11.16 1.51 3.37
CA GLU A 72 11.17 2.50 4.44
C GLU A 72 10.72 3.85 3.91
N GLU A 73 11.00 4.09 2.62
CA GLU A 73 10.60 5.33 1.98
C GLU A 73 9.09 5.35 1.79
N VAL A 74 8.59 4.30 1.17
CA VAL A 74 7.15 4.16 0.93
C VAL A 74 6.39 4.21 2.26
N VAL A 75 6.90 3.49 3.25
CA VAL A 75 6.29 3.46 4.56
C VAL A 75 6.37 4.84 5.20
N SER A 76 7.45 5.56 4.88
CA SER A 76 7.66 6.90 5.40
C SER A 76 6.55 7.83 4.92
N LEU A 77 6.09 7.61 3.69
CA LEU A 77 5.03 8.44 3.12
C LEU A 77 3.72 8.19 3.86
N LEU A 78 3.34 6.91 3.96
CA LEU A 78 2.11 6.54 4.65
C LEU A 78 2.24 6.81 6.14
N ARG A 79 3.46 6.71 6.66
CA ARG A 79 3.71 6.96 8.07
C ARG A 79 3.60 8.45 8.37
N SER A 80 3.96 9.27 7.39
CA SER A 80 3.91 10.73 7.54
C SER A 80 2.51 11.20 7.87
N THR A 81 1.52 10.65 7.17
CA THR A 81 0.13 11.03 7.40
C THR A 81 -0.23 10.89 8.88
N LYS A 82 -0.66 12.00 9.47
CA LYS A 82 -1.02 12.00 10.89
C LYS A 82 -2.53 11.99 11.07
N MET A 83 -2.98 12.18 12.32
CA MET A 83 -4.40 12.20 12.63
C MET A 83 -5.17 13.06 11.63
N GLU A 84 -6.32 12.56 11.18
CA GLU A 84 -7.14 13.29 10.22
C GLU A 84 -6.34 13.56 8.93
N GLY A 85 -6.31 12.56 8.05
CA GLY A 85 -5.58 12.69 6.81
C GLY A 85 -5.76 11.48 5.93
N THR A 86 -6.56 11.62 4.89
CA THR A 86 -6.83 10.53 3.97
C THR A 86 -5.60 10.20 3.13
N VAL A 87 -5.04 9.02 3.35
CA VAL A 87 -3.87 8.57 2.62
C VAL A 87 -4.30 7.72 1.43
N SER A 88 -4.00 8.20 0.22
CA SER A 88 -4.38 7.47 -0.99
C SER A 88 -3.33 6.41 -1.32
N LEU A 89 -3.80 5.22 -1.67
CA LEU A 89 -2.90 4.13 -2.01
C LEU A 89 -3.37 3.37 -3.24
N LEU A 90 -2.68 3.58 -4.35
CA LEU A 90 -3.02 2.90 -5.59
C LEU A 90 -2.49 1.47 -5.57
N VAL A 91 -3.40 0.51 -5.49
CA VAL A 91 -3.01 -0.90 -5.44
C VAL A 91 -3.34 -1.61 -6.74
N PHE A 92 -2.86 -2.84 -6.88
CA PHE A 92 -3.12 -3.64 -8.07
C PHE A 92 -3.52 -5.05 -7.67
N ARG A 93 -4.73 -5.45 -8.06
CA ARG A 93 -5.24 -6.78 -7.74
C ARG A 93 -5.33 -7.64 -8.99
N GLN A 94 -5.06 -8.94 -8.83
CA GLN A 94 -5.12 -9.88 -9.95
C GLN A 94 -5.98 -11.09 -9.59
N GLU A 95 -7.07 -11.26 -10.32
CA GLU A 95 -7.98 -12.38 -10.08
C GLU A 95 -8.27 -13.13 -11.37
N GLU A 96 -9.21 -14.08 -11.30
CA GLU A 96 -9.59 -14.88 -12.46
C GLU A 96 -10.80 -14.26 -13.17
N ALA A 97 -11.39 -15.03 -14.08
CA ALA A 97 -12.55 -14.55 -14.82
C ALA A 97 -13.67 -14.12 -13.89
N LYS A 1 -8.02 -9.92 -22.93
CA LYS A 1 -8.23 -9.96 -21.50
C LYS A 1 -6.91 -9.83 -20.74
N ARG A 2 -6.87 -8.95 -19.76
CA ARG A 2 -5.66 -8.73 -18.97
C ARG A 2 -5.60 -9.72 -17.81
N VAL A 3 -4.38 -10.00 -17.33
CA VAL A 3 -4.18 -10.93 -16.23
C VAL A 3 -4.04 -10.20 -14.90
N GLY A 4 -4.27 -8.90 -14.93
CA GLY A 4 -4.17 -8.10 -13.74
C GLY A 4 -4.97 -6.81 -13.83
N LYS A 5 -5.00 -6.05 -12.74
CA LYS A 5 -5.72 -4.79 -12.71
C LYS A 5 -5.35 -3.98 -11.48
N ARG A 6 -5.24 -2.66 -11.64
CA ARG A 6 -4.87 -1.77 -10.55
C ARG A 6 -6.11 -1.13 -9.93
N LEU A 7 -6.07 -0.93 -8.62
CA LEU A 7 -7.19 -0.31 -7.90
C LEU A 7 -6.72 0.84 -7.03
N ASN A 8 -7.63 1.76 -6.74
CA ASN A 8 -7.32 2.91 -5.91
C ASN A 8 -8.06 2.82 -4.57
N ILE A 9 -7.32 2.98 -3.48
CA ILE A 9 -7.92 2.91 -2.15
C ILE A 9 -7.51 4.09 -1.28
N GLN A 10 -8.51 4.82 -0.78
CA GLN A 10 -8.26 5.96 0.08
C GLN A 10 -8.59 5.60 1.53
N LEU A 11 -7.66 5.88 2.43
CA LEU A 11 -7.87 5.54 3.84
C LEU A 11 -7.78 6.77 4.74
N LYS A 12 -8.81 6.97 5.55
CA LYS A 12 -8.84 8.09 6.48
C LYS A 12 -7.98 7.80 7.70
N LYS A 13 -6.89 8.54 7.83
CA LYS A 13 -5.97 8.36 8.95
C LYS A 13 -6.73 8.42 10.28
N GLY A 14 -6.64 7.34 11.05
CA GLY A 14 -7.31 7.28 12.34
C GLY A 14 -6.34 7.34 13.50
N THR A 15 -6.40 6.33 14.37
CA THR A 15 -5.52 6.27 15.53
C THR A 15 -4.60 5.06 15.46
N GLU A 16 -5.18 3.89 15.20
CA GLU A 16 -4.42 2.65 15.11
C GLU A 16 -3.85 2.47 13.70
N GLY A 17 -3.07 3.45 13.26
CA GLY A 17 -2.48 3.38 11.94
C GLY A 17 -3.51 3.21 10.85
N LEU A 18 -3.31 2.24 9.96
CA LEU A 18 -4.23 1.99 8.87
C LEU A 18 -4.74 0.54 8.89
N GLY A 19 -4.01 -0.33 9.58
CA GLY A 19 -4.40 -1.73 9.66
C GLY A 19 -3.91 -2.56 8.51
N PHE A 20 -2.82 -2.12 7.88
CA PHE A 20 -2.26 -2.86 6.76
C PHE A 20 -0.73 -2.81 6.77
N SER A 21 -0.12 -3.98 6.68
CA SER A 21 1.34 -4.08 6.67
C SER A 21 1.82 -4.44 5.27
N ILE A 22 2.85 -3.75 4.80
CA ILE A 22 3.39 -4.01 3.47
C ILE A 22 4.79 -4.59 3.52
N THR A 23 5.04 -5.54 2.63
CA THR A 23 6.34 -6.19 2.54
C THR A 23 7.13 -5.64 1.36
N SER A 24 8.42 -5.92 1.32
CA SER A 24 9.28 -5.45 0.24
C SER A 24 9.80 -6.61 -0.60
N ARG A 25 9.57 -6.53 -1.91
CA ARG A 25 10.02 -7.58 -2.83
C ARG A 25 11.52 -7.80 -2.72
N ASP A 26 12.24 -6.72 -2.41
CA ASP A 26 13.70 -6.79 -2.28
C ASP A 26 14.35 -7.27 -3.58
N VAL A 27 14.01 -6.61 -4.68
CA VAL A 27 14.55 -6.96 -5.98
C VAL A 27 15.87 -6.24 -6.23
N THR A 28 15.88 -4.95 -5.94
CA THR A 28 17.08 -4.13 -6.13
C THR A 28 17.76 -3.85 -4.79
N ILE A 29 19.08 -3.70 -4.82
CA ILE A 29 19.84 -3.43 -3.61
C ILE A 29 19.33 -2.18 -2.89
N GLY A 30 18.79 -1.24 -3.66
CA GLY A 30 18.27 -0.02 -3.09
C GLY A 30 17.81 0.97 -4.14
N GLY A 31 17.19 0.46 -5.20
CA GLY A 31 16.71 1.32 -6.27
C GLY A 31 15.20 1.24 -6.44
N SER A 32 14.74 0.33 -7.29
CA SER A 32 13.32 0.17 -7.55
C SER A 32 12.85 -1.21 -7.10
N ALA A 33 12.06 -1.24 -6.03
CA ALA A 33 11.52 -2.49 -5.51
C ALA A 33 10.02 -2.39 -5.29
N PRO A 34 9.23 -3.32 -5.86
CA PRO A 34 7.77 -3.32 -5.72
C PRO A 34 7.33 -3.69 -4.31
N ILE A 35 6.41 -2.90 -3.76
CA ILE A 35 5.89 -3.14 -2.43
C ILE A 35 4.54 -3.87 -2.47
N TYR A 36 4.37 -4.84 -1.59
CA TYR A 36 3.13 -5.61 -1.52
C TYR A 36 2.56 -5.59 -0.10
N VAL A 37 1.36 -6.13 0.05
CA VAL A 37 0.70 -6.18 1.35
C VAL A 37 0.99 -7.49 2.07
N LYS A 38 1.93 -7.45 3.01
CA LYS A 38 2.30 -8.63 3.77
C LYS A 38 1.11 -9.19 4.53
N ASN A 39 0.20 -8.30 4.94
CA ASN A 39 -0.99 -8.73 5.68
C ASN A 39 -1.89 -7.54 6.00
N ILE A 40 -3.20 -7.80 6.02
CA ILE A 40 -4.18 -6.77 6.33
C ILE A 40 -4.66 -6.91 7.78
N LEU A 41 -4.08 -6.11 8.66
CA LEU A 41 -4.43 -6.15 10.07
C LEU A 41 -5.93 -5.98 10.28
N PRO A 42 -6.48 -6.62 11.33
CA PRO A 42 -7.92 -6.56 11.64
C PRO A 42 -8.32 -5.33 12.43
N ARG A 43 -7.42 -4.35 12.52
CA ARG A 43 -7.71 -3.13 13.26
C ARG A 43 -7.12 -1.91 12.55
N GLY A 44 -7.87 -1.38 11.58
CA GLY A 44 -7.39 -0.22 10.84
C GLY A 44 -8.43 0.32 9.88
N ALA A 45 -8.07 1.37 9.15
CA ALA A 45 -8.97 1.99 8.18
C ALA A 45 -9.10 1.15 6.92
N ALA A 46 -8.08 0.36 6.60
CA ALA A 46 -8.11 -0.47 5.40
C ALA A 46 -9.16 -1.55 5.50
N ILE A 47 -9.10 -2.36 6.55
CA ILE A 47 -10.05 -3.44 6.73
C ILE A 47 -11.46 -2.89 6.93
N GLN A 48 -11.58 -1.77 7.63
CA GLN A 48 -12.88 -1.16 7.86
C GLN A 48 -13.44 -0.57 6.57
N ASP A 49 -12.54 -0.03 5.75
CA ASP A 49 -12.94 0.57 4.47
C ASP A 49 -13.37 -0.51 3.49
N GLY A 50 -12.73 -1.67 3.57
CA GLY A 50 -13.06 -2.76 2.68
C GLY A 50 -12.76 -2.43 1.23
N ARG A 51 -11.54 -1.95 0.98
CA ARG A 51 -11.13 -1.58 -0.38
C ARG A 51 -9.80 -2.23 -0.74
N LEU A 52 -8.83 -2.13 0.16
CA LEU A 52 -7.51 -2.70 -0.07
C LEU A 52 -7.30 -3.94 0.80
N LYS A 53 -7.08 -5.08 0.15
CA LYS A 53 -6.86 -6.34 0.85
C LYS A 53 -5.40 -6.76 0.79
N ALA A 54 -5.12 -7.98 1.22
CA ALA A 54 -3.76 -8.51 1.20
C ALA A 54 -3.41 -9.07 -0.17
N GLY A 55 -2.12 -9.30 -0.40
CA GLY A 55 -1.67 -9.84 -1.67
C GLY A 55 -1.70 -8.80 -2.78
N ASP A 56 -1.81 -7.53 -2.41
CA ASP A 56 -1.84 -6.44 -3.38
C ASP A 56 -0.46 -5.80 -3.52
N ARG A 57 -0.28 -5.04 -4.59
CA ARG A 57 1.00 -4.36 -4.83
C ARG A 57 0.80 -2.85 -4.90
N LEU A 58 1.45 -2.14 -3.99
CA LEU A 58 1.37 -0.68 -3.94
C LEU A 58 2.06 -0.06 -5.15
N ILE A 59 1.27 0.53 -6.04
CA ILE A 59 1.79 1.17 -7.23
C ILE A 59 2.06 2.65 -7.00
N GLU A 60 1.29 3.25 -6.08
CA GLU A 60 1.45 4.67 -5.78
C GLU A 60 0.88 5.02 -4.40
N VAL A 61 1.48 6.03 -3.78
CA VAL A 61 1.05 6.49 -2.46
C VAL A 61 1.07 8.02 -2.39
N ASN A 62 -0.07 8.61 -2.06
CA ASN A 62 -0.16 10.06 -1.96
C ASN A 62 0.14 10.71 -3.31
N GLY A 63 -0.16 10.00 -4.38
CA GLY A 63 0.08 10.50 -5.72
C GLY A 63 1.54 10.43 -6.11
N VAL A 64 2.33 9.65 -5.38
CA VAL A 64 3.75 9.49 -5.66
C VAL A 64 4.05 8.11 -6.24
N ASP A 65 5.06 8.05 -7.10
CA ASP A 65 5.47 6.79 -7.71
C ASP A 65 6.40 6.03 -6.78
N LEU A 66 5.96 4.85 -6.36
CA LEU A 66 6.76 4.02 -5.46
C LEU A 66 7.72 3.13 -6.24
N ALA A 67 7.97 3.49 -7.49
CA ALA A 67 8.88 2.72 -8.34
C ALA A 67 10.28 3.33 -8.33
N GLY A 68 11.00 3.10 -7.22
CA GLY A 68 12.34 3.64 -7.10
C GLY A 68 12.65 4.14 -5.71
N LYS A 69 11.60 4.33 -4.90
CA LYS A 69 11.75 4.82 -3.54
C LYS A 69 12.34 3.72 -2.64
N SER A 70 11.46 2.99 -1.93
CA SER A 70 11.87 1.92 -1.03
C SER A 70 10.74 1.55 -0.10
N GLN A 71 10.88 0.44 0.62
CA GLN A 71 9.85 0.02 1.55
C GLN A 71 9.78 0.97 2.72
N GLU A 72 10.90 1.19 3.37
CA GLU A 72 10.97 2.11 4.49
C GLU A 72 10.60 3.51 4.01
N GLU A 73 10.92 3.79 2.75
CA GLU A 73 10.60 5.08 2.17
C GLU A 73 9.10 5.21 1.98
N VAL A 74 8.53 4.23 1.30
CA VAL A 74 7.09 4.20 1.04
C VAL A 74 6.32 4.22 2.35
N VAL A 75 6.76 3.40 3.30
CA VAL A 75 6.13 3.34 4.60
C VAL A 75 6.25 4.69 5.31
N SER A 76 7.35 5.38 5.04
CA SER A 76 7.59 6.69 5.63
C SER A 76 6.57 7.69 5.14
N LEU A 77 6.15 7.54 3.89
CA LEU A 77 5.16 8.43 3.30
C LEU A 77 3.81 8.23 3.98
N LEU A 78 3.37 6.98 4.02
CA LEU A 78 2.10 6.66 4.64
C LEU A 78 2.17 6.87 6.16
N ARG A 79 3.34 6.63 6.73
CA ARG A 79 3.53 6.83 8.17
C ARG A 79 3.58 8.32 8.50
N SER A 80 4.07 9.11 7.56
CA SER A 80 4.18 10.56 7.74
C SER A 80 2.81 11.19 7.96
N THR A 81 1.81 10.68 7.25
CA THR A 81 0.44 11.19 7.38
C THR A 81 0.04 11.32 8.85
N LYS A 82 -0.51 12.47 9.20
CA LYS A 82 -0.93 12.73 10.57
C LYS A 82 -2.42 12.46 10.76
N MET A 83 -2.89 12.57 12.01
CA MET A 83 -4.29 12.34 12.31
C MET A 83 -5.18 13.19 11.40
N GLU A 84 -6.36 12.66 11.08
CA GLU A 84 -7.30 13.37 10.20
C GLU A 84 -6.62 13.70 8.89
N GLY A 85 -6.56 12.72 8.00
CA GLY A 85 -5.93 12.91 6.71
C GLY A 85 -6.02 11.65 5.86
N THR A 86 -6.84 11.70 4.85
CA THR A 86 -7.04 10.56 3.96
C THR A 86 -5.80 10.31 3.11
N VAL A 87 -5.17 9.16 3.34
CA VAL A 87 -3.97 8.78 2.61
C VAL A 87 -4.34 7.93 1.41
N SER A 88 -3.98 8.38 0.22
CA SER A 88 -4.29 7.65 -1.01
C SER A 88 -3.23 6.58 -1.28
N LEU A 89 -3.69 5.36 -1.54
CA LEU A 89 -2.79 4.26 -1.81
C LEU A 89 -3.25 3.44 -3.00
N LEU A 90 -2.49 3.52 -4.10
CA LEU A 90 -2.82 2.78 -5.31
C LEU A 90 -2.27 1.36 -5.21
N VAL A 91 -3.15 0.38 -5.39
CA VAL A 91 -2.73 -1.02 -5.31
C VAL A 91 -2.93 -1.73 -6.65
N PHE A 92 -2.38 -2.94 -6.74
CA PHE A 92 -2.50 -3.72 -7.97
C PHE A 92 -2.82 -5.18 -7.65
N ARG A 93 -3.94 -5.66 -8.16
CA ARG A 93 -4.37 -7.04 -7.93
C ARG A 93 -4.23 -7.87 -9.20
N GLN A 94 -3.79 -9.12 -9.02
CA GLN A 94 -3.61 -10.02 -10.15
C GLN A 94 -4.89 -10.81 -10.43
N GLU A 95 -5.21 -10.98 -11.72
CA GLU A 95 -6.41 -11.70 -12.11
C GLU A 95 -6.14 -13.21 -12.19
N GLU A 96 -7.14 -14.01 -11.85
CA GLU A 96 -7.01 -15.45 -11.88
C GLU A 96 -7.05 -15.97 -13.31
N ALA A 97 -5.87 -16.15 -13.90
CA ALA A 97 -5.78 -16.65 -15.27
C ALA A 97 -5.10 -18.01 -15.30
N LYS A 1 3.32 -13.09 -16.64
CA LYS A 1 2.18 -12.48 -15.94
C LYS A 1 1.42 -11.55 -16.88
N ARG A 2 0.47 -12.11 -17.62
CA ARG A 2 -0.33 -11.33 -18.56
C ARG A 2 -1.73 -11.11 -18.01
N VAL A 3 -1.84 -11.02 -16.69
CA VAL A 3 -3.13 -10.79 -16.04
C VAL A 3 -2.99 -9.88 -14.83
N GLY A 4 -4.10 -9.29 -14.40
CA GLY A 4 -4.08 -8.41 -13.26
C GLY A 4 -4.66 -7.04 -13.57
N LYS A 5 -5.00 -6.29 -12.53
CA LYS A 5 -5.57 -4.96 -12.68
C LYS A 5 -5.23 -4.08 -11.48
N ARG A 6 -5.15 -2.78 -11.70
CA ARG A 6 -4.84 -1.84 -10.63
C ARG A 6 -6.10 -1.28 -9.99
N LEU A 7 -6.02 -0.96 -8.71
CA LEU A 7 -7.15 -0.42 -7.98
C LEU A 7 -6.74 0.81 -7.16
N ASN A 8 -7.72 1.66 -6.87
CA ASN A 8 -7.46 2.87 -6.09
C ASN A 8 -8.14 2.77 -4.72
N ILE A 9 -7.35 2.84 -3.65
CA ILE A 9 -7.87 2.75 -2.31
C ILE A 9 -7.26 3.80 -1.40
N GLN A 10 -8.10 4.73 -0.94
CA GLN A 10 -7.65 5.79 -0.04
C GLN A 10 -8.19 5.54 1.37
N LEU A 11 -7.33 5.69 2.37
CA LEU A 11 -7.73 5.46 3.75
C LEU A 11 -7.69 6.73 4.58
N LYS A 12 -8.54 6.79 5.60
CA LYS A 12 -8.61 7.94 6.48
C LYS A 12 -7.71 7.72 7.70
N LYS A 13 -6.66 8.52 7.81
CA LYS A 13 -5.73 8.41 8.93
C LYS A 13 -6.47 8.44 10.27
N GLY A 14 -6.20 7.44 11.10
CA GLY A 14 -6.84 7.36 12.39
C GLY A 14 -5.97 6.69 13.44
N THR A 15 -6.54 5.73 14.16
CA THR A 15 -5.81 5.01 15.20
C THR A 15 -5.27 3.69 14.66
N GLU A 16 -4.20 3.20 15.28
CA GLU A 16 -3.59 1.94 14.87
C GLU A 16 -3.10 2.02 13.43
N GLY A 17 -2.52 3.17 13.07
CA GLY A 17 -2.02 3.36 11.72
C GLY A 17 -3.11 3.24 10.68
N LEU A 18 -2.91 2.35 9.71
CA LEU A 18 -3.89 2.16 8.64
C LEU A 18 -4.53 0.77 8.73
N GLY A 19 -3.87 -0.16 9.40
CA GLY A 19 -4.40 -1.50 9.55
C GLY A 19 -3.95 -2.43 8.44
N PHE A 20 -2.87 -2.05 7.74
CA PHE A 20 -2.36 -2.86 6.65
C PHE A 20 -0.84 -2.91 6.69
N SER A 21 -0.28 -4.11 6.58
CA SER A 21 1.16 -4.29 6.58
C SER A 21 1.64 -4.62 5.17
N ILE A 22 2.71 -3.98 4.74
CA ILE A 22 3.24 -4.21 3.40
C ILE A 22 4.60 -4.86 3.43
N THR A 23 4.80 -5.79 2.51
CA THR A 23 6.09 -6.49 2.39
C THR A 23 6.91 -5.87 1.26
N SER A 24 8.17 -6.28 1.17
CA SER A 24 9.06 -5.75 0.13
C SER A 24 9.78 -6.87 -0.60
N ARG A 25 9.72 -6.83 -1.92
CA ARG A 25 10.39 -7.85 -2.74
C ARG A 25 11.89 -7.81 -2.54
N ASP A 26 12.41 -6.63 -2.22
CA ASP A 26 13.85 -6.45 -1.99
C ASP A 26 14.63 -6.74 -3.26
N VAL A 27 14.29 -6.04 -4.34
CA VAL A 27 14.96 -6.23 -5.62
C VAL A 27 16.32 -5.53 -5.63
N THR A 28 16.29 -4.20 -5.65
CA THR A 28 17.51 -3.42 -5.67
C THR A 28 17.79 -2.82 -4.29
N ILE A 29 19.07 -2.75 -3.93
CA ILE A 29 19.48 -2.20 -2.64
C ILE A 29 18.94 -0.78 -2.45
N GLY A 30 18.84 -0.04 -3.54
CA GLY A 30 18.35 1.32 -3.48
C GLY A 30 17.87 1.83 -4.82
N GLY A 31 17.32 0.92 -5.64
CA GLY A 31 16.82 1.30 -6.95
C GLY A 31 15.31 1.38 -6.98
N SER A 32 14.68 0.28 -7.38
CA SER A 32 13.23 0.22 -7.46
C SER A 32 12.71 -1.18 -7.15
N ALA A 33 12.09 -1.33 -5.99
CA ALA A 33 11.54 -2.62 -5.57
C ALA A 33 10.04 -2.53 -5.37
N PRO A 34 9.27 -3.54 -5.82
CA PRO A 34 7.82 -3.55 -5.69
C PRO A 34 7.36 -3.91 -4.28
N ILE A 35 6.36 -3.18 -3.79
CA ILE A 35 5.81 -3.40 -2.47
C ILE A 35 4.45 -4.10 -2.53
N TYR A 36 4.23 -5.05 -1.63
CA TYR A 36 2.98 -5.79 -1.59
C TYR A 36 2.36 -5.72 -0.20
N VAL A 37 1.15 -6.25 -0.06
CA VAL A 37 0.46 -6.25 1.23
C VAL A 37 0.68 -7.56 1.97
N LYS A 38 1.64 -7.55 2.91
CA LYS A 38 1.95 -8.73 3.69
C LYS A 38 0.75 -9.22 4.48
N ASN A 39 -0.12 -8.29 4.89
CA ASN A 39 -1.31 -8.66 5.65
C ASN A 39 -2.15 -7.43 6.00
N ILE A 40 -3.44 -7.67 6.21
CA ILE A 40 -4.38 -6.61 6.58
C ILE A 40 -4.76 -6.71 8.04
N LEU A 41 -4.11 -5.91 8.88
CA LEU A 41 -4.37 -5.91 10.31
C LEU A 41 -5.86 -5.68 10.59
N PRO A 42 -6.36 -6.24 11.70
CA PRO A 42 -7.78 -6.12 12.08
C PRO A 42 -8.10 -4.81 12.81
N ARG A 43 -7.22 -3.82 12.71
CA ARG A 43 -7.45 -2.54 13.36
C ARG A 43 -6.83 -1.40 12.57
N GLY A 44 -7.60 -0.85 11.64
CA GLY A 44 -7.12 0.24 10.82
C GLY A 44 -8.19 0.80 9.91
N ALA A 45 -7.83 1.81 9.12
CA ALA A 45 -8.77 2.44 8.20
C ALA A 45 -9.02 1.57 6.96
N ALA A 46 -8.04 0.77 6.57
CA ALA A 46 -8.18 -0.08 5.39
C ALA A 46 -9.28 -1.13 5.60
N ILE A 47 -9.18 -1.89 6.67
CA ILE A 47 -10.16 -2.92 6.97
C ILE A 47 -11.57 -2.34 7.08
N GLN A 48 -11.67 -1.10 7.54
CA GLN A 48 -12.97 -0.45 7.67
C GLN A 48 -13.56 -0.17 6.29
N ASP A 49 -12.72 0.38 5.42
CA ASP A 49 -13.13 0.70 4.07
C ASP A 49 -13.37 -0.57 3.27
N GLY A 50 -12.58 -1.61 3.56
CA GLY A 50 -12.72 -2.87 2.85
C GLY A 50 -12.48 -2.73 1.37
N ARG A 51 -11.54 -1.87 1.00
CA ARG A 51 -11.22 -1.62 -0.40
C ARG A 51 -9.87 -2.24 -0.77
N LEU A 52 -8.93 -2.19 0.15
CA LEU A 52 -7.60 -2.74 -0.07
C LEU A 52 -7.36 -3.94 0.85
N LYS A 53 -7.11 -5.09 0.26
CA LYS A 53 -6.87 -6.32 1.02
C LYS A 53 -5.43 -6.78 0.87
N ALA A 54 -5.15 -8.00 1.34
CA ALA A 54 -3.81 -8.56 1.25
C ALA A 54 -3.50 -9.03 -0.18
N GLY A 55 -2.21 -9.08 -0.50
CA GLY A 55 -1.81 -9.51 -1.83
C GLY A 55 -1.73 -8.34 -2.82
N ASP A 56 -2.26 -7.20 -2.43
CA ASP A 56 -2.26 -6.02 -3.30
C ASP A 56 -0.85 -5.44 -3.40
N ARG A 57 -0.51 -4.95 -4.59
CA ARG A 57 0.81 -4.37 -4.84
C ARG A 57 0.73 -2.85 -4.88
N LEU A 58 1.43 -2.20 -3.94
CA LEU A 58 1.45 -0.74 -3.86
C LEU A 58 2.24 -0.15 -5.02
N ILE A 59 1.56 0.60 -5.87
CA ILE A 59 2.19 1.23 -7.01
C ILE A 59 2.40 2.72 -6.78
N GLU A 60 1.54 3.30 -5.95
CA GLU A 60 1.63 4.73 -5.64
C GLU A 60 0.95 5.06 -4.31
N VAL A 61 1.39 6.14 -3.68
CA VAL A 61 0.82 6.57 -2.40
C VAL A 61 0.68 8.09 -2.36
N ASN A 62 -0.51 8.56 -2.00
CA ASN A 62 -0.78 9.99 -1.92
C ASN A 62 -0.27 10.72 -3.17
N GLY A 63 -0.40 10.07 -4.32
CA GLY A 63 0.05 10.67 -5.56
C GLY A 63 1.56 10.54 -5.75
N VAL A 64 2.16 9.56 -5.09
CA VAL A 64 3.59 9.34 -5.19
C VAL A 64 3.90 8.10 -6.01
N ASP A 65 5.01 8.14 -6.73
CA ASP A 65 5.43 7.02 -7.55
C ASP A 65 6.35 6.09 -6.76
N LEU A 66 5.76 5.25 -5.93
CA LEU A 66 6.52 4.31 -5.10
C LEU A 66 7.55 3.54 -5.95
N ALA A 67 7.25 3.40 -7.24
CA ALA A 67 8.14 2.70 -8.15
C ALA A 67 9.50 3.37 -8.21
N GLY A 68 10.42 2.92 -7.35
CA GLY A 68 11.75 3.50 -7.32
C GLY A 68 12.06 4.20 -6.02
N LYS A 69 11.39 3.77 -4.95
CA LYS A 69 11.60 4.38 -3.63
C LYS A 69 12.24 3.37 -2.68
N SER A 70 11.42 2.65 -1.92
CA SER A 70 11.91 1.65 -0.96
C SER A 70 10.81 1.25 0.00
N GLN A 71 11.01 0.16 0.73
CA GLN A 71 10.03 -0.31 1.69
C GLN A 71 9.94 0.65 2.85
N GLU A 72 11.09 0.93 3.46
CA GLU A 72 11.16 1.86 4.58
C GLU A 72 10.75 3.25 4.11
N GLU A 73 11.03 3.53 2.84
CA GLU A 73 10.67 4.82 2.25
C GLU A 73 9.16 4.89 2.07
N VAL A 74 8.60 3.87 1.45
CA VAL A 74 7.17 3.80 1.22
C VAL A 74 6.42 3.84 2.55
N VAL A 75 6.90 3.04 3.51
CA VAL A 75 6.30 3.01 4.83
C VAL A 75 6.39 4.37 5.48
N SER A 76 7.46 5.09 5.17
CA SER A 76 7.67 6.43 5.73
C SER A 76 6.59 7.38 5.23
N LEU A 77 6.19 7.21 3.97
CA LEU A 77 5.14 8.05 3.39
C LEU A 77 3.84 7.85 4.13
N LEU A 78 3.44 6.59 4.26
CA LEU A 78 2.20 6.25 4.96
C LEU A 78 2.33 6.57 6.44
N ARG A 79 3.51 6.33 6.99
CA ARG A 79 3.79 6.60 8.39
C ARG A 79 3.83 8.10 8.66
N SER A 80 4.27 8.86 7.66
CA SER A 80 4.36 10.31 7.78
C SER A 80 2.99 10.93 7.98
N THR A 81 1.99 10.39 7.28
CA THR A 81 0.62 10.88 7.39
C THR A 81 0.16 10.88 8.84
N LYS A 82 -0.38 12.00 9.30
CA LYS A 82 -0.86 12.11 10.66
C LYS A 82 -2.38 11.98 10.73
N MET A 83 -2.94 12.14 11.92
CA MET A 83 -4.38 12.04 12.12
C MET A 83 -5.12 12.96 11.15
N GLU A 84 -6.31 12.54 10.73
CA GLU A 84 -7.12 13.34 9.81
C GLU A 84 -6.35 13.58 8.52
N GLY A 85 -6.41 12.62 7.60
CA GLY A 85 -5.72 12.75 6.34
C GLY A 85 -5.96 11.56 5.44
N THR A 86 -6.80 11.75 4.42
CA THR A 86 -7.12 10.69 3.49
C THR A 86 -5.93 10.36 2.60
N VAL A 87 -5.31 9.22 2.86
CA VAL A 87 -4.15 8.78 2.09
C VAL A 87 -4.59 7.84 0.96
N SER A 88 -4.47 8.32 -0.27
CA SER A 88 -4.87 7.54 -1.44
C SER A 88 -3.73 6.60 -1.86
N LEU A 89 -3.95 5.31 -1.73
CA LEU A 89 -2.94 4.33 -2.11
C LEU A 89 -3.38 3.50 -3.30
N LEU A 90 -2.63 3.62 -4.40
CA LEU A 90 -2.93 2.87 -5.62
C LEU A 90 -2.29 1.48 -5.55
N VAL A 91 -3.13 0.46 -5.46
CA VAL A 91 -2.64 -0.91 -5.37
C VAL A 91 -2.88 -1.68 -6.66
N PHE A 92 -2.39 -2.92 -6.70
CA PHE A 92 -2.56 -3.77 -7.88
C PHE A 92 -3.05 -5.15 -7.46
N ARG A 93 -4.21 -5.54 -7.95
CA ARG A 93 -4.80 -6.84 -7.62
C ARG A 93 -4.89 -7.74 -8.84
N GLN A 94 -4.66 -9.04 -8.64
CA GLN A 94 -4.73 -10.00 -9.73
C GLN A 94 -6.17 -10.42 -10.01
N GLU A 95 -6.49 -10.63 -11.28
CA GLU A 95 -7.84 -11.02 -11.67
C GLU A 95 -7.86 -12.47 -12.16
N GLU A 96 -9.04 -13.09 -12.08
CA GLU A 96 -9.21 -14.47 -12.50
C GLU A 96 -8.47 -15.43 -11.57
N ALA A 97 -7.14 -15.38 -11.61
CA ALA A 97 -6.32 -16.25 -10.77
C ALA A 97 -6.66 -17.72 -11.00
N LYS A 1 -11.81 -10.23 -20.36
CA LYS A 1 -10.77 -9.31 -19.90
C LYS A 1 -9.66 -10.06 -19.17
N ARG A 2 -8.59 -9.34 -18.85
CA ARG A 2 -7.46 -9.93 -18.15
C ARG A 2 -7.88 -10.51 -16.80
N VAL A 3 -6.91 -11.01 -16.04
CA VAL A 3 -7.19 -11.59 -14.73
C VAL A 3 -6.69 -10.69 -13.61
N GLY A 4 -6.22 -9.52 -13.99
CA GLY A 4 -5.70 -8.57 -13.02
C GLY A 4 -6.07 -7.14 -13.37
N LYS A 5 -6.36 -6.34 -12.36
CA LYS A 5 -6.72 -4.94 -12.58
C LYS A 5 -6.12 -4.04 -11.50
N ARG A 6 -6.42 -2.75 -11.57
CA ARG A 6 -5.90 -1.79 -10.61
C ARG A 6 -7.04 -1.04 -9.92
N LEU A 7 -6.84 -0.71 -8.65
CA LEU A 7 -7.86 0.00 -7.89
C LEU A 7 -7.24 1.10 -7.04
N ASN A 8 -8.03 2.13 -6.76
CA ASN A 8 -7.57 3.26 -5.94
C ASN A 8 -8.28 3.26 -4.59
N ILE A 9 -7.52 3.00 -3.53
CA ILE A 9 -8.09 2.96 -2.19
C ILE A 9 -7.59 4.10 -1.31
N GLN A 10 -8.51 4.97 -0.90
CA GLN A 10 -8.19 6.10 -0.05
C GLN A 10 -8.59 5.80 1.39
N LEU A 11 -7.61 5.88 2.30
CA LEU A 11 -7.88 5.58 3.70
C LEU A 11 -7.77 6.83 4.57
N LYS A 12 -8.80 7.05 5.39
CA LYS A 12 -8.84 8.19 6.28
C LYS A 12 -8.15 7.86 7.61
N LYS A 13 -7.02 8.51 7.87
CA LYS A 13 -6.28 8.27 9.11
C LYS A 13 -7.18 8.45 10.33
N GLY A 14 -7.17 7.45 11.20
CA GLY A 14 -7.98 7.51 12.41
C GLY A 14 -7.15 7.66 13.67
N THR A 15 -6.46 6.59 14.05
CA THR A 15 -5.63 6.61 15.25
C THR A 15 -4.60 5.49 15.20
N GLU A 16 -5.06 4.27 14.99
CA GLU A 16 -4.19 3.10 14.94
C GLU A 16 -3.71 2.85 13.51
N GLY A 17 -3.04 3.84 12.93
CA GLY A 17 -2.54 3.71 11.57
C GLY A 17 -3.66 3.44 10.57
N LEU A 18 -3.43 2.51 9.66
CA LEU A 18 -4.42 2.17 8.65
C LEU A 18 -4.77 0.69 8.69
N GLY A 19 -3.97 -0.10 9.42
CA GLY A 19 -4.22 -1.53 9.53
C GLY A 19 -3.74 -2.30 8.33
N PHE A 20 -2.60 -1.90 7.78
CA PHE A 20 -2.04 -2.59 6.63
C PHE A 20 -0.52 -2.50 6.61
N SER A 21 0.12 -3.66 6.47
CA SER A 21 1.58 -3.72 6.43
C SER A 21 2.02 -4.16 5.04
N ILE A 22 3.02 -3.48 4.50
CA ILE A 22 3.51 -3.82 3.16
C ILE A 22 4.91 -4.41 3.20
N THR A 23 5.15 -5.34 2.29
CA THR A 23 6.45 -5.99 2.17
C THR A 23 7.22 -5.43 0.99
N SER A 24 8.50 -5.79 0.91
CA SER A 24 9.34 -5.31 -0.19
C SER A 24 10.19 -6.46 -0.76
N ARG A 25 10.04 -6.69 -2.06
CA ARG A 25 10.79 -7.75 -2.73
C ARG A 25 12.30 -7.50 -2.61
N ASP A 26 12.68 -6.23 -2.54
CA ASP A 26 14.09 -5.86 -2.42
C ASP A 26 14.89 -6.39 -3.60
N VAL A 27 14.65 -5.82 -4.78
CA VAL A 27 15.37 -6.24 -5.98
C VAL A 27 16.80 -5.74 -5.96
N THR A 28 17.00 -4.54 -5.43
CA THR A 28 18.34 -3.95 -5.35
C THR A 28 18.56 -3.28 -4.00
N ILE A 29 19.83 -2.97 -3.71
CA ILE A 29 20.19 -2.33 -2.46
C ILE A 29 19.66 -0.90 -2.38
N GLY A 30 18.45 -0.76 -1.84
CA GLY A 30 17.84 0.56 -1.72
C GLY A 30 17.74 1.26 -3.06
N GLY A 31 16.67 0.95 -3.80
CA GLY A 31 16.47 1.58 -5.09
C GLY A 31 15.21 1.09 -5.78
N SER A 32 15.37 0.42 -6.91
CA SER A 32 14.23 -0.09 -7.66
C SER A 32 13.77 -1.43 -7.10
N ALA A 33 12.62 -1.41 -6.41
CA ALA A 33 12.07 -2.62 -5.83
C ALA A 33 10.55 -2.51 -5.67
N PRO A 34 9.81 -3.58 -6.00
CA PRO A 34 8.34 -3.58 -5.91
C PRO A 34 7.82 -3.79 -4.50
N ILE A 35 6.78 -3.04 -4.14
CA ILE A 35 6.17 -3.13 -2.82
C ILE A 35 4.74 -3.64 -2.93
N TYR A 36 4.32 -4.45 -1.96
CA TYR A 36 2.97 -5.00 -1.96
C TYR A 36 2.51 -5.35 -0.53
N VAL A 37 1.21 -5.22 -0.29
CA VAL A 37 0.65 -5.53 1.02
C VAL A 37 1.06 -6.90 1.50
N LYS A 38 1.77 -6.94 2.62
CA LYS A 38 2.23 -8.20 3.21
C LYS A 38 1.14 -8.80 4.07
N ASN A 39 0.29 -7.94 4.63
CA ASN A 39 -0.80 -8.41 5.49
C ASN A 39 -1.69 -7.27 5.96
N ILE A 40 -2.99 -7.54 6.08
CA ILE A 40 -3.95 -6.55 6.54
C ILE A 40 -4.26 -6.77 8.02
N LEU A 41 -4.10 -5.73 8.82
CA LEU A 41 -4.36 -5.82 10.25
C LEU A 41 -5.85 -5.71 10.56
N PRO A 42 -6.32 -6.42 11.62
CA PRO A 42 -7.73 -6.40 12.01
C PRO A 42 -8.15 -5.11 12.72
N ARG A 43 -7.21 -4.21 12.91
CA ARG A 43 -7.51 -2.94 13.59
C ARG A 43 -6.93 -1.76 12.83
N GLY A 44 -7.61 -1.33 11.79
CA GLY A 44 -7.14 -0.19 11.00
C GLY A 44 -8.21 0.37 10.10
N ALA A 45 -7.86 1.41 9.35
CA ALA A 45 -8.79 2.06 8.44
C ALA A 45 -9.04 1.23 7.18
N ALA A 46 -8.03 0.51 6.74
CA ALA A 46 -8.14 -0.32 5.55
C ALA A 46 -9.19 -1.40 5.70
N ILE A 47 -9.06 -2.22 6.75
CA ILE A 47 -10.00 -3.30 7.00
C ILE A 47 -11.42 -2.79 7.19
N GLN A 48 -11.58 -1.64 7.84
CA GLN A 48 -12.91 -1.08 8.06
C GLN A 48 -13.49 -0.56 6.75
N ASP A 49 -12.62 -0.01 5.90
CA ASP A 49 -13.06 0.52 4.62
C ASP A 49 -13.44 -0.60 3.66
N GLY A 50 -12.74 -1.73 3.78
CA GLY A 50 -13.03 -2.87 2.92
C GLY A 50 -12.76 -2.55 1.46
N ARG A 51 -11.66 -1.85 1.20
CA ARG A 51 -11.29 -1.49 -0.17
C ARG A 51 -9.98 -2.14 -0.58
N LEU A 52 -8.99 -2.08 0.31
CA LEU A 52 -7.68 -2.66 0.03
C LEU A 52 -7.42 -3.86 0.94
N LYS A 53 -7.22 -5.02 0.34
CA LYS A 53 -6.96 -6.25 1.09
C LYS A 53 -5.57 -6.81 0.78
N ALA A 54 -5.32 -8.03 1.23
CA ALA A 54 -4.03 -8.68 1.00
C ALA A 54 -3.92 -9.17 -0.43
N GLY A 55 -2.69 -9.41 -0.88
CA GLY A 55 -2.48 -9.88 -2.24
C GLY A 55 -2.46 -8.75 -3.26
N ASP A 56 -2.57 -7.52 -2.77
CA ASP A 56 -2.56 -6.35 -3.65
C ASP A 56 -1.18 -5.69 -3.64
N ARG A 57 -0.72 -5.27 -4.81
CA ARG A 57 0.59 -4.63 -4.92
C ARG A 57 0.45 -3.11 -5.00
N LEU A 58 1.32 -2.42 -4.27
CA LEU A 58 1.31 -0.96 -4.22
C LEU A 58 2.03 -0.38 -5.44
N ILE A 59 1.28 0.36 -6.25
CA ILE A 59 1.84 0.99 -7.44
C ILE A 59 2.13 2.46 -7.20
N GLU A 60 1.36 3.07 -6.30
CA GLU A 60 1.53 4.49 -5.99
C GLU A 60 0.93 4.85 -4.64
N VAL A 61 1.52 5.85 -3.98
CA VAL A 61 1.05 6.30 -2.68
C VAL A 61 1.08 7.82 -2.59
N ASN A 62 -0.05 8.43 -2.24
CA ASN A 62 -0.13 9.88 -2.13
C ASN A 62 0.29 10.55 -3.43
N GLY A 63 0.05 9.86 -4.55
CA GLY A 63 0.41 10.40 -5.84
C GLY A 63 1.87 10.23 -6.18
N VAL A 64 2.53 9.31 -5.48
CA VAL A 64 3.95 9.05 -5.70
C VAL A 64 4.16 7.70 -6.40
N ASP A 65 5.22 7.62 -7.19
CA ASP A 65 5.55 6.40 -7.91
C ASP A 65 6.43 5.50 -7.05
N LEU A 66 5.90 4.34 -6.68
CA LEU A 66 6.64 3.39 -5.86
C LEU A 66 7.50 2.47 -6.72
N ALA A 67 7.78 2.89 -7.96
CA ALA A 67 8.58 2.10 -8.87
C ALA A 67 10.04 2.55 -8.84
N GLY A 68 10.53 2.83 -7.64
CA GLY A 68 11.91 3.27 -7.50
C GLY A 68 12.11 4.13 -6.27
N LYS A 69 11.54 3.69 -5.14
CA LYS A 69 11.65 4.43 -3.89
C LYS A 69 12.36 3.59 -2.82
N SER A 70 11.59 2.84 -2.04
CA SER A 70 12.14 1.98 -0.98
C SER A 70 11.05 1.56 -0.02
N GLN A 71 11.30 0.47 0.71
CA GLN A 71 10.34 -0.03 1.67
C GLN A 71 10.21 0.91 2.84
N GLU A 72 11.35 1.23 3.45
CA GLU A 72 11.38 2.14 4.58
C GLU A 72 10.87 3.51 4.14
N GLU A 73 11.10 3.83 2.87
CA GLU A 73 10.64 5.11 2.33
C GLU A 73 9.13 5.10 2.18
N VAL A 74 8.63 4.06 1.52
CA VAL A 74 7.20 3.89 1.31
C VAL A 74 6.47 3.84 2.65
N VAL A 75 7.03 3.08 3.59
CA VAL A 75 6.44 2.96 4.92
C VAL A 75 6.45 4.32 5.61
N SER A 76 7.48 5.12 5.30
CA SER A 76 7.61 6.45 5.88
C SER A 76 6.46 7.32 5.41
N LEU A 77 6.04 7.13 4.17
CA LEU A 77 4.93 7.90 3.60
C LEU A 77 3.65 7.62 4.39
N LEU A 78 3.35 6.34 4.52
CA LEU A 78 2.15 5.92 5.26
C LEU A 78 2.29 6.29 6.73
N ARG A 79 3.50 6.15 7.24
CA ARG A 79 3.78 6.46 8.64
C ARG A 79 3.73 7.97 8.87
N SER A 80 4.09 8.74 7.84
CA SER A 80 4.09 10.19 7.93
C SER A 80 2.69 10.73 8.21
N THR A 81 1.70 10.21 7.50
CA THR A 81 0.32 10.64 7.68
C THR A 81 -0.09 10.56 9.15
N LYS A 82 -0.51 11.69 9.71
CA LYS A 82 -0.93 11.75 11.10
C LYS A 82 -2.46 11.78 11.20
N MET A 83 -2.97 11.99 12.42
CA MET A 83 -4.41 12.03 12.65
C MET A 83 -5.11 12.89 11.60
N GLU A 84 -6.21 12.38 11.06
CA GLU A 84 -6.96 13.10 10.04
C GLU A 84 -6.09 13.32 8.80
N GLY A 85 -6.13 12.36 7.89
CA GLY A 85 -5.34 12.45 6.68
C GLY A 85 -5.64 11.31 5.73
N THR A 86 -6.39 11.63 4.68
CA THR A 86 -6.76 10.63 3.68
C THR A 86 -5.56 10.24 2.82
N VAL A 87 -5.04 9.05 3.06
CA VAL A 87 -3.88 8.56 2.31
C VAL A 87 -4.33 7.71 1.13
N SER A 88 -4.05 8.19 -0.08
CA SER A 88 -4.42 7.47 -1.29
C SER A 88 -3.38 6.42 -1.64
N LEU A 89 -3.82 5.17 -1.74
CA LEU A 89 -2.91 4.08 -2.06
C LEU A 89 -3.37 3.34 -3.31
N LEU A 90 -2.61 3.50 -4.39
CA LEU A 90 -2.91 2.84 -5.65
C LEU A 90 -2.45 1.40 -5.61
N VAL A 91 -3.39 0.46 -5.61
CA VAL A 91 -3.06 -0.95 -5.56
C VAL A 91 -3.54 -1.69 -6.81
N PHE A 92 -3.01 -2.89 -7.01
CA PHE A 92 -3.39 -3.70 -8.16
C PHE A 92 -3.75 -5.12 -7.70
N ARG A 93 -4.96 -5.54 -8.04
CA ARG A 93 -5.45 -6.86 -7.66
C ARG A 93 -5.27 -7.87 -8.80
N GLN A 94 -4.98 -9.11 -8.43
CA GLN A 94 -4.79 -10.17 -9.41
C GLN A 94 -5.54 -11.43 -9.00
N GLU A 95 -5.95 -12.23 -9.98
CA GLU A 95 -6.68 -13.46 -9.71
C GLU A 95 -6.04 -14.65 -10.44
N GLU A 96 -6.62 -15.83 -10.23
CA GLU A 96 -6.12 -17.05 -10.88
C GLU A 96 -7.02 -17.47 -12.03
N ALA A 97 -8.29 -17.09 -11.95
CA ALA A 97 -9.26 -17.44 -12.99
C ALA A 97 -9.47 -18.94 -13.07
N LYS A 1 -0.79 -11.22 -23.12
CA LYS A 1 0.00 -10.81 -21.97
C LYS A 1 -0.63 -11.28 -20.67
N ARG A 2 0.08 -11.07 -19.55
CA ARG A 2 -0.42 -11.47 -18.24
C ARG A 2 -1.74 -10.78 -17.92
N VAL A 3 -2.31 -11.10 -16.78
CA VAL A 3 -3.58 -10.52 -16.36
C VAL A 3 -3.41 -9.69 -15.10
N GLY A 4 -4.35 -8.79 -14.85
CA GLY A 4 -4.29 -7.95 -13.67
C GLY A 4 -4.88 -6.57 -13.90
N LYS A 5 -5.32 -5.93 -12.82
CA LYS A 5 -5.92 -4.60 -12.92
C LYS A 5 -5.55 -3.75 -11.70
N ARG A 6 -5.33 -2.47 -11.94
CA ARG A 6 -4.96 -1.55 -10.86
C ARG A 6 -6.19 -0.82 -10.34
N LEU A 7 -6.23 -0.58 -9.03
CA LEU A 7 -7.36 0.11 -8.42
C LEU A 7 -6.89 1.12 -7.37
N ASN A 8 -7.57 2.26 -7.31
CA ASN A 8 -7.24 3.30 -6.35
C ASN A 8 -7.93 3.03 -5.02
N ILE A 9 -7.16 3.00 -3.94
CA ILE A 9 -7.71 2.74 -2.62
C ILE A 9 -7.17 3.71 -1.58
N GLN A 10 -8.03 4.60 -1.11
CA GLN A 10 -7.65 5.57 -0.10
C GLN A 10 -8.26 5.20 1.25
N LEU A 11 -7.64 5.64 2.34
CA LEU A 11 -8.14 5.33 3.67
C LEU A 11 -8.02 6.51 4.62
N LYS A 12 -9.12 6.82 5.31
CA LYS A 12 -9.14 7.91 6.26
C LYS A 12 -8.33 7.55 7.50
N LYS A 13 -7.23 8.26 7.71
CA LYS A 13 -6.38 8.01 8.86
C LYS A 13 -7.15 8.13 10.16
N GLY A 14 -7.39 6.98 10.81
CA GLY A 14 -8.12 6.99 12.06
C GLY A 14 -7.28 7.43 13.23
N THR A 15 -6.71 6.48 13.96
CA THR A 15 -5.87 6.79 15.10
C THR A 15 -4.95 5.62 15.44
N GLU A 16 -4.59 4.85 14.42
CA GLU A 16 -3.70 3.70 14.61
C GLU A 16 -3.12 3.25 13.26
N GLY A 17 -2.74 4.21 12.44
CA GLY A 17 -2.17 3.90 11.15
C GLY A 17 -3.23 3.57 10.11
N LEU A 18 -3.04 2.49 9.38
CA LEU A 18 -3.99 2.09 8.34
C LEU A 18 -4.33 0.60 8.45
N GLY A 19 -3.81 -0.06 9.49
CA GLY A 19 -4.09 -1.47 9.69
C GLY A 19 -3.67 -2.34 8.51
N PHE A 20 -2.61 -1.93 7.82
CA PHE A 20 -2.12 -2.70 6.68
C PHE A 20 -0.60 -2.72 6.64
N SER A 21 -0.03 -3.92 6.55
CA SER A 21 1.42 -4.08 6.48
C SER A 21 1.83 -4.47 5.07
N ILE A 22 2.87 -3.84 4.55
CA ILE A 22 3.34 -4.13 3.20
C ILE A 22 4.74 -4.72 3.21
N THR A 23 4.99 -5.60 2.25
CA THR A 23 6.29 -6.24 2.11
C THR A 23 7.04 -5.67 0.91
N SER A 24 8.31 -6.03 0.78
CA SER A 24 9.13 -5.54 -0.33
C SER A 24 9.79 -6.69 -1.07
N ARG A 25 9.63 -6.72 -2.39
CA ARG A 25 10.21 -7.77 -3.22
C ARG A 25 11.73 -7.87 -2.99
N ASP A 26 12.33 -6.77 -2.56
CA ASP A 26 13.76 -6.73 -2.31
C ASP A 26 14.56 -6.99 -3.59
N VAL A 27 14.30 -6.17 -4.61
CA VAL A 27 14.97 -6.31 -5.89
C VAL A 27 16.40 -5.77 -5.81
N THR A 28 16.54 -4.57 -5.26
CA THR A 28 17.86 -3.94 -5.14
C THR A 28 18.00 -3.26 -3.78
N ILE A 29 19.24 -3.02 -3.38
CA ILE A 29 19.53 -2.37 -2.11
C ILE A 29 19.18 -0.89 -2.14
N GLY A 30 17.90 -0.60 -1.93
CA GLY A 30 17.44 0.78 -1.94
C GLY A 30 16.93 1.23 -3.30
N GLY A 31 17.37 0.54 -4.35
CA GLY A 31 16.94 0.89 -5.69
C GLY A 31 15.44 0.70 -5.89
N SER A 32 15.05 0.25 -7.07
CA SER A 32 13.64 0.03 -7.38
C SER A 32 13.20 -1.35 -6.91
N ALA A 33 12.01 -1.39 -6.30
CA ALA A 33 11.46 -2.64 -5.81
C ALA A 33 9.96 -2.51 -5.56
N PRO A 34 9.14 -3.40 -6.14
CA PRO A 34 7.69 -3.37 -5.98
C PRO A 34 7.24 -3.74 -4.57
N ILE A 35 6.33 -2.94 -4.02
CA ILE A 35 5.81 -3.17 -2.68
C ILE A 35 4.44 -3.83 -2.73
N TYR A 36 4.20 -4.79 -1.83
CA TYR A 36 2.92 -5.49 -1.79
C TYR A 36 2.37 -5.51 -0.37
N VAL A 37 1.16 -6.02 -0.22
CA VAL A 37 0.52 -6.12 1.09
C VAL A 37 0.79 -7.47 1.72
N LYS A 38 1.69 -7.48 2.69
CA LYS A 38 2.07 -8.71 3.38
C LYS A 38 0.98 -9.13 4.37
N ASN A 39 0.26 -8.16 4.91
CA ASN A 39 -0.80 -8.45 5.88
C ASN A 39 -1.72 -7.27 6.11
N ILE A 40 -2.94 -7.56 6.52
CA ILE A 40 -3.94 -6.53 6.79
C ILE A 40 -4.40 -6.62 8.25
N LEU A 41 -3.83 -5.77 9.09
CA LEU A 41 -4.17 -5.75 10.51
C LEU A 41 -5.66 -5.49 10.74
N PRO A 42 -6.23 -6.07 11.81
CA PRO A 42 -7.64 -5.91 12.14
C PRO A 42 -7.97 -4.60 12.86
N ARG A 43 -6.98 -3.71 12.96
CA ARG A 43 -7.17 -2.43 13.61
C ARG A 43 -6.58 -1.29 12.80
N GLY A 44 -7.32 -0.86 11.78
CA GLY A 44 -6.86 0.23 10.94
C GLY A 44 -7.93 0.76 10.01
N ALA A 45 -7.57 1.75 9.20
CA ALA A 45 -8.50 2.35 8.26
C ALA A 45 -8.74 1.47 7.03
N ALA A 46 -7.79 0.59 6.74
CA ALA A 46 -7.92 -0.29 5.58
C ALA A 46 -8.98 -1.36 5.81
N ILE A 47 -8.83 -2.12 6.89
CA ILE A 47 -9.78 -3.17 7.21
C ILE A 47 -11.16 -2.61 7.51
N GLN A 48 -11.21 -1.41 8.10
CA GLN A 48 -12.47 -0.79 8.43
C GLN A 48 -13.17 -0.30 7.14
N ASP A 49 -12.36 0.19 6.20
CA ASP A 49 -12.89 0.68 4.94
C ASP A 49 -13.38 -0.48 4.07
N GLY A 50 -12.65 -1.59 4.13
CA GLY A 50 -13.02 -2.76 3.35
C GLY A 50 -12.87 -2.53 1.86
N ARG A 51 -11.64 -2.32 1.42
CA ARG A 51 -11.36 -2.08 0.00
C ARG A 51 -10.00 -2.63 -0.40
N LEU A 52 -8.99 -2.37 0.42
CA LEU A 52 -7.63 -2.84 0.14
C LEU A 52 -7.24 -3.95 1.13
N LYS A 53 -6.81 -5.07 0.59
CA LYS A 53 -6.39 -6.20 1.41
C LYS A 53 -5.11 -6.84 0.87
N ALA A 54 -4.76 -8.00 1.41
CA ALA A 54 -3.56 -8.71 0.97
C ALA A 54 -3.61 -9.01 -0.52
N GLY A 55 -2.47 -9.44 -1.07
CA GLY A 55 -2.41 -9.76 -2.48
C GLY A 55 -2.49 -8.53 -3.36
N ASP A 56 -2.16 -7.37 -2.80
CA ASP A 56 -2.20 -6.13 -3.54
C ASP A 56 -0.81 -5.50 -3.65
N ARG A 57 -0.53 -4.88 -4.79
CA ARG A 57 0.77 -4.25 -5.02
C ARG A 57 0.63 -2.73 -5.05
N LEU A 58 1.29 -2.07 -4.11
CA LEU A 58 1.24 -0.61 -4.03
C LEU A 58 1.94 0.04 -5.22
N ILE A 59 1.18 0.73 -6.04
CA ILE A 59 1.71 1.41 -7.21
C ILE A 59 2.15 2.84 -6.87
N GLU A 60 1.49 3.41 -5.87
CA GLU A 60 1.81 4.78 -5.43
C GLU A 60 1.10 5.11 -4.12
N VAL A 61 1.43 6.27 -3.57
CA VAL A 61 0.84 6.71 -2.32
C VAL A 61 0.76 8.23 -2.27
N ASN A 62 -0.44 8.75 -2.00
CA ASN A 62 -0.66 10.19 -1.94
C ASN A 62 -0.20 10.85 -3.24
N GLY A 63 -0.29 10.12 -4.34
CA GLY A 63 0.11 10.64 -5.62
C GLY A 63 1.59 10.47 -5.89
N VAL A 64 2.25 9.67 -5.06
CA VAL A 64 3.68 9.42 -5.21
C VAL A 64 3.96 8.02 -5.72
N ASP A 65 4.61 7.92 -6.87
CA ASP A 65 4.95 6.64 -7.46
C ASP A 65 6.05 5.97 -6.64
N LEU A 66 5.73 4.81 -6.05
CA LEU A 66 6.69 4.08 -5.24
C LEU A 66 7.61 3.23 -6.12
N ALA A 67 7.67 3.55 -7.41
CA ALA A 67 8.52 2.80 -8.33
C ALA A 67 9.95 3.34 -8.31
N GLY A 68 10.71 2.96 -7.30
CA GLY A 68 12.08 3.42 -7.20
C GLY A 68 12.44 3.88 -5.80
N LYS A 69 11.44 3.97 -4.92
CA LYS A 69 11.66 4.41 -3.55
C LYS A 69 12.29 3.30 -2.70
N SER A 70 11.48 2.59 -1.92
CA SER A 70 11.97 1.51 -1.08
C SER A 70 10.90 1.09 -0.07
N GLN A 71 11.18 0.03 0.68
CA GLN A 71 10.24 -0.46 1.69
C GLN A 71 10.15 0.54 2.83
N GLU A 72 11.30 0.88 3.39
CA GLU A 72 11.36 1.84 4.48
C GLU A 72 10.90 3.20 3.97
N GLU A 73 11.15 3.46 2.69
CA GLU A 73 10.75 4.72 2.08
C GLU A 73 9.25 4.76 1.87
N VAL A 74 8.68 3.65 1.42
CA VAL A 74 7.25 3.54 1.19
C VAL A 74 6.51 3.54 2.52
N VAL A 75 7.03 2.81 3.48
CA VAL A 75 6.42 2.74 4.81
C VAL A 75 6.56 4.08 5.51
N SER A 76 7.65 4.78 5.21
CA SER A 76 7.90 6.09 5.81
C SER A 76 6.91 7.11 5.29
N LEU A 77 6.74 7.15 3.97
CA LEU A 77 5.81 8.11 3.35
C LEU A 77 4.39 7.88 3.84
N LEU A 78 4.00 6.62 4.00
CA LEU A 78 2.66 6.30 4.47
C LEU A 78 2.57 6.49 5.99
N ARG A 79 3.70 6.30 6.66
CA ARG A 79 3.76 6.48 8.12
C ARG A 79 3.68 7.95 8.48
N SER A 80 4.18 8.81 7.59
CA SER A 80 4.19 10.25 7.82
C SER A 80 2.77 10.78 8.01
N THR A 81 1.83 10.20 7.28
CA THR A 81 0.43 10.61 7.37
C THR A 81 -0.02 10.69 8.82
N LYS A 82 -0.67 11.79 9.17
CA LYS A 82 -1.15 12.00 10.54
C LYS A 82 -2.66 11.82 10.62
N MET A 83 -3.17 11.68 11.85
CA MET A 83 -4.61 11.49 12.06
C MET A 83 -5.41 12.50 11.24
N GLU A 84 -6.65 12.15 10.93
CA GLU A 84 -7.51 13.03 10.14
C GLU A 84 -6.83 13.37 8.82
N GLY A 85 -6.78 12.39 7.93
CA GLY A 85 -6.15 12.57 6.65
C GLY A 85 -6.21 11.30 5.82
N THR A 86 -7.04 11.32 4.79
CA THR A 86 -7.20 10.16 3.93
C THR A 86 -5.96 9.92 3.08
N VAL A 87 -5.39 8.73 3.24
CA VAL A 87 -4.20 8.34 2.48
C VAL A 87 -4.61 7.56 1.24
N SER A 88 -4.41 8.17 0.07
CA SER A 88 -4.77 7.52 -1.19
C SER A 88 -3.67 6.59 -1.66
N LEU A 89 -3.95 5.29 -1.67
CA LEU A 89 -2.98 4.30 -2.11
C LEU A 89 -3.51 3.47 -3.25
N LEU A 90 -2.91 3.64 -4.42
CA LEU A 90 -3.31 2.89 -5.61
C LEU A 90 -2.67 1.51 -5.58
N VAL A 91 -3.49 0.47 -5.48
CA VAL A 91 -2.99 -0.90 -5.43
C VAL A 91 -3.23 -1.62 -6.75
N PHE A 92 -2.61 -2.78 -6.90
CA PHE A 92 -2.78 -3.56 -8.12
C PHE A 92 -3.20 -4.99 -7.78
N ARG A 93 -4.36 -5.39 -8.30
CA ARG A 93 -4.88 -6.73 -8.05
C ARG A 93 -4.65 -7.64 -9.25
N GLN A 94 -4.11 -8.83 -8.98
CA GLN A 94 -3.84 -9.79 -10.05
C GLN A 94 -4.98 -10.79 -10.18
N GLU A 95 -5.56 -10.86 -11.37
CA GLU A 95 -6.67 -11.79 -11.62
C GLU A 95 -6.15 -13.16 -12.04
N GLU A 96 -7.04 -14.15 -12.02
CA GLU A 96 -6.68 -15.51 -12.39
C GLU A 96 -7.38 -15.93 -13.68
N ALA A 97 -7.25 -17.20 -14.03
CA ALA A 97 -7.88 -17.72 -15.24
C ALA A 97 -7.39 -16.99 -16.48
N LYS A 1 -5.77 -9.53 -24.74
CA LYS A 1 -6.36 -9.47 -23.41
C LYS A 1 -5.38 -8.88 -22.41
N ARG A 2 -5.90 -8.25 -21.36
CA ARG A 2 -5.06 -7.64 -20.34
C ARG A 2 -5.16 -8.41 -19.02
N VAL A 3 -4.01 -8.73 -18.43
CA VAL A 3 -3.97 -9.46 -17.18
C VAL A 3 -3.84 -8.51 -15.99
N GLY A 4 -4.22 -9.00 -14.81
CA GLY A 4 -4.14 -8.19 -13.61
C GLY A 4 -4.98 -6.93 -13.70
N LYS A 5 -5.31 -6.36 -12.55
CA LYS A 5 -6.11 -5.15 -12.49
C LYS A 5 -5.68 -4.26 -11.33
N ARG A 6 -5.62 -2.96 -11.57
CA ARG A 6 -5.22 -2.00 -10.55
C ARG A 6 -6.44 -1.35 -9.90
N LEU A 7 -6.31 -1.04 -8.62
CA LEU A 7 -7.41 -0.39 -7.88
C LEU A 7 -6.90 0.81 -7.09
N ASN A 8 -7.80 1.75 -6.84
CA ASN A 8 -7.47 2.95 -6.07
C ASN A 8 -8.21 2.94 -4.75
N ILE A 9 -7.46 2.94 -3.65
CA ILE A 9 -8.07 2.92 -2.32
C ILE A 9 -7.63 4.11 -1.48
N GLN A 10 -8.59 4.78 -0.87
CA GLN A 10 -8.32 5.93 -0.02
C GLN A 10 -8.72 5.62 1.41
N LEU A 11 -7.76 5.66 2.32
CA LEU A 11 -8.02 5.35 3.72
C LEU A 11 -7.87 6.59 4.59
N LYS A 12 -8.83 6.78 5.50
CA LYS A 12 -8.82 7.92 6.40
C LYS A 12 -8.03 7.60 7.66
N LYS A 13 -7.00 8.39 7.93
CA LYS A 13 -6.16 8.20 9.11
C LYS A 13 -6.99 8.21 10.38
N GLY A 14 -6.93 7.12 11.14
CA GLY A 14 -7.69 7.02 12.37
C GLY A 14 -6.82 7.18 13.60
N THR A 15 -6.25 6.07 14.05
CA THR A 15 -5.39 6.09 15.24
C THR A 15 -4.36 4.97 15.17
N GLU A 16 -4.84 3.74 15.01
CA GLU A 16 -3.96 2.58 14.93
C GLU A 16 -3.46 2.38 13.50
N GLY A 17 -2.81 3.40 12.97
CA GLY A 17 -2.30 3.31 11.61
C GLY A 17 -3.42 3.21 10.59
N LEU A 18 -3.23 2.37 9.58
CA LEU A 18 -4.23 2.18 8.55
C LEU A 18 -4.79 0.76 8.57
N GLY A 19 -4.02 -0.17 9.15
CA GLY A 19 -4.47 -1.55 9.23
C GLY A 19 -3.95 -2.42 8.11
N PHE A 20 -2.87 -1.99 7.47
CA PHE A 20 -2.30 -2.76 6.37
C PHE A 20 -0.78 -2.79 6.44
N SER A 21 -0.22 -3.99 6.37
CA SER A 21 1.23 -4.17 6.40
C SER A 21 1.72 -4.52 5.00
N ILE A 22 2.81 -3.88 4.57
CA ILE A 22 3.33 -4.13 3.24
C ILE A 22 4.73 -4.74 3.29
N THR A 23 4.96 -5.68 2.37
CA THR A 23 6.26 -6.34 2.26
C THR A 23 7.03 -5.75 1.09
N SER A 24 8.30 -6.13 0.98
CA SER A 24 9.14 -5.63 -0.11
C SER A 24 9.79 -6.77 -0.87
N ARG A 25 9.59 -6.77 -2.19
CA ARG A 25 10.16 -7.82 -3.04
C ARG A 25 11.68 -7.78 -2.98
N ASP A 26 12.22 -6.58 -2.82
CA ASP A 26 13.67 -6.41 -2.75
C ASP A 26 14.35 -6.85 -4.04
N VAL A 27 14.01 -6.19 -5.14
CA VAL A 27 14.59 -6.52 -6.44
C VAL A 27 16.10 -6.30 -6.43
N THR A 28 16.50 -5.11 -6.02
CA THR A 28 17.91 -4.76 -5.96
C THR A 28 18.22 -3.86 -4.78
N ILE A 29 19.50 -3.78 -4.43
CA ILE A 29 19.95 -2.96 -3.31
C ILE A 29 19.81 -1.47 -3.63
N GLY A 30 19.86 -1.14 -4.92
CA GLY A 30 19.74 0.26 -5.33
C GLY A 30 18.56 0.96 -4.69
N GLY A 31 17.53 0.18 -4.35
CA GLY A 31 16.34 0.76 -3.74
C GLY A 31 15.09 0.51 -4.56
N SER A 32 15.27 0.35 -5.86
CA SER A 32 14.14 0.10 -6.76
C SER A 32 13.56 -1.28 -6.54
N ALA A 33 12.41 -1.34 -5.87
CA ALA A 33 11.74 -2.61 -5.61
C ALA A 33 10.25 -2.39 -5.35
N PRO A 34 9.40 -3.26 -5.92
CA PRO A 34 7.94 -3.15 -5.76
C PRO A 34 7.44 -3.57 -4.37
N ILE A 35 6.50 -2.80 -3.86
CA ILE A 35 5.93 -3.06 -2.53
C ILE A 35 4.54 -3.71 -2.66
N TYR A 36 4.23 -4.61 -1.74
CA TYR A 36 2.94 -5.29 -1.74
C TYR A 36 2.37 -5.37 -0.33
N VAL A 37 1.08 -5.69 -0.23
CA VAL A 37 0.41 -5.80 1.05
C VAL A 37 0.51 -7.22 1.58
N LYS A 38 1.44 -7.44 2.51
CA LYS A 38 1.66 -8.76 3.09
C LYS A 38 0.55 -9.14 4.05
N ASN A 39 -0.07 -8.15 4.68
CA ASN A 39 -1.14 -8.43 5.63
C ASN A 39 -2.04 -7.21 5.88
N ILE A 40 -3.26 -7.50 6.31
CA ILE A 40 -4.24 -6.46 6.62
C ILE A 40 -4.65 -6.57 8.09
N LEU A 41 -4.00 -5.77 8.94
CA LEU A 41 -4.29 -5.79 10.37
C LEU A 41 -5.78 -5.61 10.65
N PRO A 42 -6.28 -6.22 11.74
CA PRO A 42 -7.69 -6.15 12.12
C PRO A 42 -8.06 -4.85 12.83
N ARG A 43 -7.12 -3.91 12.89
CA ARG A 43 -7.38 -2.62 13.54
C ARG A 43 -6.79 -1.47 12.73
N GLY A 44 -7.53 -1.04 11.71
CA GLY A 44 -7.08 0.06 10.88
C GLY A 44 -8.14 0.54 9.92
N ALA A 45 -7.91 1.71 9.32
CA ALA A 45 -8.85 2.29 8.38
C ALA A 45 -9.14 1.38 7.19
N ALA A 46 -8.10 0.71 6.70
CA ALA A 46 -8.25 -0.18 5.54
C ALA A 46 -9.33 -1.23 5.78
N ILE A 47 -9.19 -1.99 6.85
CA ILE A 47 -10.15 -3.04 7.16
C ILE A 47 -11.55 -2.47 7.37
N GLN A 48 -11.62 -1.26 7.90
CA GLN A 48 -12.91 -0.60 8.13
C GLN A 48 -13.54 -0.20 6.81
N ASP A 49 -12.72 0.36 5.93
CA ASP A 49 -13.19 0.79 4.61
C ASP A 49 -13.49 -0.40 3.72
N GLY A 50 -12.72 -1.47 3.90
CA GLY A 50 -12.91 -2.66 3.10
C GLY A 50 -12.72 -2.40 1.62
N ARG A 51 -11.58 -1.82 1.27
CA ARG A 51 -11.28 -1.51 -0.12
C ARG A 51 -9.96 -2.15 -0.55
N LEU A 52 -8.96 -2.06 0.32
CA LEU A 52 -7.64 -2.63 0.02
C LEU A 52 -7.36 -3.84 0.91
N LYS A 53 -7.14 -4.99 0.30
CA LYS A 53 -6.87 -6.21 1.03
C LYS A 53 -5.40 -6.63 0.89
N ALA A 54 -5.09 -7.83 1.35
CA ALA A 54 -3.72 -8.36 1.26
C ALA A 54 -3.43 -8.92 -0.12
N GLY A 55 -2.15 -9.13 -0.41
CA GLY A 55 -1.77 -9.66 -1.71
C GLY A 55 -1.81 -8.61 -2.80
N ASP A 56 -1.90 -7.35 -2.41
CA ASP A 56 -1.94 -6.25 -3.37
C ASP A 56 -0.54 -5.72 -3.65
N ARG A 57 -0.38 -5.09 -4.80
CA ARG A 57 0.91 -4.53 -5.19
C ARG A 57 0.86 -3.00 -5.23
N LEU A 58 1.50 -2.37 -4.25
CA LEU A 58 1.53 -0.92 -4.18
C LEU A 58 2.20 -0.32 -5.41
N ILE A 59 1.44 0.51 -6.13
CA ILE A 59 1.94 1.16 -7.32
C ILE A 59 2.16 2.65 -7.09
N GLU A 60 1.39 3.21 -6.15
CA GLU A 60 1.50 4.63 -5.83
C GLU A 60 1.00 4.93 -4.42
N VAL A 61 1.43 6.06 -3.88
CA VAL A 61 1.01 6.47 -2.54
C VAL A 61 0.89 7.99 -2.46
N ASN A 62 -0.32 8.48 -2.21
CA ASN A 62 -0.57 9.91 -2.11
C ASN A 62 -0.15 10.63 -3.38
N GLY A 63 -0.28 9.95 -4.51
CA GLY A 63 0.09 10.56 -5.78
C GLY A 63 1.57 10.42 -6.09
N VAL A 64 2.26 9.58 -5.32
CA VAL A 64 3.69 9.36 -5.52
C VAL A 64 3.95 7.98 -6.10
N ASP A 65 5.02 7.87 -6.89
CA ASP A 65 5.39 6.60 -7.50
C ASP A 65 6.44 5.89 -6.64
N LEU A 66 6.08 4.70 -6.16
CA LEU A 66 6.99 3.91 -5.33
C LEU A 66 7.99 3.12 -6.17
N ALA A 67 8.09 3.47 -7.45
CA ALA A 67 9.01 2.78 -8.35
C ALA A 67 10.40 3.40 -8.29
N GLY A 68 11.04 3.30 -7.13
CA GLY A 68 12.37 3.86 -6.96
C GLY A 68 12.66 4.28 -5.54
N LYS A 69 11.60 4.52 -4.76
CA LYS A 69 11.77 4.93 -3.37
C LYS A 69 12.35 3.79 -2.52
N SER A 70 11.50 3.07 -1.80
CA SER A 70 11.94 1.96 -0.94
C SER A 70 10.83 1.56 0.01
N GLN A 71 11.04 0.47 0.74
CA GLN A 71 10.04 0.00 1.71
C GLN A 71 9.95 0.97 2.86
N GLU A 72 11.09 1.24 3.49
CA GLU A 72 11.14 2.18 4.60
C GLU A 72 10.72 3.56 4.11
N GLU A 73 11.01 3.84 2.84
CA GLU A 73 10.66 5.12 2.26
C GLU A 73 9.15 5.20 2.07
N VAL A 74 8.61 4.18 1.40
CA VAL A 74 7.18 4.10 1.16
C VAL A 74 6.40 4.12 2.47
N VAL A 75 6.89 3.34 3.43
CA VAL A 75 6.26 3.28 4.75
C VAL A 75 6.37 4.63 5.45
N SER A 76 7.46 5.34 5.17
CA SER A 76 7.69 6.65 5.76
C SER A 76 6.63 7.65 5.29
N LEU A 77 6.22 7.51 4.04
CA LEU A 77 5.20 8.40 3.47
C LEU A 77 3.86 8.15 4.13
N LEU A 78 3.44 6.89 4.14
CA LEU A 78 2.17 6.52 4.74
C LEU A 78 2.21 6.72 6.26
N ARG A 79 3.39 6.54 6.83
CA ARG A 79 3.56 6.71 8.27
C ARG A 79 3.51 8.19 8.64
N SER A 80 3.95 9.04 7.72
CA SER A 80 3.96 10.48 7.95
C SER A 80 2.55 11.00 8.22
N THR A 81 1.57 10.47 7.50
CA THR A 81 0.18 10.88 7.65
C THR A 81 -0.22 10.84 9.12
N LYS A 82 -0.85 11.92 9.59
CA LYS A 82 -1.28 12.01 10.98
C LYS A 82 -2.80 11.92 11.08
N MET A 83 -3.33 12.16 12.27
CA MET A 83 -4.77 12.11 12.50
C MET A 83 -5.50 12.99 11.50
N GLU A 84 -6.66 12.52 11.02
CA GLU A 84 -7.44 13.26 10.05
C GLU A 84 -6.63 13.51 8.79
N GLY A 85 -6.58 12.51 7.92
CA GLY A 85 -5.83 12.62 6.69
C GLY A 85 -5.99 11.40 5.81
N THR A 86 -6.79 11.53 4.76
CA THR A 86 -7.03 10.43 3.85
C THR A 86 -5.80 10.14 3.00
N VAL A 87 -5.20 8.96 3.23
CA VAL A 87 -4.03 8.54 2.49
C VAL A 87 -4.41 7.70 1.29
N SER A 88 -4.08 8.16 0.10
CA SER A 88 -4.41 7.43 -1.12
C SER A 88 -3.36 6.38 -1.42
N LEU A 89 -3.82 5.16 -1.72
CA LEU A 89 -2.91 4.07 -2.02
C LEU A 89 -3.38 3.27 -3.24
N LEU A 90 -2.66 3.41 -4.34
CA LEU A 90 -3.00 2.70 -5.57
C LEU A 90 -2.38 1.31 -5.54
N VAL A 91 -3.23 0.30 -5.42
CA VAL A 91 -2.76 -1.08 -5.37
C VAL A 91 -3.06 -1.81 -6.68
N PHE A 92 -2.41 -2.96 -6.87
CA PHE A 92 -2.62 -3.74 -8.09
C PHE A 92 -2.79 -5.21 -7.75
N ARG A 93 -3.90 -5.80 -8.22
CA ARG A 93 -4.19 -7.20 -7.97
C ARG A 93 -3.89 -8.05 -9.20
N GLN A 94 -3.24 -9.19 -8.98
CA GLN A 94 -2.89 -10.09 -10.07
C GLN A 94 -3.77 -11.34 -10.05
N GLU A 95 -4.55 -11.53 -11.11
CA GLU A 95 -5.44 -12.69 -11.20
C GLU A 95 -4.63 -13.97 -11.46
N GLU A 96 -5.24 -15.11 -11.12
CA GLU A 96 -4.60 -16.40 -11.30
C GLU A 96 -4.28 -16.64 -12.78
N ALA A 97 -3.00 -16.84 -13.08
CA ALA A 97 -2.57 -17.09 -14.46
C ALA A 97 -1.17 -17.69 -14.49
N LYS A 1 1.00 -15.16 -18.58
CA LYS A 1 0.20 -14.42 -17.62
C LYS A 1 -0.64 -13.34 -18.29
N ARG A 2 -1.74 -12.97 -17.66
CA ARG A 2 -2.62 -11.94 -18.21
C ARG A 2 -3.76 -11.62 -17.25
N VAL A 3 -3.43 -11.56 -15.96
CA VAL A 3 -4.42 -11.27 -14.93
C VAL A 3 -3.90 -10.21 -13.97
N GLY A 4 -4.83 -9.56 -13.26
CA GLY A 4 -4.45 -8.54 -12.31
C GLY A 4 -4.63 -7.14 -12.86
N LYS A 5 -5.06 -6.22 -12.00
CA LYS A 5 -5.28 -4.83 -12.41
C LYS A 5 -4.88 -3.87 -11.30
N ARG A 6 -5.19 -2.60 -11.48
CA ARG A 6 -4.86 -1.58 -10.50
C ARG A 6 -6.11 -0.86 -10.02
N LEU A 7 -6.15 -0.58 -8.71
CA LEU A 7 -7.30 0.10 -8.12
C LEU A 7 -6.86 1.18 -7.15
N ASN A 8 -7.66 2.24 -7.05
CA ASN A 8 -7.36 3.35 -6.14
C ASN A 8 -8.17 3.20 -4.85
N ILE A 9 -7.49 3.20 -3.72
CA ILE A 9 -8.14 3.06 -2.44
C ILE A 9 -7.77 4.18 -1.47
N GLN A 10 -8.76 5.02 -1.15
CA GLN A 10 -8.54 6.14 -0.23
C GLN A 10 -8.78 5.68 1.21
N LEU A 11 -7.77 5.84 2.05
CA LEU A 11 -7.87 5.42 3.44
C LEU A 11 -7.87 6.62 4.39
N LYS A 12 -8.84 6.63 5.31
CA LYS A 12 -8.95 7.71 6.29
C LYS A 12 -8.00 7.46 7.46
N LYS A 13 -6.98 8.29 7.58
CA LYS A 13 -6.01 8.16 8.65
C LYS A 13 -6.68 8.15 10.02
N GLY A 14 -6.19 7.29 10.91
CA GLY A 14 -6.77 7.19 12.24
C GLY A 14 -5.70 7.20 13.33
N THR A 15 -6.05 6.67 14.50
CA THR A 15 -5.12 6.63 15.62
C THR A 15 -4.33 5.32 15.62
N GLU A 16 -4.97 4.25 15.16
CA GLU A 16 -4.33 2.93 15.11
C GLU A 16 -3.81 2.63 13.71
N GLY A 17 -3.01 3.55 13.17
CA GLY A 17 -2.47 3.36 11.84
C GLY A 17 -3.54 3.13 10.79
N LEU A 18 -3.28 2.22 9.86
CA LEU A 18 -4.23 1.92 8.80
C LEU A 18 -4.75 0.49 8.91
N GLY A 19 -3.95 -0.37 9.53
CA GLY A 19 -4.34 -1.77 9.69
C GLY A 19 -3.77 -2.66 8.62
N PHE A 20 -2.67 -2.24 8.02
CA PHE A 20 -2.04 -3.02 6.96
C PHE A 20 -0.53 -2.81 6.92
N SER A 21 0.21 -3.89 6.86
CA SER A 21 1.68 -3.83 6.80
C SER A 21 2.16 -4.16 5.40
N ILE A 22 3.08 -3.38 4.88
CA ILE A 22 3.61 -3.61 3.54
C ILE A 22 4.99 -4.22 3.55
N THR A 23 5.20 -5.17 2.65
CA THR A 23 6.48 -5.85 2.54
C THR A 23 7.18 -5.43 1.25
N SER A 24 8.46 -5.76 1.14
CA SER A 24 9.23 -5.42 -0.05
C SER A 24 9.73 -6.66 -0.77
N ARG A 25 9.47 -6.74 -2.07
CA ARG A 25 9.87 -7.89 -2.87
C ARG A 25 11.39 -8.07 -2.83
N ASP A 26 12.11 -6.97 -2.64
CA ASP A 26 13.57 -7.01 -2.59
C ASP A 26 14.14 -7.49 -3.92
N VAL A 27 13.69 -6.90 -5.00
CA VAL A 27 14.16 -7.26 -6.33
C VAL A 27 15.60 -6.82 -6.55
N THR A 28 15.88 -5.58 -6.18
CA THR A 28 17.21 -5.01 -6.33
C THR A 28 17.88 -4.83 -4.97
N ILE A 29 19.21 -4.74 -4.98
CA ILE A 29 19.97 -4.58 -3.74
C ILE A 29 19.50 -3.35 -2.96
N GLY A 30 19.01 -2.35 -3.68
CA GLY A 30 18.53 -1.14 -3.03
C GLY A 30 18.45 0.04 -3.98
N GLY A 31 17.28 0.27 -4.55
CA GLY A 31 17.11 1.38 -5.47
C GLY A 31 15.72 1.43 -6.07
N SER A 32 15.16 0.26 -6.36
CA SER A 32 13.82 0.18 -6.94
C SER A 32 13.24 -1.22 -6.80
N ALA A 33 12.29 -1.38 -5.88
CA ALA A 33 11.66 -2.67 -5.63
C ALA A 33 10.17 -2.51 -5.42
N PRO A 34 9.36 -3.43 -5.98
CA PRO A 34 7.89 -3.38 -5.84
C PRO A 34 7.44 -3.67 -4.40
N ILE A 35 6.64 -2.76 -3.85
CA ILE A 35 6.14 -2.91 -2.49
C ILE A 35 4.76 -3.57 -2.50
N TYR A 36 4.55 -4.52 -1.59
CA TYR A 36 3.28 -5.22 -1.50
C TYR A 36 2.74 -5.16 -0.07
N VAL A 37 1.52 -5.67 0.11
CA VAL A 37 0.87 -5.68 1.41
C VAL A 37 1.14 -6.99 2.14
N LYS A 38 2.12 -6.98 3.04
CA LYS A 38 2.48 -8.18 3.80
C LYS A 38 1.26 -8.79 4.47
N ASN A 39 0.29 -7.95 4.84
CA ASN A 39 -0.92 -8.45 5.49
C ASN A 39 -1.84 -7.30 5.92
N ILE A 40 -3.11 -7.63 6.09
CA ILE A 40 -4.12 -6.65 6.51
C ILE A 40 -4.54 -6.93 7.95
N LEU A 41 -3.93 -6.21 8.89
CA LEU A 41 -4.23 -6.38 10.30
C LEU A 41 -5.73 -6.26 10.56
N PRO A 42 -6.22 -6.90 11.65
CA PRO A 42 -7.65 -6.87 12.00
C PRO A 42 -8.06 -5.63 12.79
N ARG A 43 -7.29 -4.56 12.68
CA ARG A 43 -7.59 -3.32 13.38
C ARG A 43 -7.04 -2.12 12.64
N GLY A 44 -7.83 -1.56 11.73
CA GLY A 44 -7.41 -0.39 10.98
C GLY A 44 -8.49 0.13 10.05
N ALA A 45 -8.17 1.20 9.32
CA ALA A 45 -9.12 1.81 8.41
C ALA A 45 -9.28 0.99 7.12
N ALA A 46 -8.23 0.24 6.76
CA ALA A 46 -8.28 -0.57 5.54
C ALA A 46 -9.30 -1.69 5.66
N ILE A 47 -9.20 -2.49 6.72
CA ILE A 47 -10.10 -3.60 6.94
C ILE A 47 -11.55 -3.12 7.09
N GLN A 48 -11.75 -2.00 7.76
CA GLN A 48 -13.09 -1.46 7.96
C GLN A 48 -13.63 -0.89 6.65
N ASP A 49 -12.75 -0.31 5.85
CA ASP A 49 -13.14 0.26 4.57
C ASP A 49 -13.50 -0.84 3.57
N GLY A 50 -12.80 -1.96 3.66
CA GLY A 50 -13.05 -3.07 2.77
C GLY A 50 -12.77 -2.72 1.32
N ARG A 51 -11.58 -2.17 1.06
CA ARG A 51 -11.20 -1.78 -0.28
C ARG A 51 -9.85 -2.38 -0.66
N LEU A 52 -8.86 -2.21 0.22
CA LEU A 52 -7.53 -2.72 -0.03
C LEU A 52 -7.25 -3.93 0.87
N LYS A 53 -6.98 -5.07 0.24
CA LYS A 53 -6.71 -6.30 0.98
C LYS A 53 -5.23 -6.65 0.93
N ALA A 54 -4.90 -7.84 1.43
CA ALA A 54 -3.51 -8.30 1.44
C ALA A 54 -3.10 -8.82 0.07
N GLY A 55 -1.81 -8.73 -0.22
CA GLY A 55 -1.30 -9.18 -1.50
C GLY A 55 -1.28 -8.08 -2.54
N ASP A 56 -2.04 -7.02 -2.30
CA ASP A 56 -2.11 -5.89 -3.21
C ASP A 56 -0.73 -5.23 -3.35
N ARG A 57 -0.40 -4.80 -4.56
CA ARG A 57 0.88 -4.16 -4.83
C ARG A 57 0.72 -2.64 -4.85
N LEU A 58 1.45 -1.97 -3.98
CA LEU A 58 1.40 -0.51 -3.90
C LEU A 58 2.11 0.13 -5.09
N ILE A 59 1.34 0.74 -5.98
CA ILE A 59 1.88 1.38 -7.16
C ILE A 59 2.13 2.87 -6.92
N GLU A 60 1.34 3.46 -6.03
CA GLU A 60 1.48 4.88 -5.71
C GLU A 60 0.87 5.21 -4.36
N VAL A 61 1.25 6.37 -3.82
CA VAL A 61 0.74 6.84 -2.54
C VAL A 61 0.60 8.36 -2.52
N ASN A 62 -0.62 8.83 -2.34
CA ASN A 62 -0.89 10.27 -2.31
C ASN A 62 -0.43 10.93 -3.61
N GLY A 63 -0.49 10.18 -4.71
CA GLY A 63 -0.09 10.71 -5.99
C GLY A 63 1.41 10.61 -6.22
N VAL A 64 2.07 9.75 -5.45
CA VAL A 64 3.50 9.57 -5.58
C VAL A 64 3.84 8.21 -6.21
N ASP A 65 4.94 8.18 -6.93
CA ASP A 65 5.38 6.95 -7.58
C ASP A 65 6.33 6.17 -6.66
N LEU A 66 5.90 5.00 -6.23
CA LEU A 66 6.72 4.16 -5.35
C LEU A 66 7.66 3.27 -6.15
N ALA A 67 7.89 3.63 -7.40
CA ALA A 67 8.79 2.86 -8.26
C ALA A 67 10.19 3.44 -8.25
N GLY A 68 11.00 2.99 -7.29
CA GLY A 68 12.36 3.47 -7.18
C GLY A 68 12.64 4.17 -5.87
N LYS A 69 11.69 4.07 -4.93
CA LYS A 69 11.84 4.71 -3.63
C LYS A 69 12.49 3.75 -2.63
N SER A 70 11.67 3.02 -1.87
CA SER A 70 12.17 2.07 -0.88
C SER A 70 11.05 1.66 0.07
N GLN A 71 11.29 0.58 0.82
CA GLN A 71 10.30 0.10 1.77
C GLN A 71 10.17 1.08 2.92
N GLU A 72 11.29 1.40 3.55
CA GLU A 72 11.30 2.35 4.64
C GLU A 72 10.85 3.72 4.14
N GLU A 73 11.14 4.00 2.87
CA GLU A 73 10.75 5.26 2.26
C GLU A 73 9.24 5.29 2.07
N VAL A 74 8.73 4.24 1.46
CA VAL A 74 7.30 4.10 1.22
C VAL A 74 6.54 4.11 2.55
N VAL A 75 7.01 3.29 3.48
CA VAL A 75 6.39 3.21 4.79
C VAL A 75 6.44 4.57 5.47
N SER A 76 7.49 5.32 5.18
CA SER A 76 7.66 6.66 5.74
C SER A 76 6.56 7.58 5.24
N LEU A 77 6.19 7.41 3.97
CA LEU A 77 5.13 8.22 3.37
C LEU A 77 3.84 8.04 4.14
N LEU A 78 3.47 6.77 4.32
CA LEU A 78 2.25 6.44 5.06
C LEU A 78 2.40 6.87 6.51
N ARG A 79 3.57 6.57 7.08
CA ARG A 79 3.86 6.94 8.46
C ARG A 79 3.81 8.44 8.64
N SER A 80 4.15 9.17 7.58
CA SER A 80 4.14 10.62 7.61
C SER A 80 2.73 11.16 7.83
N THR A 81 1.76 10.53 7.17
CA THR A 81 0.36 10.94 7.29
C THR A 81 -0.08 10.89 8.75
N LYS A 82 -0.72 11.95 9.21
CA LYS A 82 -1.19 12.02 10.59
C LYS A 82 -2.69 11.77 10.66
N MET A 83 -3.24 11.87 11.87
CA MET A 83 -4.67 11.66 12.08
C MET A 83 -5.50 12.58 11.19
N GLU A 84 -6.66 12.11 10.75
CA GLU A 84 -7.52 12.89 9.88
C GLU A 84 -6.80 13.26 8.60
N GLY A 85 -6.80 12.33 7.63
CA GLY A 85 -6.14 12.56 6.38
C GLY A 85 -6.32 11.40 5.42
N THR A 86 -7.17 11.58 4.44
CA THR A 86 -7.46 10.53 3.46
C THR A 86 -6.26 10.33 2.54
N VAL A 87 -5.59 9.19 2.71
CA VAL A 87 -4.42 8.86 1.90
C VAL A 87 -4.82 7.99 0.72
N SER A 88 -4.62 8.50 -0.49
CA SER A 88 -4.98 7.77 -1.70
C SER A 88 -3.85 6.82 -2.10
N LEU A 89 -4.03 5.54 -1.81
CA LEU A 89 -3.02 4.54 -2.12
C LEU A 89 -3.44 3.70 -3.32
N LEU A 90 -2.74 3.86 -4.43
CA LEU A 90 -3.03 3.11 -5.64
C LEU A 90 -2.41 1.73 -5.56
N VAL A 91 -3.25 0.71 -5.43
CA VAL A 91 -2.78 -0.66 -5.32
C VAL A 91 -3.08 -1.46 -6.60
N PHE A 92 -2.57 -2.68 -6.64
CA PHE A 92 -2.79 -3.55 -7.79
C PHE A 92 -3.34 -4.90 -7.33
N ARG A 93 -4.58 -5.19 -7.70
CA ARG A 93 -5.22 -6.44 -7.32
C ARG A 93 -4.92 -7.55 -8.33
N GLN A 94 -4.39 -8.66 -7.83
CA GLN A 94 -4.06 -9.79 -8.68
C GLN A 94 -5.19 -10.82 -8.67
N GLU A 95 -5.27 -11.63 -9.73
CA GLU A 95 -6.30 -12.65 -9.83
C GLU A 95 -7.70 -12.03 -9.78
N GLU A 96 -8.38 -12.06 -10.92
CA GLU A 96 -9.73 -11.49 -11.01
C GLU A 96 -10.78 -12.59 -10.89
N ALA A 97 -10.46 -13.63 -10.13
CA ALA A 97 -11.38 -14.75 -9.93
C ALA A 97 -12.48 -14.37 -8.93
N LYS A 1 3.75 -13.71 -17.11
CA LYS A 1 2.91 -14.01 -15.96
C LYS A 1 2.65 -12.76 -15.14
N ARG A 2 1.68 -11.96 -15.57
CA ARG A 2 1.33 -10.73 -14.86
C ARG A 2 0.12 -10.06 -15.52
N VAL A 3 -1.07 -10.33 -14.99
CA VAL A 3 -2.29 -9.75 -15.51
C VAL A 3 -3.23 -9.35 -14.38
N GLY A 4 -4.18 -8.46 -14.70
CA GLY A 4 -5.12 -8.01 -13.70
C GLY A 4 -5.56 -6.57 -13.92
N LYS A 5 -5.70 -5.83 -12.83
CA LYS A 5 -6.12 -4.44 -12.90
C LYS A 5 -5.76 -3.69 -11.63
N ARG A 6 -5.39 -2.42 -11.77
CA ARG A 6 -5.03 -1.60 -10.61
C ARG A 6 -6.26 -1.00 -9.96
N LEU A 7 -6.17 -0.75 -8.66
CA LEU A 7 -7.28 -0.17 -7.91
C LEU A 7 -6.81 0.98 -7.02
N ASN A 8 -7.72 1.88 -6.69
CA ASN A 8 -7.41 3.02 -5.83
C ASN A 8 -8.15 2.91 -4.51
N ILE A 9 -7.41 3.03 -3.41
CA ILE A 9 -8.00 2.94 -2.08
C ILE A 9 -7.63 4.13 -1.21
N GLN A 10 -8.64 4.86 -0.75
CA GLN A 10 -8.43 6.02 0.11
C GLN A 10 -8.75 5.67 1.56
N LEU A 11 -7.76 5.77 2.43
CA LEU A 11 -7.94 5.45 3.84
C LEU A 11 -7.81 6.67 4.72
N LYS A 12 -8.73 6.81 5.66
CA LYS A 12 -8.72 7.94 6.58
C LYS A 12 -7.76 7.67 7.75
N LYS A 13 -6.72 8.50 7.86
CA LYS A 13 -5.73 8.35 8.92
C LYS A 13 -6.41 8.26 10.29
N GLY A 14 -5.99 7.29 11.09
CA GLY A 14 -6.56 7.12 12.42
C GLY A 14 -5.49 7.05 13.50
N THR A 15 -5.82 6.40 14.61
CA THR A 15 -4.89 6.26 15.72
C THR A 15 -4.09 4.96 15.60
N GLU A 16 -4.77 3.90 15.20
CA GLU A 16 -4.12 2.59 15.05
C GLU A 16 -3.59 2.41 13.63
N GLY A 17 -2.84 3.40 13.16
CA GLY A 17 -2.28 3.33 11.82
C GLY A 17 -3.34 3.12 10.75
N LEU A 18 -3.05 2.25 9.79
CA LEU A 18 -3.99 1.96 8.72
C LEU A 18 -4.53 0.54 8.81
N GLY A 19 -3.78 -0.33 9.49
CA GLY A 19 -4.20 -1.71 9.64
C GLY A 19 -3.69 -2.60 8.53
N PHE A 20 -2.66 -2.15 7.83
CA PHE A 20 -2.08 -2.93 6.74
C PHE A 20 -0.56 -2.82 6.74
N SER A 21 0.11 -3.96 6.63
CA SER A 21 1.56 -4.01 6.60
C SER A 21 2.05 -4.30 5.19
N ILE A 22 3.05 -3.55 4.74
CA ILE A 22 3.57 -3.74 3.40
C ILE A 22 4.96 -4.37 3.42
N THR A 23 5.17 -5.29 2.48
CA THR A 23 6.43 -5.98 2.34
C THR A 23 7.15 -5.52 1.07
N SER A 24 8.44 -5.83 0.99
CA SER A 24 9.23 -5.44 -0.17
C SER A 24 9.93 -6.64 -0.79
N ARG A 25 9.79 -6.78 -2.11
CA ARG A 25 10.40 -7.90 -2.83
C ARG A 25 11.91 -7.89 -2.65
N ASP A 26 12.46 -6.71 -2.37
CA ASP A 26 13.90 -6.57 -2.18
C ASP A 26 14.67 -6.94 -3.45
N VAL A 27 14.30 -6.30 -4.55
CA VAL A 27 14.96 -6.56 -5.83
C VAL A 27 16.39 -6.08 -5.82
N THR A 28 16.63 -4.93 -5.19
CA THR A 28 17.96 -4.37 -5.10
C THR A 28 18.22 -3.78 -3.72
N ILE A 29 19.47 -3.41 -3.45
CA ILE A 29 19.84 -2.84 -2.17
C ILE A 29 19.04 -1.59 -1.86
N GLY A 30 19.26 -0.55 -2.66
CA GLY A 30 18.55 0.70 -2.47
C GLY A 30 18.16 1.35 -3.78
N GLY A 31 17.43 0.62 -4.62
CA GLY A 31 17.01 1.15 -5.90
C GLY A 31 15.53 0.94 -6.15
N SER A 32 15.21 0.03 -7.07
CA SER A 32 13.82 -0.27 -7.40
C SER A 32 13.38 -1.60 -6.82
N ALA A 33 12.14 -1.66 -6.37
CA ALA A 33 11.59 -2.87 -5.78
C ALA A 33 10.09 -2.73 -5.51
N PRO A 34 9.27 -3.65 -6.05
CA PRO A 34 7.81 -3.60 -5.87
C PRO A 34 7.39 -3.87 -4.42
N ILE A 35 6.34 -3.19 -3.99
CA ILE A 35 5.81 -3.35 -2.64
C ILE A 35 4.44 -4.00 -2.64
N TYR A 36 4.29 -5.08 -1.88
CA TYR A 36 3.01 -5.80 -1.81
C TYR A 36 2.50 -5.85 -0.37
N VAL A 37 1.19 -5.88 -0.20
CA VAL A 37 0.59 -5.94 1.12
C VAL A 37 0.99 -7.21 1.86
N LYS A 38 1.95 -7.06 2.77
CA LYS A 38 2.43 -8.19 3.56
C LYS A 38 1.31 -8.80 4.38
N ASN A 39 0.36 -7.97 4.80
CA ASN A 39 -0.77 -8.45 5.60
C ASN A 39 -1.79 -7.34 5.86
N ILE A 40 -3.01 -7.75 6.16
CA ILE A 40 -4.09 -6.81 6.45
C ILE A 40 -4.65 -7.05 7.85
N LEU A 41 -4.19 -6.27 8.81
CA LEU A 41 -4.64 -6.40 10.19
C LEU A 41 -6.15 -6.17 10.31
N PRO A 42 -6.79 -6.84 11.28
CA PRO A 42 -8.24 -6.73 11.50
C PRO A 42 -8.62 -5.55 12.40
N ARG A 43 -7.76 -4.53 12.45
CA ARG A 43 -8.03 -3.36 13.27
C ARG A 43 -7.38 -2.11 12.65
N GLY A 44 -7.98 -1.62 11.57
CA GLY A 44 -7.45 -0.44 10.91
C GLY A 44 -8.45 0.21 9.97
N ALA A 45 -8.02 1.26 9.29
CA ALA A 45 -8.88 1.98 8.37
C ALA A 45 -9.05 1.22 7.05
N ALA A 46 -8.08 0.39 6.71
CA ALA A 46 -8.14 -0.37 5.47
C ALA A 46 -9.23 -1.44 5.53
N ILE A 47 -9.17 -2.30 6.55
CA ILE A 47 -10.14 -3.35 6.69
C ILE A 47 -11.54 -2.79 6.95
N GLN A 48 -11.61 -1.68 7.69
CA GLN A 48 -12.89 -1.05 7.98
C GLN A 48 -13.46 -0.41 6.72
N ASP A 49 -12.58 0.15 5.89
CA ASP A 49 -12.98 0.78 4.65
C ASP A 49 -13.45 -0.25 3.64
N GLY A 50 -12.82 -1.42 3.68
CA GLY A 50 -13.19 -2.48 2.75
C GLY A 50 -12.88 -2.12 1.32
N ARG A 51 -11.60 -1.92 1.02
CA ARG A 51 -11.19 -1.56 -0.33
C ARG A 51 -9.86 -2.22 -0.69
N LEU A 52 -8.89 -2.12 0.20
CA LEU A 52 -7.57 -2.70 -0.03
C LEU A 52 -7.38 -3.95 0.84
N LYS A 53 -7.13 -5.07 0.19
CA LYS A 53 -6.91 -6.33 0.89
C LYS A 53 -5.46 -6.77 0.80
N ALA A 54 -5.19 -8.00 1.23
CA ALA A 54 -3.83 -8.55 1.20
C ALA A 54 -3.51 -9.13 -0.17
N GLY A 55 -2.22 -9.20 -0.49
CA GLY A 55 -1.81 -9.73 -1.77
C GLY A 55 -1.71 -8.67 -2.86
N ASP A 56 -2.26 -7.49 -2.57
CA ASP A 56 -2.24 -6.39 -3.53
C ASP A 56 -0.86 -5.75 -3.60
N ARG A 57 -0.61 -5.04 -4.69
CA ARG A 57 0.69 -4.38 -4.88
C ARG A 57 0.52 -2.87 -4.95
N LEU A 58 1.17 -2.16 -4.03
CA LEU A 58 1.09 -0.71 -3.97
C LEU A 58 1.84 -0.08 -5.14
N ILE A 59 1.11 0.56 -6.03
CA ILE A 59 1.70 1.21 -7.19
C ILE A 59 1.99 2.69 -6.92
N GLU A 60 1.20 3.28 -6.03
CA GLU A 60 1.37 4.69 -5.68
C GLU A 60 0.77 5.01 -4.32
N VAL A 61 1.15 6.16 -3.77
CA VAL A 61 0.66 6.61 -2.48
C VAL A 61 0.58 8.13 -2.44
N ASN A 62 -0.62 8.65 -2.17
CA ASN A 62 -0.81 10.10 -2.09
C ASN A 62 -0.40 10.77 -3.40
N GLY A 63 -0.54 10.04 -4.50
CA GLY A 63 -0.19 10.59 -5.80
C GLY A 63 1.30 10.45 -6.10
N VAL A 64 1.99 9.61 -5.34
CA VAL A 64 3.41 9.40 -5.52
C VAL A 64 3.70 8.03 -6.13
N ASP A 65 4.77 7.94 -6.91
CA ASP A 65 5.16 6.69 -7.54
C ASP A 65 6.13 5.93 -6.65
N LEU A 66 5.72 4.73 -6.22
CA LEU A 66 6.55 3.91 -5.37
C LEU A 66 7.49 3.03 -6.19
N ALA A 67 7.68 3.39 -7.46
CA ALA A 67 8.56 2.63 -8.33
C ALA A 67 9.96 3.22 -8.35
N GLY A 68 10.81 2.74 -7.46
CA GLY A 68 12.17 3.24 -7.38
C GLY A 68 12.46 3.94 -6.06
N LYS A 69 11.49 3.91 -5.15
CA LYS A 69 11.66 4.56 -3.85
C LYS A 69 12.34 3.61 -2.86
N SER A 70 11.54 2.91 -2.05
CA SER A 70 12.07 1.97 -1.06
C SER A 70 10.98 1.57 -0.08
N GLN A 71 11.23 0.52 0.69
CA GLN A 71 10.28 0.04 1.68
C GLN A 71 10.18 1.04 2.81
N GLU A 72 11.31 1.38 3.40
CA GLU A 72 11.35 2.35 4.48
C GLU A 72 10.87 3.70 3.97
N GLU A 73 11.10 3.96 2.68
CA GLU A 73 10.68 5.21 2.08
C GLU A 73 9.16 5.21 1.93
N VAL A 74 8.65 4.15 1.31
CA VAL A 74 7.21 4.00 1.11
C VAL A 74 6.49 4.01 2.46
N VAL A 75 7.04 3.29 3.42
CA VAL A 75 6.47 3.23 4.76
C VAL A 75 6.50 4.61 5.38
N SER A 76 7.53 5.39 5.04
CA SER A 76 7.68 6.73 5.56
C SER A 76 6.55 7.62 5.04
N LEU A 77 6.11 7.36 3.82
CA LEU A 77 5.02 8.12 3.23
C LEU A 77 3.74 7.91 4.02
N LEU A 78 3.40 6.64 4.23
CA LEU A 78 2.20 6.28 4.98
C LEU A 78 2.35 6.73 6.43
N ARG A 79 3.53 6.48 6.98
CA ARG A 79 3.83 6.86 8.36
C ARG A 79 3.84 8.38 8.52
N SER A 80 4.23 9.07 7.45
CA SER A 80 4.29 10.53 7.46
C SER A 80 2.90 11.13 7.68
N THR A 81 1.89 10.53 7.07
CA THR A 81 0.52 11.01 7.21
C THR A 81 0.12 11.04 8.68
N LYS A 82 -0.46 12.17 9.11
CA LYS A 82 -0.88 12.34 10.49
C LYS A 82 -2.39 12.18 10.62
N MET A 83 -2.90 12.45 11.82
CA MET A 83 -4.33 12.35 12.09
C MET A 83 -5.13 13.22 11.13
N GLU A 84 -6.35 12.79 10.81
CA GLU A 84 -7.20 13.53 9.89
C GLU A 84 -6.48 13.76 8.55
N GLY A 85 -6.46 12.71 7.73
CA GLY A 85 -5.80 12.79 6.45
C GLY A 85 -6.01 11.54 5.62
N THR A 86 -6.90 11.64 4.64
CA THR A 86 -7.20 10.51 3.77
C THR A 86 -6.03 10.22 2.84
N VAL A 87 -5.39 9.09 3.04
CA VAL A 87 -4.24 8.70 2.22
C VAL A 87 -4.68 7.80 1.07
N SER A 88 -4.56 8.29 -0.16
CA SER A 88 -4.95 7.53 -1.33
C SER A 88 -3.81 6.62 -1.78
N LEU A 89 -3.94 5.33 -1.49
CA LEU A 89 -2.91 4.37 -1.85
C LEU A 89 -3.33 3.54 -3.06
N LEU A 90 -2.57 3.65 -4.14
CA LEU A 90 -2.86 2.90 -5.35
C LEU A 90 -2.34 1.47 -5.22
N VAL A 91 -3.21 0.51 -5.47
CA VAL A 91 -2.83 -0.90 -5.37
C VAL A 91 -3.06 -1.64 -6.69
N PHE A 92 -2.62 -2.88 -6.74
CA PHE A 92 -2.78 -3.70 -7.94
C PHE A 92 -3.29 -5.10 -7.57
N ARG A 93 -4.35 -5.54 -8.23
CA ARG A 93 -4.93 -6.85 -7.98
C ARG A 93 -4.83 -7.73 -9.22
N GLN A 94 -4.07 -8.81 -9.11
CA GLN A 94 -3.89 -9.75 -10.21
C GLN A 94 -5.07 -10.72 -10.31
N GLU A 95 -5.51 -10.98 -11.53
CA GLU A 95 -6.63 -11.90 -11.75
C GLU A 95 -6.15 -13.34 -11.84
N GLU A 96 -6.99 -14.26 -11.35
CA GLU A 96 -6.65 -15.68 -11.37
C GLU A 96 -6.61 -16.21 -12.80
N ALA A 97 -7.36 -15.57 -13.68
CA ALA A 97 -7.42 -15.98 -15.09
C ALA A 97 -8.05 -17.37 -15.23
#